data_4MO5
#
_entry.id   4MO5
#
_cell.length_a   59.299
_cell.length_b   70.407
_cell.length_c   90.968
_cell.angle_alpha   106.43
_cell.angle_beta   104.43
_cell.angle_gamma   98.25
#
_symmetry.space_group_name_H-M   'P 1'
#
loop_
_entity.id
_entity.type
_entity.pdbx_description
1 polymer 'Anhydro-N-acetylmuramic acid kinase'
2 non-polymer '2-(2-ACETYLAMINO-4-HYDROXY-6,8-DIOXA-BICYCLO[3.2.1]OCT-3-YLOXY)-PROPIONIC ACID'
3 non-polymer 'PHOSPHOMETHYLPHOSPHONIC ACID ADENYLATE ESTER'
4 non-polymer 'MAGNESIUM ION'
5 water water
#
_entity_poly.entity_id   1
_entity_poly.type   'polypeptide(L)'
_entity_poly.pdbx_seq_one_letter_code
;MPRYLGLMSGTSLDGMDIVLIEQGDRTTLLASHYLPMPAGLREDILALCVPGPDEIARAAEVEQRWVALAAQGVRELLLQ
QQMSPDEVRAIGSHGQTIRHEPARHFTVQIGNPALLAELTGIDVVADFRRRDVAAGGQGAPLVPAFHQALFGDDDTSRAV
LNIGGFSNVSLLSPGKPVRGFDCGPGNVLMDAWIHHQRGEHFDRDGAWAASGQVNHALLASLLADEFFAARGPKSTGRER
FNLPWLQEHLARHPALPAADIQATLLELSARSISESLLDAQPDCEEVLVCGGGAFNTALMKRLAMLMPEARVASTDEYGI
PPAWMEGMAFAWLAHRFLERLPGNCPDVTGALGPRTLGALYPAGSHHHHHH
;
_entity_poly.pdbx_strand_id   A,B,C,D
#
loop_
_chem_comp.id
_chem_comp.type
_chem_comp.name
_chem_comp.formula
ACP non-polymer 'PHOSPHOMETHYLPHOSPHONIC ACID ADENYLATE ESTER' 'C11 H18 N5 O12 P3'
AH0 non-polymer '2-(2-ACETYLAMINO-4-HYDROXY-6,8-DIOXA-BICYCLO[3.2.1]OCT-3-YLOXY)-PROPIONIC ACID' 'C11 H17 N O7'
MG non-polymer 'MAGNESIUM ION' 'Mg 2'
#
# COMPACT_ATOMS: atom_id res chain seq x y z
N PRO A 2 -5.58 32.91 19.50
CA PRO A 2 -4.14 32.92 19.75
C PRO A 2 -3.44 33.76 18.70
N ARG A 3 -2.16 34.03 18.92
CA ARG A 3 -1.35 34.79 17.98
C ARG A 3 -0.44 33.87 17.20
N TYR A 4 -0.30 34.14 15.90
CA TYR A 4 0.59 33.32 15.06
C TYR A 4 1.46 34.19 14.17
N LEU A 5 2.68 33.73 13.95
CA LEU A 5 3.54 34.36 12.96
C LEU A 5 3.40 33.60 11.66
N GLY A 6 3.44 34.34 10.56
CA GLY A 6 3.44 33.76 9.23
C GLY A 6 4.69 34.20 8.51
N LEU A 7 5.31 33.27 7.79
CA LEU A 7 6.55 33.54 7.07
C LEU A 7 6.42 33.05 5.63
N MET A 8 6.58 33.96 4.67
CA MET A 8 6.48 33.60 3.26
C MET A 8 7.64 34.18 2.48
N SER A 9 8.21 33.36 1.60
CA SER A 9 9.22 33.86 0.69
C SER A 9 8.92 33.27 -0.67
N GLY A 10 8.40 34.11 -1.58
CA GLY A 10 7.96 33.64 -2.89
C GLY A 10 9.15 33.41 -3.81
N THR A 11 8.88 33.04 -5.05
CA THR A 11 9.96 32.65 -5.95
C THR A 11 10.71 33.83 -6.59
N SER A 12 10.23 35.05 -6.40
CA SER A 12 10.92 36.24 -6.94
C SER A 12 12.18 36.53 -6.12
N LEU A 13 12.18 36.06 -4.87
CA LEU A 13 13.36 36.10 -3.98
C LEU A 13 13.80 37.51 -3.59
N ASP A 14 12.89 38.50 -3.66
CA ASP A 14 13.27 39.83 -3.22
C ASP A 14 13.47 39.90 -1.69
N GLY A 15 12.58 39.24 -0.96
CA GLY A 15 12.64 39.28 0.48
C GLY A 15 11.59 38.40 1.12
N MET A 16 11.54 38.44 2.46
CA MET A 16 10.60 37.62 3.22
C MET A 16 9.48 38.48 3.77
N ASP A 17 8.24 38.00 3.63
CA ASP A 17 7.12 38.66 4.31
C ASP A 17 6.93 37.96 5.65
N ILE A 18 6.91 38.74 6.73
CA ILE A 18 6.63 38.19 8.06
C ILE A 18 5.45 38.93 8.69
N VAL A 19 4.40 38.19 9.07
CA VAL A 19 3.22 38.80 9.65
C VAL A 19 2.92 38.23 11.02
N LEU A 20 2.21 39.01 11.83
CA LEU A 20 1.73 38.58 13.13
C LEU A 20 0.21 38.72 13.11
N ILE A 21 -0.50 37.61 13.27
CA ILE A 21 -1.97 37.67 13.26
C ILE A 21 -2.53 37.34 14.63
N GLU A 22 -3.74 37.83 14.88
CA GLU A 22 -4.54 37.38 16.01
C GLU A 22 -5.68 36.55 15.42
N GLN A 23 -5.81 35.31 15.87
CA GLN A 23 -6.85 34.45 15.34
C GLN A 23 -7.85 34.07 16.43
N GLY A 24 -9.10 34.45 16.24
CA GLY A 24 -10.18 34.02 17.11
C GLY A 24 -11.35 33.62 16.22
N ASP A 25 -12.48 34.30 16.39
CA ASP A 25 -13.60 34.15 15.47
C ASP A 25 -13.21 34.68 14.09
N ARG A 26 -12.33 35.68 14.09
CA ARG A 26 -11.84 36.26 12.85
C ARG A 26 -10.32 36.29 12.81
N THR A 27 -9.77 36.60 11.64
CA THR A 27 -8.34 36.69 11.44
C THR A 27 -8.01 38.17 11.30
N THR A 28 -7.12 38.68 12.15
CA THR A 28 -6.77 40.09 12.09
C THR A 28 -5.26 40.25 12.02
N LEU A 29 -4.80 41.24 11.25
CA LEU A 29 -3.36 41.51 11.19
C LEU A 29 -2.95 42.46 12.30
N LEU A 30 -2.03 42.01 13.15
CA LEU A 30 -1.51 42.82 14.26
C LEU A 30 -0.31 43.65 13.80
N ALA A 31 0.54 43.04 12.99
CA ALA A 31 1.79 43.68 12.58
C ALA A 31 2.36 42.97 11.36
N SER A 32 3.20 43.67 10.60
CA SER A 32 3.86 43.05 9.47
C SER A 32 5.27 43.61 9.30
N HIS A 33 6.13 42.82 8.67
CA HIS A 33 7.53 43.20 8.52
C HIS A 33 8.06 42.59 7.23
N TYR A 34 8.86 43.36 6.49
CA TYR A 34 9.47 42.86 5.27
C TYR A 34 10.99 42.88 5.42
N LEU A 35 11.63 41.75 5.11
CA LEU A 35 13.07 41.62 5.24
C LEU A 35 13.66 41.26 3.88
N PRO A 36 14.39 42.20 3.27
CA PRO A 36 15.00 41.85 1.97
C PRO A 36 16.03 40.75 2.09
N MET A 37 16.14 39.97 1.01
CA MET A 37 17.09 38.86 0.96
C MET A 37 18.37 39.37 0.30
N PRO A 38 19.53 39.06 0.91
CA PRO A 38 20.81 39.50 0.35
C PRO A 38 21.02 38.89 -1.03
N ALA A 39 21.67 39.63 -1.94
CA ALA A 39 21.92 39.12 -3.29
C ALA A 39 22.57 37.74 -3.29
N GLY A 40 23.54 37.52 -2.39
CA GLY A 40 24.24 36.25 -2.32
C GLY A 40 23.33 35.07 -2.03
N LEU A 41 22.39 35.27 -1.12
CA LEU A 41 21.43 34.22 -0.81
C LEU A 41 20.47 33.98 -1.98
N ARG A 42 19.94 35.05 -2.57
CA ARG A 42 19.07 34.91 -3.75
C ARG A 42 19.75 34.14 -4.88
N GLU A 43 21.00 34.48 -5.13
CA GLU A 43 21.76 33.85 -6.22
C GLU A 43 21.91 32.35 -5.97
N ASP A 44 22.26 31.98 -4.73
CA ASP A 44 22.46 30.57 -4.42
C ASP A 44 21.17 29.76 -4.48
N ILE A 45 20.04 30.40 -4.17
CA ILE A 45 18.74 29.72 -4.25
C ILE A 45 18.33 29.51 -5.71
N LEU A 46 18.52 30.54 -6.54
CA LEU A 46 18.23 30.42 -7.97
C LEU A 46 19.00 29.25 -8.58
N ALA A 47 20.24 29.08 -8.15
CA ALA A 47 21.08 28.00 -8.64
C ALA A 47 20.61 26.61 -8.24
N LEU A 48 19.74 26.53 -7.22
CA LEU A 48 19.18 25.26 -6.76
C LEU A 48 17.80 24.99 -7.38
N CYS A 49 17.31 25.92 -8.18
CA CYS A 49 15.98 25.78 -8.77
C CYS A 49 15.97 25.00 -10.07
N VAL A 50 17.16 24.67 -10.56
CA VAL A 50 17.33 23.75 -11.69
C VAL A 50 18.33 22.66 -11.30
N PRO A 51 18.23 21.48 -11.94
CA PRO A 51 19.17 20.40 -11.62
C PRO A 51 20.64 20.81 -11.78
N GLY A 52 21.47 20.38 -10.83
CA GLY A 52 22.90 20.67 -10.83
C GLY A 52 23.61 19.75 -9.86
N PRO A 53 24.93 19.92 -9.69
CA PRO A 53 25.73 19.01 -8.87
C PRO A 53 25.63 19.29 -7.37
N ASP A 54 25.96 18.29 -6.53
CA ASP A 54 26.15 18.49 -5.09
C ASP A 54 24.95 19.18 -4.42
N GLU A 55 23.74 18.84 -4.85
CA GLU A 55 22.54 19.52 -4.39
C GLU A 55 22.20 19.32 -2.91
N ILE A 56 22.41 18.12 -2.40
CA ILE A 56 22.09 17.82 -1.01
C ILE A 56 22.88 18.73 -0.07
N ALA A 57 24.19 18.77 -0.26
CA ALA A 57 25.05 19.58 0.59
C ALA A 57 24.82 21.08 0.33
N ARG A 58 24.64 21.47 -0.93
CA ARG A 58 24.42 22.89 -1.24
C ARG A 58 23.12 23.41 -0.62
N ALA A 59 22.05 22.61 -0.72
CA ALA A 59 20.75 23.00 -0.18
C ALA A 59 20.80 23.09 1.34
N ALA A 60 21.52 22.15 1.96
CA ALA A 60 21.69 22.14 3.41
C ALA A 60 22.34 23.44 3.90
N GLU A 61 23.41 23.85 3.24
CA GLU A 61 24.11 25.06 3.66
C GLU A 61 23.34 26.34 3.31
N VAL A 62 22.63 26.33 2.19
CA VAL A 62 21.82 27.48 1.79
C VAL A 62 20.66 27.65 2.76
N GLU A 63 20.04 26.54 3.19
CA GLU A 63 18.86 26.68 4.03
C GLU A 63 19.22 27.17 5.44
N GLN A 64 20.45 26.90 5.88
CA GLN A 64 20.94 27.43 7.14
C GLN A 64 20.96 28.95 7.15
N ARG A 65 21.44 29.54 6.05
CA ARG A 65 21.41 30.99 5.88
C ARG A 65 19.98 31.51 5.80
N TRP A 66 19.12 30.80 5.07
CA TRP A 66 17.73 31.22 4.91
C TRP A 66 17.05 31.26 6.28
N VAL A 67 17.31 30.26 7.10
CA VAL A 67 16.66 30.17 8.40
C VAL A 67 17.18 31.26 9.35
N ALA A 68 18.48 31.51 9.30
CA ALA A 68 19.07 32.57 10.15
C ALA A 68 18.41 33.90 9.83
N LEU A 69 18.13 34.14 8.55
CA LEU A 69 17.47 35.37 8.12
C LEU A 69 16.03 35.44 8.64
N ALA A 70 15.30 34.33 8.47
CA ALA A 70 13.93 34.24 8.92
C ALA A 70 13.83 34.48 10.42
N ALA A 71 14.76 33.90 11.17
CA ALA A 71 14.75 34.07 12.62
C ALA A 71 14.97 35.54 13.01
N GLN A 72 15.83 36.20 12.25
CA GLN A 72 16.11 37.62 12.46
C GLN A 72 14.86 38.45 12.21
N GLY A 73 14.14 38.13 11.14
CA GLY A 73 12.91 38.80 10.79
C GLY A 73 11.86 38.63 11.87
N VAL A 74 11.76 37.41 12.37
CA VAL A 74 10.86 37.11 13.48
C VAL A 74 11.21 37.93 14.72
N ARG A 75 12.49 37.94 15.10
CA ARG A 75 12.91 38.65 16.30
C ARG A 75 12.65 40.14 16.13
N GLU A 76 12.92 40.66 14.93
CA GLU A 76 12.71 42.08 14.65
C GLU A 76 11.23 42.48 14.73
N LEU A 77 10.34 41.68 14.17
CA LEU A 77 8.92 42.02 14.23
C LEU A 77 8.47 42.05 15.68
N LEU A 78 8.88 41.05 16.46
CA LEU A 78 8.45 40.98 17.86
C LEU A 78 9.00 42.16 18.66
N LEU A 79 10.24 42.53 18.38
CA LEU A 79 10.87 43.69 18.99
C LEU A 79 10.07 44.94 18.69
N GLN A 80 9.66 45.07 17.43
CA GLN A 80 8.91 46.24 16.99
C GLN A 80 7.62 46.37 17.75
N GLN A 81 7.04 45.23 18.11
CA GLN A 81 5.79 45.18 18.83
C GLN A 81 5.95 45.08 20.34
N GLN A 82 7.20 45.07 20.81
CA GLN A 82 7.50 44.90 22.24
C GLN A 82 6.83 43.66 22.81
N MET A 83 6.87 42.58 22.03
CA MET A 83 6.15 41.35 22.33
C MET A 83 7.11 40.18 22.57
N SER A 84 6.89 39.46 23.67
CA SER A 84 7.72 38.28 23.97
C SER A 84 7.32 37.17 23.02
N PRO A 85 8.28 36.33 22.61
CA PRO A 85 7.96 35.17 21.76
C PRO A 85 7.00 34.22 22.48
N ASP A 86 6.99 34.27 23.81
CA ASP A 86 6.07 33.45 24.59
C ASP A 86 4.60 33.75 24.29
N GLU A 87 4.30 34.95 23.79
CA GLU A 87 2.93 35.33 23.43
C GLU A 87 2.47 34.75 22.09
N VAL A 88 3.38 34.12 21.36
CA VAL A 88 3.09 33.59 20.02
C VAL A 88 2.91 32.08 20.07
N ARG A 89 1.78 31.57 19.58
CA ARG A 89 1.56 30.11 19.66
C ARG A 89 2.49 29.32 18.73
N ALA A 90 2.64 29.82 17.50
CA ALA A 90 3.46 29.16 16.50
C ALA A 90 3.81 30.06 15.32
N ILE A 91 4.88 29.69 14.61
CA ILE A 91 5.19 30.27 13.32
C ILE A 91 4.74 29.29 12.23
N GLY A 92 4.02 29.77 11.24
CA GLY A 92 3.73 29.00 10.03
C GLY A 92 4.70 29.41 8.96
N SER A 93 5.63 28.52 8.62
CA SER A 93 6.70 28.86 7.66
C SER A 93 6.50 28.11 6.36
N HIS A 94 6.36 28.86 5.27
CA HIS A 94 6.31 28.22 3.96
C HIS A 94 7.62 27.54 3.58
N GLY A 95 8.74 28.14 3.97
CA GLY A 95 10.02 27.68 3.48
C GLY A 95 10.28 28.33 2.13
N GLN A 96 11.20 27.75 1.36
CA GLN A 96 11.60 28.30 0.07
C GLN A 96 11.53 27.21 -0.97
N THR A 97 10.70 27.37 -1.98
CA THR A 97 10.57 26.32 -3.01
C THR A 97 11.77 26.31 -3.94
N ILE A 98 12.47 25.18 -3.99
CA ILE A 98 13.57 25.02 -4.94
C ILE A 98 13.27 24.01 -6.05
N ARG A 99 12.25 23.18 -5.86
CA ARG A 99 11.82 22.32 -6.94
C ARG A 99 10.36 21.95 -6.71
N HIS A 100 9.56 21.99 -7.77
CA HIS A 100 8.15 21.66 -7.63
C HIS A 100 7.72 20.86 -8.84
N GLU A 101 7.54 19.55 -8.64
CA GLU A 101 7.17 18.66 -9.74
C GLU A 101 6.09 17.64 -9.34
N PRO A 102 4.85 18.12 -9.17
CA PRO A 102 3.71 17.25 -8.84
C PRO A 102 3.53 16.10 -9.82
N ALA A 103 3.91 16.29 -11.08
CA ALA A 103 3.81 15.22 -12.08
C ALA A 103 4.68 14.02 -11.70
N ARG A 104 5.76 14.28 -10.96
CA ARG A 104 6.60 13.22 -10.44
C ARG A 104 6.37 13.07 -8.95
N HIS A 105 5.28 13.66 -8.47
CA HIS A 105 4.83 13.49 -7.09
C HIS A 105 5.82 14.00 -6.06
N PHE A 106 6.50 15.10 -6.35
CA PHE A 106 7.34 15.70 -5.33
C PHE A 106 7.34 17.22 -5.34
N THR A 107 7.54 17.80 -4.18
CA THR A 107 7.70 19.24 -4.07
C THR A 107 8.73 19.48 -2.96
N VAL A 108 9.61 20.45 -3.19
CA VAL A 108 10.72 20.65 -2.26
C VAL A 108 10.79 22.09 -1.77
N GLN A 109 10.47 22.29 -0.50
CA GLN A 109 10.66 23.59 0.16
C GLN A 109 11.75 23.42 1.21
N ILE A 110 12.76 24.25 1.16
CA ILE A 110 13.81 24.14 2.17
C ILE A 110 13.55 25.18 3.24
N GLY A 111 14.27 25.10 4.35
CA GLY A 111 14.11 26.06 5.42
C GLY A 111 14.13 25.42 6.80
N ASN A 112 14.96 24.39 6.98
CA ASN A 112 15.21 23.68 8.25
C ASN A 112 14.41 24.17 9.44
N PRO A 113 13.20 23.65 9.58
CA PRO A 113 12.31 24.13 10.64
C PRO A 113 12.82 23.83 12.04
N ALA A 114 13.60 22.76 12.22
CA ALA A 114 14.13 22.47 13.55
C ALA A 114 15.10 23.56 13.99
N LEU A 115 15.92 24.01 13.05
CA LEU A 115 16.80 25.14 13.31
C LEU A 115 15.99 26.43 13.55
N LEU A 116 14.89 26.63 12.81
CA LEU A 116 14.04 27.81 13.02
C LEU A 116 13.45 27.84 14.42
N ALA A 117 12.98 26.67 14.89
CA ALA A 117 12.52 26.54 16.27
C ALA A 117 13.61 26.78 17.30
N GLU A 118 14.82 26.27 17.04
CA GLU A 118 15.96 26.48 17.93
C GLU A 118 16.27 27.95 18.08
N LEU A 119 16.24 28.69 16.97
CA LEU A 119 16.68 30.09 17.02
C LEU A 119 15.62 31.05 17.57
N THR A 120 14.35 30.76 17.26
CA THR A 120 13.25 31.66 17.63
C THR A 120 12.68 31.38 19.01
N GLY A 121 12.75 30.13 19.45
CA GLY A 121 12.11 29.75 20.69
C GLY A 121 10.60 29.63 20.56
N ILE A 122 10.12 29.49 19.32
CA ILE A 122 8.69 29.38 19.03
C ILE A 122 8.43 28.09 18.25
N ASP A 123 7.36 27.37 18.59
CA ASP A 123 6.96 26.21 17.80
C ASP A 123 6.86 26.59 16.33
N VAL A 124 7.27 25.68 15.44
CA VAL A 124 7.19 25.97 14.00
C VAL A 124 6.34 24.94 13.29
N VAL A 125 5.37 25.39 12.49
CA VAL A 125 4.67 24.48 11.58
C VAL A 125 5.17 24.78 10.16
N ALA A 126 5.63 23.77 9.44
CA ALA A 126 6.22 23.99 8.12
C ALA A 126 5.91 22.85 7.16
N ASP A 127 6.48 22.90 5.97
CA ASP A 127 6.37 21.81 4.98
C ASP A 127 4.91 21.50 4.62
N PHE A 128 4.18 22.56 4.26
CA PHE A 128 2.73 22.49 4.07
C PHE A 128 2.26 21.76 2.80
N ARG A 129 3.07 21.81 1.75
CA ARG A 129 2.67 21.28 0.45
C ARG A 129 2.78 19.77 0.35
N ARG A 130 3.67 19.17 1.13
CA ARG A 130 3.92 17.74 0.95
C ARG A 130 2.76 16.79 1.20
N ARG A 131 1.94 17.03 2.21
CA ARG A 131 0.83 16.08 2.41
C ARG A 131 -0.18 16.20 1.27
N ASP A 132 -0.36 17.41 0.74
CA ASP A 132 -1.30 17.53 -0.39
C ASP A 132 -0.79 16.72 -1.58
N VAL A 133 0.50 16.81 -1.85
CA VAL A 133 1.08 16.04 -2.95
C VAL A 133 0.98 14.53 -2.68
N ALA A 134 1.24 14.13 -1.44
CA ALA A 134 1.16 12.71 -1.07
C ALA A 134 -0.25 12.14 -1.26
N ALA A 135 -1.23 13.04 -1.21
CA ALA A 135 -2.63 12.65 -1.41
C ALA A 135 -3.07 12.86 -2.86
N GLY A 136 -2.10 13.00 -3.76
CA GLY A 136 -2.39 13.04 -5.19
C GLY A 136 -2.68 14.43 -5.75
N GLY A 137 -2.45 15.47 -4.94
CA GLY A 137 -2.71 16.83 -5.38
C GLY A 137 -1.48 17.51 -5.95
N GLN A 138 -1.68 18.73 -6.44
CA GLN A 138 -0.59 19.53 -6.99
C GLN A 138 0.28 20.21 -5.95
N GLY A 139 -0.18 20.25 -4.70
CA GLY A 139 0.57 20.89 -3.63
C GLY A 139 0.44 22.41 -3.68
N ALA A 140 -0.40 22.88 -4.58
CA ALA A 140 -0.56 24.32 -4.84
C ALA A 140 -1.77 24.52 -5.74
N PRO A 141 -2.40 25.71 -5.63
CA PRO A 141 -2.11 26.78 -4.68
C PRO A 141 -2.77 26.50 -3.34
N LEU A 142 -2.17 26.98 -2.26
CA LEU A 142 -2.69 26.75 -0.92
C LEU A 142 -3.58 27.89 -0.42
N VAL A 143 -3.30 29.10 -0.88
CA VAL A 143 -4.03 30.27 -0.39
C VAL A 143 -5.58 30.19 -0.53
N PRO A 144 -6.11 29.51 -1.58
CA PRO A 144 -7.58 29.45 -1.60
C PRO A 144 -8.25 28.79 -0.39
N ALA A 145 -7.54 27.92 0.33
CA ALA A 145 -8.13 27.35 1.53
C ALA A 145 -8.38 28.46 2.55
N PHE A 146 -7.45 29.41 2.63
CA PHE A 146 -7.59 30.60 3.46
C PHE A 146 -8.75 31.48 2.98
N HIS A 147 -8.85 31.68 1.66
CA HIS A 147 -9.96 32.46 1.12
C HIS A 147 -11.29 31.86 1.53
N GLN A 148 -11.37 30.53 1.43
CA GLN A 148 -12.61 29.82 1.73
C GLN A 148 -12.95 29.99 3.21
N ALA A 149 -11.95 29.81 4.07
CA ALA A 149 -12.18 29.94 5.51
C ALA A 149 -12.61 31.36 5.86
N LEU A 150 -12.02 32.34 5.19
CA LEU A 150 -12.30 33.75 5.47
C LEU A 150 -13.70 34.16 5.02
N PHE A 151 -14.13 33.63 3.88
CA PHE A 151 -15.24 34.24 3.16
C PHE A 151 -16.30 33.26 2.68
N GLY A 152 -16.05 31.98 2.85
CA GLY A 152 -16.97 30.94 2.41
C GLY A 152 -18.14 30.72 3.37
N ASP A 153 -19.28 30.37 2.79
CA ASP A 153 -20.46 29.90 3.52
C ASP A 153 -21.43 29.29 2.51
N ASP A 154 -22.17 28.28 2.92
CA ASP A 154 -23.04 27.56 1.99
C ASP A 154 -24.31 28.33 1.63
N ASP A 155 -24.19 29.64 1.36
CA ASP A 155 -25.38 30.45 1.08
C ASP A 155 -25.20 31.74 0.26
N THR A 156 -23.97 32.24 0.13
CA THR A 156 -23.72 33.39 -0.78
C THR A 156 -22.67 33.10 -1.87
N SER A 157 -22.93 33.54 -3.09
CA SER A 157 -21.99 33.34 -4.20
C SER A 157 -20.94 34.45 -4.23
N ARG A 158 -19.69 34.11 -3.90
CA ARG A 158 -18.61 35.10 -3.82
C ARG A 158 -17.35 34.72 -4.60
N ALA A 159 -16.56 35.74 -4.96
CA ALA A 159 -15.28 35.49 -5.60
C ALA A 159 -14.18 36.28 -4.93
N VAL A 160 -13.05 35.63 -4.69
CA VAL A 160 -11.89 36.33 -4.19
C VAL A 160 -10.89 36.49 -5.32
N LEU A 161 -10.69 37.74 -5.73
CA LEU A 161 -9.85 38.04 -6.89
C LEU A 161 -8.50 38.61 -6.43
N ASN A 162 -7.43 37.90 -6.73
CA ASN A 162 -6.09 38.41 -6.45
C ASN A 162 -5.53 39.02 -7.71
N ILE A 163 -5.20 40.31 -7.65
CA ILE A 163 -4.56 41.02 -8.75
C ILE A 163 -3.09 41.32 -8.40
N GLY A 164 -2.20 40.48 -8.93
CA GLY A 164 -0.77 40.72 -8.83
C GLY A 164 -0.30 41.15 -10.20
N GLY A 165 0.85 40.65 -10.65
CA GLY A 165 1.27 40.85 -12.02
C GLY A 165 0.19 40.24 -12.90
N PHE A 166 -0.28 39.07 -12.49
CA PHE A 166 -1.40 38.42 -13.16
C PHE A 166 -2.57 38.24 -12.21
N SER A 167 -3.66 37.64 -12.69
CA SER A 167 -4.91 37.56 -11.95
C SER A 167 -5.36 36.12 -11.72
N ASN A 168 -5.79 35.83 -10.49
CA ASN A 168 -6.39 34.54 -10.17
C ASN A 168 -7.57 34.76 -9.23
N VAL A 169 -8.49 33.81 -9.23
CA VAL A 169 -9.72 33.98 -8.48
C VAL A 169 -10.11 32.69 -7.78
N SER A 170 -10.59 32.81 -6.55
CA SER A 170 -11.15 31.69 -5.82
C SER A 170 -12.66 31.85 -5.85
N LEU A 171 -13.35 30.84 -6.36
CA LEU A 171 -14.81 30.88 -6.43
C LEU A 171 -15.41 30.21 -5.22
N LEU A 172 -16.18 30.97 -4.46
CA LEU A 172 -16.87 30.45 -3.29
C LEU A 172 -18.35 30.35 -3.62
N SER A 173 -18.80 29.13 -3.92
CA SER A 173 -20.18 28.90 -4.27
C SER A 173 -20.87 28.13 -3.14
N PRO A 174 -22.13 28.47 -2.87
CA PRO A 174 -22.86 27.92 -1.71
C PRO A 174 -22.83 26.40 -1.66
N GLY A 175 -22.20 25.85 -0.62
CA GLY A 175 -22.14 24.41 -0.42
C GLY A 175 -20.88 23.73 -0.94
N LYS A 176 -20.38 24.22 -2.07
CA LYS A 176 -19.27 23.58 -2.77
C LYS A 176 -17.92 23.87 -2.15
N PRO A 177 -16.97 22.93 -2.33
CA PRO A 177 -15.57 23.23 -2.02
C PRO A 177 -15.11 24.40 -2.88
N VAL A 178 -14.08 25.13 -2.43
CA VAL A 178 -13.56 26.23 -3.22
C VAL A 178 -12.99 25.72 -4.55
N ARG A 179 -13.26 26.48 -5.62
CA ARG A 179 -12.61 26.23 -6.91
C ARG A 179 -11.79 27.46 -7.31
N GLY A 180 -10.88 27.30 -8.25
CA GLY A 180 -10.01 28.41 -8.62
C GLY A 180 -9.51 28.36 -10.06
N PHE A 181 -9.13 29.52 -10.59
CA PHE A 181 -8.60 29.62 -11.95
C PHE A 181 -7.91 30.95 -12.25
N ASP A 182 -7.15 30.97 -13.34
CA ASP A 182 -6.48 32.17 -13.81
C ASP A 182 -7.39 33.02 -14.68
N CYS A 183 -7.34 34.35 -14.52
CA CYS A 183 -8.10 35.25 -15.38
C CYS A 183 -7.23 36.25 -16.12
N GLY A 184 -6.14 35.77 -16.70
CA GLY A 184 -5.28 36.60 -17.51
C GLY A 184 -4.42 37.60 -16.76
N PRO A 185 -4.19 38.77 -17.38
CA PRO A 185 -3.27 39.77 -16.83
C PRO A 185 -3.85 40.60 -15.69
N GLY A 186 -2.97 41.09 -14.83
CA GLY A 186 -3.34 41.96 -13.74
C GLY A 186 -2.64 43.30 -13.89
N ASN A 187 -1.57 43.51 -13.11
CA ASN A 187 -0.83 44.77 -13.15
C ASN A 187 0.34 44.76 -14.14
N VAL A 188 0.65 43.57 -14.67
CA VAL A 188 1.89 43.36 -15.42
C VAL A 188 2.17 44.38 -16.54
N LEU A 189 1.16 44.69 -17.35
CA LEU A 189 1.35 45.60 -18.48
C LEU A 189 1.37 47.07 -18.06
N MET A 190 0.46 47.43 -17.16
CA MET A 190 0.41 48.79 -16.64
C MET A 190 1.73 49.16 -15.94
N ASP A 191 2.35 48.19 -15.30
CA ASP A 191 3.66 48.37 -14.68
C ASP A 191 4.74 48.47 -15.74
N ALA A 192 4.71 47.56 -16.71
CA ALA A 192 5.70 47.54 -17.79
C ALA A 192 5.74 48.87 -18.53
N TRP A 193 4.56 49.37 -18.90
CA TRP A 193 4.44 50.57 -19.72
C TRP A 193 4.84 51.86 -18.99
N ILE A 194 4.34 52.04 -17.78
CA ILE A 194 4.68 53.22 -17.00
C ILE A 194 6.16 53.21 -16.55
N HIS A 195 6.73 52.02 -16.42
CA HIS A 195 8.17 51.94 -16.21
C HIS A 195 8.90 52.47 -17.44
N HIS A 196 8.60 51.87 -18.59
CA HIS A 196 9.27 52.24 -19.83
C HIS A 196 9.07 53.71 -20.18
N GLN A 197 7.91 54.25 -19.85
CA GLN A 197 7.56 55.60 -20.26
C GLN A 197 8.00 56.70 -19.31
N ARG A 198 7.96 56.44 -18.00
CA ARG A 198 8.34 57.45 -17.01
C ARG A 198 9.19 56.91 -15.84
N GLY A 199 9.69 55.68 -15.96
CA GLY A 199 10.59 55.14 -14.97
C GLY A 199 9.97 54.84 -13.63
N GLU A 200 8.64 54.82 -13.58
CA GLU A 200 7.92 54.48 -12.36
C GLU A 200 7.66 52.97 -12.29
N HIS A 201 7.76 52.42 -11.09
CA HIS A 201 7.56 50.98 -10.90
C HIS A 201 6.12 50.57 -11.21
N PHE A 202 5.19 51.47 -10.88
CA PHE A 202 3.78 51.23 -11.16
C PHE A 202 3.00 52.54 -11.23
N ASP A 203 1.73 52.44 -11.63
CA ASP A 203 0.87 53.62 -11.77
C ASP A 203 0.07 53.82 -10.50
N ARG A 204 0.57 54.69 -9.62
CA ARG A 204 -0.05 54.86 -8.30
C ARG A 204 -1.51 55.29 -8.41
N ASP A 205 -2.38 54.53 -7.74
CA ASP A 205 -3.83 54.77 -7.74
C ASP A 205 -4.44 54.68 -9.14
N GLY A 206 -3.63 54.28 -10.12
CA GLY A 206 -4.08 54.22 -11.51
C GLY A 206 -4.39 55.59 -12.08
N ALA A 207 -3.87 56.63 -11.44
CA ALA A 207 -4.20 58.00 -11.80
C ALA A 207 -3.67 58.44 -13.17
N TRP A 208 -2.56 57.84 -13.60
CA TRP A 208 -2.06 58.09 -14.95
C TRP A 208 -3.08 57.54 -15.95
N ALA A 209 -3.47 56.29 -15.76
CA ALA A 209 -4.49 55.64 -16.59
C ALA A 209 -5.82 56.40 -16.60
N ALA A 210 -6.19 56.94 -15.43
CA ALA A 210 -7.43 57.71 -15.30
C ALA A 210 -7.34 59.12 -15.89
N SER A 211 -6.12 59.58 -16.18
CA SER A 211 -5.95 60.89 -16.80
C SER A 211 -6.10 60.77 -18.32
N GLY A 212 -6.05 59.54 -18.82
CA GLY A 212 -6.16 59.29 -20.24
C GLY A 212 -7.53 58.78 -20.65
N GLN A 213 -7.72 58.55 -21.93
CA GLN A 213 -8.98 58.05 -22.48
C GLN A 213 -8.76 56.72 -23.19
N VAL A 214 -9.62 55.74 -22.92
CA VAL A 214 -9.49 54.44 -23.59
C VAL A 214 -9.60 54.63 -25.10
N ASN A 215 -8.56 54.26 -25.83
CA ASN A 215 -8.64 54.24 -27.28
C ASN A 215 -9.25 52.90 -27.68
N HIS A 216 -10.42 52.94 -28.31
CA HIS A 216 -11.21 51.73 -28.51
C HIS A 216 -10.67 50.83 -29.62
N ALA A 217 -9.94 51.41 -30.56
CA ALA A 217 -9.30 50.64 -31.62
C ALA A 217 -8.35 49.61 -31.00
N LEU A 218 -7.30 50.12 -30.36
CA LEU A 218 -6.31 49.31 -29.67
C LEU A 218 -6.90 48.23 -28.76
N LEU A 219 -7.86 48.63 -27.92
CA LEU A 219 -8.49 47.70 -26.99
C LEU A 219 -9.04 46.48 -27.71
N ALA A 220 -9.67 46.72 -28.85
CA ALA A 220 -10.21 45.63 -29.66
C ALA A 220 -9.09 44.77 -30.24
N SER A 221 -7.99 45.41 -30.64
CA SER A 221 -6.82 44.69 -31.12
C SER A 221 -6.29 43.75 -30.03
N LEU A 222 -5.87 44.35 -28.92
CA LEU A 222 -5.33 43.62 -27.78
C LEU A 222 -6.23 42.45 -27.35
N LEU A 223 -7.54 42.69 -27.35
CA LEU A 223 -8.50 41.67 -26.94
C LEU A 223 -8.69 40.55 -27.96
N ALA A 224 -8.22 40.77 -29.18
CA ALA A 224 -8.41 39.80 -30.26
C ALA A 224 -7.37 38.70 -30.23
N PHE A 241 2.31 37.98 -22.45
CA PHE A 241 2.15 39.42 -22.34
C PHE A 241 3.44 40.09 -21.88
N ASN A 242 4.15 40.70 -22.82
CA ASN A 242 5.41 41.36 -22.51
C ASN A 242 5.45 42.78 -23.05
N LEU A 243 6.44 43.55 -22.61
CA LEU A 243 6.64 44.91 -23.13
C LEU A 243 6.80 45.00 -24.66
N PRO A 244 7.63 44.12 -25.26
CA PRO A 244 7.74 44.23 -26.71
C PRO A 244 6.48 43.75 -27.43
N TRP A 245 5.63 43.02 -26.72
CA TRP A 245 4.36 42.57 -27.29
C TRP A 245 3.38 43.73 -27.39
N LEU A 246 3.43 44.64 -26.42
CA LEU A 246 2.64 45.86 -26.47
C LEU A 246 3.12 46.76 -27.61
N GLN A 247 4.43 46.78 -27.83
CA GLN A 247 5.05 47.66 -28.81
C GLN A 247 4.79 47.18 -30.24
N GLU A 248 4.53 45.89 -30.39
CA GLU A 248 4.08 45.37 -31.69
C GLU A 248 2.72 45.99 -32.03
N HIS A 249 1.81 45.94 -31.06
CA HIS A 249 0.45 46.45 -31.22
C HIS A 249 0.37 47.97 -31.41
N LEU A 250 1.21 48.70 -30.68
CA LEU A 250 1.13 50.16 -30.64
C LEU A 250 1.56 50.85 -31.94
N ALA A 251 2.45 50.22 -32.68
CA ALA A 251 2.95 50.78 -33.93
C ALA A 251 1.84 50.87 -34.97
N ARG A 252 0.98 49.86 -35.00
CA ARG A 252 -0.13 49.79 -35.95
C ARG A 252 -1.26 50.77 -35.62
N HIS A 253 -0.93 51.86 -34.94
CA HIS A 253 -1.91 52.86 -34.51
C HIS A 253 -1.28 54.24 -34.38
N ALA A 258 0.14 58.54 -24.85
CA ALA A 258 0.80 57.71 -23.86
C ALA A 258 -0.15 57.31 -22.74
N ALA A 259 -0.96 58.27 -22.29
CA ALA A 259 -1.91 58.03 -21.21
C ALA A 259 -3.16 57.30 -21.70
N ASP A 260 -3.49 57.48 -22.98
CA ASP A 260 -4.57 56.75 -23.63
C ASP A 260 -4.22 55.27 -23.66
N ILE A 261 -2.95 54.99 -23.91
CA ILE A 261 -2.42 53.63 -23.93
C ILE A 261 -2.55 52.96 -22.57
N GLN A 262 -2.16 53.68 -21.52
CA GLN A 262 -2.28 53.16 -20.16
C GLN A 262 -3.75 52.90 -19.83
N ALA A 263 -4.60 53.87 -20.16
CA ALA A 263 -6.04 53.71 -19.97
C ALA A 263 -6.56 52.47 -20.69
N THR A 264 -6.05 52.22 -21.88
CA THR A 264 -6.45 51.06 -22.68
C THR A 264 -5.91 49.75 -22.08
N LEU A 265 -4.74 49.82 -21.46
CA LEU A 265 -4.18 48.65 -20.76
C LEU A 265 -5.01 48.31 -19.52
N LEU A 266 -5.38 49.34 -18.76
CA LEU A 266 -6.28 49.17 -17.61
C LEU A 266 -7.56 48.46 -18.04
N GLU A 267 -8.20 48.98 -19.08
CA GLU A 267 -9.44 48.42 -19.58
C GLU A 267 -9.29 46.97 -20.03
N LEU A 268 -8.13 46.65 -20.61
CA LEU A 268 -7.80 45.27 -20.99
C LEU A 268 -7.93 44.30 -19.81
N SER A 269 -7.30 44.66 -18.70
CA SER A 269 -7.39 43.83 -17.50
C SER A 269 -8.82 43.83 -16.95
N ALA A 270 -9.46 44.99 -16.92
CA ALA A 270 -10.82 45.08 -16.38
C ALA A 270 -11.79 44.18 -17.15
N ARG A 271 -11.69 44.17 -18.47
CA ARG A 271 -12.59 43.40 -19.30
C ARG A 271 -12.31 41.90 -19.21
N SER A 272 -11.05 41.53 -19.30
CA SER A 272 -10.67 40.11 -19.28
C SER A 272 -11.00 39.47 -17.93
N ILE A 273 -10.75 40.20 -16.84
CA ILE A 273 -11.08 39.72 -15.51
C ILE A 273 -12.59 39.55 -15.33
N SER A 274 -13.35 40.61 -15.61
CA SER A 274 -14.80 40.58 -15.41
C SER A 274 -15.44 39.52 -16.29
N GLU A 275 -14.94 39.35 -17.50
CA GLU A 275 -15.52 38.39 -18.42
C GLU A 275 -15.27 36.95 -17.96
N SER A 276 -14.07 36.71 -17.41
CA SER A 276 -13.73 35.40 -16.85
C SER A 276 -14.60 35.08 -15.63
N LEU A 277 -14.70 36.03 -14.72
CA LEU A 277 -15.47 35.86 -13.49
C LEU A 277 -16.95 35.55 -13.77
N LEU A 278 -17.58 36.36 -14.61
CA LEU A 278 -19.01 36.21 -14.89
C LEU A 278 -19.37 34.95 -15.68
N ASP A 279 -18.44 34.47 -16.50
CA ASP A 279 -18.61 33.18 -17.16
C ASP A 279 -18.68 32.05 -16.13
N ALA A 280 -17.78 32.10 -15.16
CA ALA A 280 -17.63 31.05 -14.15
C ALA A 280 -18.73 31.12 -13.08
N GLN A 281 -18.99 32.31 -12.55
CA GLN A 281 -20.18 32.52 -11.71
C GLN A 281 -20.92 33.80 -12.04
N PRO A 282 -21.88 33.70 -12.96
CA PRO A 282 -22.75 34.82 -13.34
C PRO A 282 -23.52 35.34 -12.13
N ASP A 283 -23.79 34.45 -11.19
CA ASP A 283 -24.56 34.74 -9.99
C ASP A 283 -23.78 35.50 -8.91
N CYS A 284 -22.54 35.88 -9.22
CA CYS A 284 -21.65 36.48 -8.23
C CYS A 284 -22.27 37.67 -7.51
N GLU A 285 -22.30 37.61 -6.19
CA GLU A 285 -22.89 38.68 -5.42
C GLU A 285 -21.81 39.64 -4.95
N GLU A 286 -20.60 39.12 -4.76
CA GLU A 286 -19.52 39.93 -4.22
C GLU A 286 -18.15 39.49 -4.73
N VAL A 287 -17.34 40.47 -5.12
CA VAL A 287 -15.97 40.21 -5.56
C VAL A 287 -15.04 40.90 -4.56
N LEU A 288 -14.24 40.12 -3.85
CA LEU A 288 -13.33 40.67 -2.86
C LEU A 288 -11.93 40.68 -3.44
N VAL A 289 -11.32 41.86 -3.51
CA VAL A 289 -10.07 42.01 -4.25
C VAL A 289 -8.87 42.13 -3.32
N CYS A 290 -7.87 41.29 -3.57
CA CYS A 290 -6.61 41.40 -2.84
C CYS A 290 -5.44 41.48 -3.81
N GLY A 291 -4.23 41.51 -3.26
CA GLY A 291 -3.06 41.75 -4.08
C GLY A 291 -2.93 43.25 -4.27
N GLY A 292 -1.82 43.68 -4.86
CA GLY A 292 -1.53 45.09 -4.99
C GLY A 292 -2.46 45.82 -5.94
N GLY A 293 -3.17 45.08 -6.79
CA GLY A 293 -4.12 45.68 -7.70
C GLY A 293 -5.32 46.25 -6.95
N ALA A 294 -5.54 45.76 -5.73
CA ALA A 294 -6.61 46.27 -4.88
C ALA A 294 -6.43 47.77 -4.60
N PHE A 295 -5.19 48.23 -4.68
CA PHE A 295 -4.85 49.62 -4.43
C PHE A 295 -4.98 50.48 -5.67
N ASN A 296 -5.14 49.85 -6.83
CA ASN A 296 -5.37 50.61 -8.05
C ASN A 296 -6.82 51.10 -8.12
N THR A 297 -7.04 52.31 -7.63
CA THR A 297 -8.38 52.87 -7.50
C THR A 297 -9.13 52.87 -8.83
N ALA A 298 -8.43 53.21 -9.90
CA ALA A 298 -9.06 53.30 -11.22
C ALA A 298 -9.46 51.94 -11.79
N LEU A 299 -8.63 50.92 -11.52
CA LEU A 299 -8.94 49.56 -11.96
C LEU A 299 -10.15 49.04 -11.21
N MET A 300 -10.15 49.25 -9.89
CA MET A 300 -11.27 48.85 -9.05
C MET A 300 -12.58 49.48 -9.51
N LYS A 301 -12.52 50.74 -9.92
CA LYS A 301 -13.68 51.43 -10.47
C LYS A 301 -14.23 50.74 -11.73
N ARG A 302 -13.34 50.35 -12.64
CA ARG A 302 -13.80 49.72 -13.88
C ARG A 302 -14.34 48.31 -13.64
N LEU A 303 -13.71 47.59 -12.72
CA LEU A 303 -14.18 46.24 -12.38
C LEU A 303 -15.60 46.33 -11.82
N ALA A 304 -15.85 47.37 -11.03
CA ALA A 304 -17.17 47.57 -10.43
C ALA A 304 -18.19 47.95 -11.49
N MET A 305 -17.77 48.73 -12.47
CA MET A 305 -18.65 49.11 -13.58
C MET A 305 -19.01 47.90 -14.43
N LEU A 306 -18.07 46.97 -14.59
CA LEU A 306 -18.23 45.86 -15.50
C LEU A 306 -18.85 44.63 -14.84
N MET A 307 -19.01 44.66 -13.52
CA MET A 307 -19.73 43.61 -12.82
C MET A 307 -20.80 44.24 -11.95
N PRO A 308 -21.84 44.81 -12.59
CA PRO A 308 -22.82 45.68 -11.89
C PRO A 308 -23.73 44.93 -10.93
N GLU A 309 -23.75 43.59 -10.97
CA GLU A 309 -24.61 42.83 -10.08
C GLU A 309 -23.87 42.39 -8.83
N ALA A 310 -22.57 42.65 -8.81
CA ALA A 310 -21.75 42.25 -7.68
C ALA A 310 -21.17 43.47 -6.98
N ARG A 311 -21.09 43.38 -5.66
CA ARG A 311 -20.38 44.38 -4.89
C ARG A 311 -18.88 44.10 -5.00
N VAL A 312 -18.14 45.06 -5.53
CA VAL A 312 -16.70 44.90 -5.69
C VAL A 312 -15.94 45.73 -4.65
N ALA A 313 -15.14 45.05 -3.82
CA ALA A 313 -14.46 45.73 -2.71
C ALA A 313 -13.11 45.10 -2.36
N SER A 314 -12.22 45.93 -1.83
CA SER A 314 -10.93 45.45 -1.30
C SER A 314 -11.16 44.55 -0.11
N THR A 315 -10.29 43.55 0.07
CA THR A 315 -10.38 42.69 1.25
C THR A 315 -10.18 43.50 2.52
N ASP A 316 -9.59 44.68 2.40
CA ASP A 316 -9.32 45.54 3.55
C ASP A 316 -10.62 45.96 4.23
N GLU A 317 -11.71 45.95 3.46
CA GLU A 317 -13.03 46.25 4.00
C GLU A 317 -13.54 45.11 4.89
N TYR A 318 -12.81 44.00 4.88
CA TYR A 318 -13.13 42.87 5.74
C TYR A 318 -12.03 42.60 6.76
N GLY A 319 -11.13 43.57 6.92
CA GLY A 319 -10.08 43.45 7.91
C GLY A 319 -8.91 42.61 7.47
N ILE A 320 -8.84 42.33 6.16
CA ILE A 320 -7.72 41.56 5.64
C ILE A 320 -6.94 42.41 4.64
N PRO A 321 -5.80 42.96 5.09
CA PRO A 321 -5.00 43.85 4.23
C PRO A 321 -4.54 43.15 2.96
N PRO A 322 -4.90 43.71 1.80
CA PRO A 322 -4.65 43.06 0.51
C PRO A 322 -3.19 42.70 0.23
N ALA A 323 -2.23 43.48 0.73
CA ALA A 323 -0.83 43.22 0.44
C ALA A 323 -0.21 42.09 1.28
N TRP A 324 -0.95 41.59 2.26
CA TRP A 324 -0.38 40.64 3.19
C TRP A 324 -1.09 39.30 3.24
N MET A 325 -1.93 39.04 2.24
CA MET A 325 -2.70 37.78 2.17
C MET A 325 -1.85 36.52 2.34
N GLU A 326 -0.74 36.43 1.60
CA GLU A 326 0.05 35.20 1.60
C GLU A 326 0.69 34.91 2.95
N GLY A 327 1.30 35.93 3.56
CA GLY A 327 1.89 35.75 4.87
C GLY A 327 0.81 35.33 5.86
N MET A 328 -0.35 35.98 5.75
CA MET A 328 -1.43 35.69 6.68
C MET A 328 -1.92 34.26 6.47
N ALA A 329 -1.93 33.81 5.22
CA ALA A 329 -2.38 32.45 4.92
C ALA A 329 -1.52 31.42 5.60
N PHE A 330 -0.22 31.69 5.68
CA PHE A 330 0.65 30.70 6.33
C PHE A 330 0.60 30.72 7.87
N ALA A 331 0.34 31.89 8.47
CA ALA A 331 0.09 31.92 9.91
C ALA A 331 -1.20 31.14 10.19
N TRP A 332 -2.18 31.32 9.32
CA TRP A 332 -3.45 30.64 9.44
C TRP A 332 -3.28 29.13 9.32
N LEU A 333 -2.42 28.69 8.40
CA LEU A 333 -2.18 27.26 8.24
C LEU A 333 -1.53 26.66 9.47
N ALA A 334 -0.69 27.43 10.16
CA ALA A 334 -0.14 26.95 11.43
C ALA A 334 -1.28 26.73 12.43
N HIS A 335 -2.21 27.68 12.47
CA HIS A 335 -3.41 27.58 13.31
C HIS A 335 -4.20 26.33 12.95
N ARG A 336 -4.44 26.12 11.66
CA ARG A 336 -5.23 24.96 11.24
C ARG A 336 -4.60 23.64 11.64
N PHE A 337 -3.29 23.52 11.48
CA PHE A 337 -2.57 22.34 11.95
C PHE A 337 -2.85 22.10 13.44
N LEU A 338 -2.64 23.13 14.26
CA LEU A 338 -2.74 22.98 15.72
C LEU A 338 -4.18 22.76 16.17
N GLU A 339 -5.13 23.25 15.37
CA GLU A 339 -6.54 23.01 15.64
C GLU A 339 -7.00 21.65 15.15
N ARG A 340 -6.13 20.92 14.45
CA ARG A 340 -6.48 19.63 13.87
C ARG A 340 -7.62 19.75 12.85
N LEU A 341 -7.54 20.80 12.03
CA LEU A 341 -8.55 21.05 11.01
C LEU A 341 -7.86 20.98 9.65
N PRO A 342 -8.63 20.68 8.58
CA PRO A 342 -7.95 20.47 7.29
C PRO A 342 -7.41 21.78 6.73
N GLY A 343 -6.33 21.68 5.94
CA GLY A 343 -5.66 22.89 5.48
C GLY A 343 -5.64 23.11 3.97
N ASN A 344 -5.97 22.07 3.21
CA ASN A 344 -5.90 22.15 1.75
C ASN A 344 -7.26 22.47 1.11
N CYS A 345 -7.22 22.62 -0.21
CA CYS A 345 -8.43 22.86 -1.01
C CYS A 345 -8.46 21.84 -2.13
N PRO A 346 -8.98 20.65 -1.86
CA PRO A 346 -8.85 19.51 -2.76
C PRO A 346 -9.52 19.75 -4.12
N ASP A 347 -10.55 20.59 -4.17
CA ASP A 347 -11.16 20.89 -5.46
C ASP A 347 -10.31 21.87 -6.27
N VAL A 348 -9.29 22.43 -5.64
CA VAL A 348 -8.33 23.26 -6.34
C VAL A 348 -7.04 22.50 -6.69
N THR A 349 -6.52 21.74 -5.73
CA THR A 349 -5.24 21.06 -5.89
C THR A 349 -5.35 19.69 -6.56
N GLY A 350 -6.55 19.12 -6.57
CA GLY A 350 -6.75 17.80 -7.13
C GLY A 350 -6.48 16.65 -6.18
N ALA A 351 -6.20 16.97 -4.92
CA ALA A 351 -5.93 15.93 -3.92
C ALA A 351 -7.19 15.09 -3.68
N LEU A 352 -6.97 13.87 -3.18
CA LEU A 352 -8.05 12.91 -2.94
C LEU A 352 -9.15 13.41 -2.01
N GLY A 353 -8.78 14.24 -1.04
CA GLY A 353 -9.73 14.85 -0.13
C GLY A 353 -9.05 15.81 0.82
N PRO A 354 -9.78 16.27 1.85
CA PRO A 354 -9.22 17.20 2.84
C PRO A 354 -8.12 16.57 3.69
N ARG A 355 -7.04 17.32 3.88
CA ARG A 355 -5.89 16.85 4.63
C ARG A 355 -5.38 17.89 5.62
N THR A 356 -4.86 17.42 6.75
CA THR A 356 -4.08 18.30 7.61
C THR A 356 -2.76 18.56 6.90
N LEU A 357 -2.40 19.84 6.75
CA LEU A 357 -1.16 20.21 6.09
C LEU A 357 -0.10 20.65 7.08
N GLY A 358 1.15 20.26 6.82
CA GLY A 358 2.27 20.73 7.61
C GLY A 358 2.84 19.71 8.58
N ALA A 359 3.94 20.09 9.21
CA ALA A 359 4.58 19.28 10.25
C ALA A 359 5.01 20.18 11.40
N LEU A 360 4.87 19.70 12.62
CA LEU A 360 5.19 20.50 13.81
C LEU A 360 6.58 20.19 14.34
N TYR A 361 7.38 21.25 14.49
CA TYR A 361 8.71 21.20 15.10
C TYR A 361 8.66 22.08 16.34
N PRO A 362 8.47 21.44 17.51
CA PRO A 362 8.26 22.22 18.75
C PRO A 362 9.52 22.90 19.25
N ALA A 363 9.35 24.07 19.84
CA ALA A 363 10.48 24.77 20.44
C ALA A 363 10.94 23.99 21.66
N GLY A 364 9.98 23.56 22.48
CA GLY A 364 10.26 22.73 23.64
C GLY A 364 10.99 23.53 24.69
N SER A 365 11.75 22.86 25.56
CA SER A 365 12.59 23.57 26.54
C SER A 365 14.07 23.33 26.26
N HIS A 366 14.91 24.22 26.78
CA HIS A 366 16.36 24.10 26.61
C HIS A 366 17.06 23.71 27.92
N PRO B 2 0.58 4.03 25.86
CA PRO B 2 0.03 3.86 24.51
C PRO B 2 0.90 2.93 23.66
N ARG B 3 0.44 2.61 22.45
CA ARG B 3 1.22 1.78 21.53
C ARG B 3 1.91 2.63 20.47
N TYR B 4 3.13 2.25 20.12
CA TYR B 4 3.90 3.00 19.14
C TYR B 4 4.60 2.02 18.20
N LEU B 5 4.70 2.41 16.93
CA LEU B 5 5.57 1.72 15.99
C LEU B 5 6.92 2.43 15.90
N GLY B 6 7.96 1.65 15.63
CA GLY B 6 9.27 2.22 15.35
C GLY B 6 9.79 1.65 14.04
N LEU B 7 10.40 2.50 13.23
CA LEU B 7 10.98 2.08 11.95
C LEU B 7 12.43 2.49 11.89
N MET B 8 13.32 1.52 11.72
CA MET B 8 14.75 1.79 11.62
C MET B 8 15.28 1.09 10.38
N SER B 9 16.04 1.84 9.59
CA SER B 9 16.77 1.28 8.47
C SER B 9 18.19 1.79 8.56
N GLY B 10 19.10 0.92 8.99
CA GLY B 10 20.49 1.31 9.19
C GLY B 10 21.28 1.48 7.91
N THR B 11 22.57 1.78 8.04
CA THR B 11 23.41 2.09 6.88
C THR B 11 23.91 0.89 6.07
N SER B 12 23.67 -0.33 6.55
CA SER B 12 24.07 -1.51 5.79
C SER B 12 23.13 -1.79 4.61
N LEU B 13 21.90 -1.28 4.70
CA LEU B 13 20.91 -1.35 3.62
C LEU B 13 20.44 -2.75 3.26
N ASP B 14 20.51 -3.66 4.22
CA ASP B 14 20.01 -5.01 4.02
C ASP B 14 18.48 -5.03 4.13
N GLY B 15 17.93 -4.23 5.05
CA GLY B 15 16.49 -4.17 5.23
C GLY B 15 15.99 -3.24 6.32
N MET B 16 14.68 -3.29 6.58
CA MET B 16 14.02 -2.40 7.54
C MET B 16 13.49 -3.14 8.75
N ASP B 17 13.77 -2.60 9.93
CA ASP B 17 13.21 -3.13 11.17
C ASP B 17 11.91 -2.37 11.49
N ILE B 18 10.84 -3.09 11.76
CA ILE B 18 9.58 -2.48 12.18
C ILE B 18 9.18 -3.07 13.52
N VAL B 19 8.98 -2.22 14.52
CA VAL B 19 8.62 -2.73 15.85
C VAL B 19 7.34 -2.09 16.37
N LEU B 20 6.65 -2.81 17.24
CA LEU B 20 5.47 -2.28 17.94
C LEU B 20 5.75 -2.41 19.43
N ILE B 21 5.70 -1.29 20.13
CA ILE B 21 5.93 -1.31 21.57
C ILE B 21 4.69 -0.87 22.35
N GLU B 22 4.64 -1.26 23.61
CA GLU B 22 3.72 -0.64 24.54
C GLU B 22 4.54 0.21 25.48
N GLN B 23 4.12 1.46 25.64
CA GLN B 23 4.87 2.37 26.48
C GLN B 23 3.99 2.88 27.62
N GLY B 24 4.44 2.63 28.85
CA GLY B 24 3.75 3.13 30.02
C GLY B 24 4.81 3.48 31.04
N ASP B 25 4.77 2.84 32.19
CA ASP B 25 5.85 2.98 33.15
C ASP B 25 7.12 2.41 32.51
N ARG B 26 6.97 1.27 31.87
CA ARG B 26 8.09 0.59 31.21
C ARG B 26 7.87 0.52 29.70
N THR B 27 8.90 0.12 28.96
CA THR B 27 8.78 -0.09 27.52
C THR B 27 8.80 -1.59 27.24
N THR B 28 7.80 -2.07 26.50
CA THR B 28 7.71 -3.51 26.23
C THR B 28 7.56 -3.74 24.74
N LEU B 29 8.21 -4.77 24.21
CA LEU B 29 8.04 -5.14 22.81
C LEU B 29 6.80 -6.01 22.62
N LEU B 30 5.89 -5.57 21.78
CA LEU B 30 4.67 -6.33 21.49
C LEU B 30 4.82 -7.21 20.25
N ALA B 31 5.52 -6.69 19.24
CA ALA B 31 5.66 -7.42 17.98
C ALA B 31 6.79 -6.82 17.18
N SER B 32 7.30 -7.58 16.22
CA SER B 32 8.38 -7.07 15.38
C SER B 32 8.27 -7.68 13.99
N HIS B 33 8.91 -7.03 13.03
CA HIS B 33 8.81 -7.45 11.64
C HIS B 33 10.06 -6.98 10.93
N TYR B 34 10.64 -7.83 10.08
CA TYR B 34 11.81 -7.44 9.31
C TYR B 34 11.46 -7.56 7.85
N LEU B 35 11.85 -6.56 7.07
CA LEU B 35 11.55 -6.55 5.66
C LEU B 35 12.85 -6.26 4.90
N PRO B 36 13.23 -7.17 4.00
CA PRO B 36 14.43 -6.99 3.19
C PRO B 36 14.33 -5.82 2.22
N MET B 37 15.46 -5.20 1.92
CA MET B 37 15.45 -4.15 0.92
C MET B 37 15.89 -4.68 -0.45
N PRO B 38 15.07 -4.44 -1.48
CA PRO B 38 15.37 -4.84 -2.86
C PRO B 38 16.72 -4.32 -3.31
N ALA B 39 17.46 -5.12 -4.10
CA ALA B 39 18.77 -4.73 -4.59
C ALA B 39 18.76 -3.36 -5.29
N GLY B 40 17.75 -3.12 -6.12
CA GLY B 40 17.61 -1.84 -6.80
C GLY B 40 17.46 -0.66 -5.86
N LEU B 41 16.67 -0.82 -4.81
CA LEU B 41 16.49 0.28 -3.86
C LEU B 41 17.78 0.52 -3.07
N ARG B 42 18.44 -0.56 -2.68
CA ARG B 42 19.73 -0.45 -2.00
C ARG B 42 20.76 0.29 -2.84
N GLU B 43 20.89 -0.13 -4.09
CA GLU B 43 21.85 0.50 -5.00
C GLU B 43 21.53 1.97 -5.19
N ASP B 44 20.24 2.30 -5.31
CA ASP B 44 19.86 3.69 -5.51
C ASP B 44 20.08 4.58 -4.28
N ILE B 45 19.84 4.03 -3.09
CA ILE B 45 20.15 4.75 -1.86
C ILE B 45 21.65 4.99 -1.69
N LEU B 46 22.44 3.95 -1.95
CA LEU B 46 23.91 4.03 -1.83
C LEU B 46 24.48 5.13 -2.73
N ALA B 47 23.93 5.24 -3.93
CA ALA B 47 24.40 6.23 -4.89
C ALA B 47 24.09 7.65 -4.44
N LEU B 48 23.20 7.78 -3.44
CA LEU B 48 22.90 9.09 -2.88
C LEU B 48 23.79 9.43 -1.67
N CYS B 49 24.64 8.49 -1.27
CA CYS B 49 25.46 8.66 -0.06
C CYS B 49 26.76 9.42 -0.30
N VAL B 50 27.06 9.72 -1.56
CA VAL B 50 28.20 10.57 -1.92
C VAL B 50 27.72 11.61 -2.93
N PRO B 51 28.39 12.77 -2.98
CA PRO B 51 27.89 13.82 -3.87
C PRO B 51 27.76 13.38 -5.34
N GLY B 52 26.67 13.78 -5.99
CA GLY B 52 26.46 13.44 -7.38
C GLY B 52 25.45 14.36 -8.05
N PRO B 53 25.08 14.04 -9.30
CA PRO B 53 24.19 14.92 -10.06
C PRO B 53 22.70 14.72 -9.72
N ASP B 54 21.90 15.76 -9.90
CA ASP B 54 20.44 15.64 -9.86
C ASP B 54 19.96 15.02 -8.55
N GLU B 55 20.62 15.34 -7.44
CA GLU B 55 20.31 14.68 -6.16
C GLU B 55 18.90 14.97 -5.63
N ILE B 56 18.42 16.19 -5.80
CA ILE B 56 17.11 16.57 -5.27
C ILE B 56 15.99 15.73 -5.87
N ALA B 57 15.97 15.63 -7.19
CA ALA B 57 14.99 14.81 -7.87
C ALA B 57 15.18 13.33 -7.57
N ARG B 58 16.43 12.88 -7.62
CA ARG B 58 16.72 11.47 -7.37
C ARG B 58 16.31 11.02 -5.97
N ALA B 59 16.59 11.86 -4.98
CA ALA B 59 16.23 11.54 -3.59
C ALA B 59 14.73 11.49 -3.42
N ALA B 60 14.05 12.40 -4.11
CA ALA B 60 12.58 12.42 -4.10
C ALA B 60 11.96 11.12 -4.64
N GLU B 61 12.51 10.60 -5.74
CA GLU B 61 11.97 9.34 -6.30
C GLU B 61 12.29 8.16 -5.39
N VAL B 62 13.53 8.13 -4.90
CA VAL B 62 13.98 7.05 -4.03
C VAL B 62 13.18 6.97 -2.74
N GLU B 63 12.92 8.12 -2.12
CA GLU B 63 12.22 8.10 -0.83
C GLU B 63 10.77 7.63 -0.97
N GLN B 64 10.18 7.82 -2.15
CA GLN B 64 8.81 7.34 -2.35
C GLN B 64 8.79 5.80 -2.30
N ARG B 65 9.79 5.16 -2.90
CA ARG B 65 9.87 3.69 -2.86
C ARG B 65 10.16 3.20 -1.45
N TRP B 66 11.02 3.92 -0.75
CA TRP B 66 11.38 3.58 0.62
C TRP B 66 10.14 3.62 1.51
N VAL B 67 9.35 4.69 1.37
CA VAL B 67 8.15 4.86 2.17
C VAL B 67 7.09 3.81 1.85
N ALA B 68 6.94 3.46 0.58
CA ALA B 68 6.00 2.41 0.21
C ALA B 68 6.38 1.09 0.89
N LEU B 69 7.69 0.80 0.93
CA LEU B 69 8.16 -0.42 1.56
C LEU B 69 7.89 -0.40 3.07
N ALA B 70 8.21 0.72 3.70
CA ALA B 70 7.95 0.90 5.13
C ALA B 70 6.46 0.75 5.46
N ALA B 71 5.60 1.36 4.63
CA ALA B 71 4.17 1.28 4.85
C ALA B 71 3.67 -0.16 4.74
N GLN B 72 4.18 -0.89 3.76
CA GLN B 72 3.80 -2.29 3.61
C GLN B 72 4.23 -3.07 4.86
N GLY B 73 5.42 -2.77 5.37
CA GLY B 73 5.92 -3.43 6.57
C GLY B 73 5.02 -3.20 7.76
N VAL B 74 4.59 -1.95 7.93
CA VAL B 74 3.62 -1.60 8.97
C VAL B 74 2.31 -2.36 8.81
N ARG B 75 1.80 -2.37 7.59
CA ARG B 75 0.55 -3.05 7.28
C ARG B 75 0.61 -4.52 7.68
N GLU B 76 1.71 -5.18 7.32
CA GLU B 76 1.85 -6.61 7.60
C GLU B 76 1.93 -6.91 9.10
N LEU B 77 2.67 -6.07 9.83
CA LEU B 77 2.79 -6.26 11.28
C LEU B 77 1.41 -6.11 11.92
N LEU B 78 0.66 -5.10 11.49
CA LEU B 78 -0.68 -4.88 12.05
C LEU B 78 -1.63 -6.02 11.69
N LEU B 79 -1.50 -6.56 10.49
CA LEU B 79 -2.32 -7.71 10.13
C LEU B 79 -2.03 -8.89 11.05
N GLN B 80 -0.75 -9.16 11.26
CA GLN B 80 -0.35 -10.26 12.12
C GLN B 80 -0.91 -10.09 13.53
N GLN B 81 -0.90 -8.84 14.01
CA GLN B 81 -1.30 -8.53 15.38
C GLN B 81 -2.79 -8.29 15.52
N GLN B 82 -3.52 -8.38 14.41
CA GLN B 82 -4.95 -8.09 14.40
C GLN B 82 -5.21 -6.71 14.98
N MET B 83 -4.42 -5.73 14.54
CA MET B 83 -4.50 -4.38 15.09
C MET B 83 -4.91 -3.40 14.01
N SER B 84 -5.75 -2.44 14.37
CA SER B 84 -6.11 -1.40 13.45
C SER B 84 -5.10 -0.29 13.64
N PRO B 85 -4.80 0.45 12.57
CA PRO B 85 -3.87 1.58 12.70
C PRO B 85 -4.37 2.59 13.74
N ASP B 86 -5.69 2.64 13.95
CA ASP B 86 -6.28 3.54 14.94
C ASP B 86 -5.84 3.20 16.36
N GLU B 87 -5.34 1.98 16.56
CA GLU B 87 -4.89 1.54 17.87
C GLU B 87 -3.44 1.95 18.16
N VAL B 88 -2.77 2.50 17.15
CA VAL B 88 -1.37 2.89 17.30
C VAL B 88 -1.31 4.41 17.46
N ARG B 89 -0.62 4.88 18.49
CA ARG B 89 -0.60 6.33 18.73
C ARG B 89 0.23 7.05 17.69
N ALA B 90 1.40 6.49 17.37
CA ALA B 90 2.29 7.10 16.38
C ALA B 90 3.37 6.15 15.94
N ILE B 91 3.92 6.43 14.75
CA ILE B 91 5.12 5.76 14.26
C ILE B 91 6.32 6.70 14.45
N GLY B 92 7.39 6.20 15.06
CA GLY B 92 8.64 6.94 15.10
C GLY B 92 9.51 6.40 13.98
N SER B 93 9.76 7.22 12.97
CA SER B 93 10.54 6.77 11.82
C SER B 93 11.89 7.45 11.76
N HIS B 94 12.97 6.67 11.74
CA HIS B 94 14.29 7.28 11.58
C HIS B 94 14.47 7.86 10.18
N GLY B 95 13.84 7.22 9.20
CA GLY B 95 14.15 7.50 7.81
C GLY B 95 15.41 6.80 7.38
N GLN B 96 16.05 7.31 6.32
CA GLN B 96 17.26 6.70 5.78
C GLN B 96 18.31 7.77 5.61
N THR B 97 19.43 7.61 6.30
CA THR B 97 20.51 8.60 6.19
C THR B 97 21.22 8.50 4.83
N ILE B 98 21.29 9.61 4.12
CA ILE B 98 22.07 9.66 2.88
C ILE B 98 23.26 10.62 2.97
N ARG B 99 23.29 11.43 4.01
CA ARG B 99 24.44 12.29 4.22
C ARG B 99 24.45 12.72 5.67
N HIS B 100 25.63 12.69 6.27
CA HIS B 100 25.73 13.08 7.66
C HIS B 100 27.01 13.86 7.85
N GLU B 101 26.88 15.18 8.01
CA GLU B 101 28.05 16.04 8.10
C GLU B 101 27.89 17.10 9.19
N PRO B 102 27.90 16.66 10.45
CA PRO B 102 27.72 17.60 11.56
C PRO B 102 28.80 18.68 11.65
N ALA B 103 29.99 18.44 11.09
CA ALA B 103 31.00 19.49 11.04
C ALA B 103 30.55 20.64 10.14
N ARG B 104 29.66 20.34 9.20
CA ARG B 104 29.02 21.35 8.35
C ARG B 104 27.59 21.61 8.80
N HIS B 105 27.24 21.16 10.01
CA HIS B 105 25.96 21.46 10.65
C HIS B 105 24.73 20.94 9.91
N PHE B 106 24.86 19.78 9.27
CA PHE B 106 23.70 19.17 8.64
C PHE B 106 23.70 17.66 8.69
N THR B 107 22.50 17.10 8.69
CA THR B 107 22.32 15.67 8.61
C THR B 107 21.08 15.46 7.77
N VAL B 108 21.12 14.46 6.90
CA VAL B 108 20.04 14.28 5.94
C VAL B 108 19.48 12.88 5.99
N GLN B 109 18.25 12.78 6.50
CA GLN B 109 17.50 11.52 6.45
C GLN B 109 16.31 11.69 5.52
N ILE B 110 16.20 10.80 4.54
CA ILE B 110 15.06 10.85 3.63
C ILE B 110 13.99 9.87 4.11
N GLY B 111 12.79 9.96 3.54
CA GLY B 111 11.72 9.07 3.96
C GLY B 111 10.39 9.78 4.13
N ASN B 112 10.10 10.73 3.24
CA ASN B 112 8.86 11.52 3.18
C ASN B 112 7.80 11.18 4.22
N PRO B 113 7.94 11.78 5.41
CA PRO B 113 7.02 11.42 6.48
C PRO B 113 5.56 11.77 6.21
N ALA B 114 5.28 12.78 5.39
CA ALA B 114 3.91 13.09 5.03
C ALA B 114 3.30 11.97 4.22
N LEU B 115 4.09 11.45 3.29
CA LEU B 115 3.64 10.30 2.52
C LEU B 115 3.47 9.08 3.42
N LEU B 116 4.38 8.89 4.38
CA LEU B 116 4.24 7.74 5.30
C LEU B 116 2.94 7.83 6.11
N ALA B 117 2.59 9.04 6.53
CA ALA B 117 1.32 9.26 7.24
C ALA B 117 0.11 9.00 6.34
N GLU B 118 0.19 9.45 5.09
CA GLU B 118 -0.85 9.20 4.12
C GLU B 118 -1.09 7.70 3.90
N LEU B 119 0.00 6.96 3.73
CA LEU B 119 -0.12 5.53 3.39
C LEU B 119 -0.51 4.66 4.59
N THR B 120 -0.03 5.01 5.77
CA THR B 120 -0.30 4.20 6.96
C THR B 120 -1.57 4.58 7.71
N GLY B 121 -1.98 5.83 7.61
CA GLY B 121 -3.10 6.31 8.39
C GLY B 121 -2.76 6.49 9.86
N ILE B 122 -1.47 6.57 10.17
CA ILE B 122 -0.97 6.76 11.54
C ILE B 122 -0.12 8.03 11.64
N ASP B 123 -0.24 8.80 12.73
CA ASP B 123 0.62 9.95 12.97
C ASP B 123 2.07 9.49 12.90
N VAL B 124 2.90 10.30 12.24
CA VAL B 124 4.33 10.01 12.10
C VAL B 124 5.18 11.04 12.81
N VAL B 125 6.08 10.57 13.66
CA VAL B 125 7.12 11.45 14.16
C VAL B 125 8.43 11.03 13.52
N ALA B 126 9.13 11.99 12.93
CA ALA B 126 10.35 11.68 12.21
C ALA B 126 11.35 12.82 12.29
N ASP B 127 12.45 12.71 11.56
CA ASP B 127 13.46 13.76 11.48
C ASP B 127 14.08 14.11 12.85
N PHE B 128 14.48 13.06 13.58
CA PHE B 128 14.94 13.20 14.96
C PHE B 128 16.31 13.83 15.15
N ARG B 129 17.19 13.69 14.18
CA ARG B 129 18.57 14.15 14.38
C ARG B 129 18.74 15.65 14.20
N ARG B 130 17.87 16.24 13.38
CA ARG B 130 18.04 17.63 12.99
C ARG B 130 18.04 18.65 14.13
N ARG B 131 17.16 18.48 15.11
CA ARG B 131 17.16 19.43 16.22
C ARG B 131 18.44 19.31 17.03
N ASP B 132 18.97 18.10 17.18
CA ASP B 132 20.21 17.96 17.93
C ASP B 132 21.36 18.70 17.23
N VAL B 133 21.45 18.54 15.91
CA VAL B 133 22.47 19.28 15.14
C VAL B 133 22.25 20.79 15.21
N ALA B 134 20.98 21.23 15.13
CA ALA B 134 20.68 22.67 15.25
C ALA B 134 21.16 23.24 16.58
N ALA B 135 21.19 22.39 17.60
CA ALA B 135 21.63 22.81 18.93
C ALA B 135 23.12 22.55 19.11
N GLY B 136 23.84 22.38 18.00
CA GLY B 136 25.29 22.27 18.06
C GLY B 136 25.81 20.85 18.29
N GLY B 137 24.92 19.87 18.32
CA GLY B 137 25.34 18.49 18.54
C GLY B 137 25.70 17.75 17.27
N GLN B 138 26.14 16.50 17.42
CA GLN B 138 26.53 15.69 16.29
C GLN B 138 25.34 15.01 15.62
N GLY B 139 24.19 15.05 16.29
CA GLY B 139 22.97 14.41 15.80
C GLY B 139 22.95 12.90 16.00
N ALA B 140 23.96 12.41 16.72
CA ALA B 140 24.17 10.98 16.92
C ALA B 140 25.22 10.81 17.98
N PRO B 141 25.19 9.67 18.70
CA PRO B 141 24.17 8.61 18.60
C PRO B 141 22.93 8.96 19.44
N LEU B 142 21.75 8.54 18.98
CA LEU B 142 20.49 8.81 19.69
C LEU B 142 20.06 7.69 20.63
N VAL B 143 20.50 6.48 20.38
CA VAL B 143 20.08 5.36 21.22
C VAL B 143 20.43 5.45 22.74
N PRO B 144 21.59 6.08 23.11
CA PRO B 144 21.89 6.15 24.55
C PRO B 144 20.83 6.79 25.46
N ALA B 145 20.05 7.75 24.98
CA ALA B 145 18.96 8.27 25.80
C ALA B 145 17.93 7.20 26.15
N PHE B 146 17.66 6.32 25.19
CA PHE B 146 16.75 5.17 25.38
C PHE B 146 17.36 4.13 26.31
N HIS B 147 18.65 3.85 26.10
CA HIS B 147 19.37 2.94 27.01
C HIS B 147 19.24 3.44 28.43
N GLN B 148 19.40 4.75 28.61
CA GLN B 148 19.29 5.34 29.94
C GLN B 148 17.87 5.20 30.51
N ALA B 149 16.87 5.44 29.66
CA ALA B 149 15.48 5.30 30.11
C ALA B 149 15.15 3.87 30.52
N LEU B 150 15.72 2.90 29.81
CA LEU B 150 15.47 1.49 30.12
C LEU B 150 16.22 0.99 31.35
N PHE B 151 17.48 1.39 31.48
CA PHE B 151 18.38 0.63 32.36
C PHE B 151 19.13 1.45 33.40
N GLY B 152 19.04 2.77 33.31
CA GLY B 152 19.70 3.61 34.29
C GLY B 152 18.95 3.54 35.61
N ASP B 153 19.70 3.51 36.70
CA ASP B 153 19.13 3.62 38.03
C ASP B 153 20.13 4.25 38.99
N ASP B 154 19.72 4.48 40.22
CA ASP B 154 20.60 5.12 41.19
C ASP B 154 21.69 4.20 41.72
N ASP B 155 21.56 2.90 41.48
CA ASP B 155 22.38 1.92 42.21
C ASP B 155 23.39 1.03 41.46
N THR B 156 23.39 1.01 40.14
CA THR B 156 24.23 0.03 39.45
C THR B 156 25.04 0.60 38.29
N SER B 157 26.33 0.26 38.23
CA SER B 157 27.14 0.62 37.08
C SER B 157 26.88 -0.38 35.97
N ARG B 158 26.28 0.10 34.89
CA ARG B 158 25.92 -0.74 33.76
C ARG B 158 26.53 -0.24 32.48
N ALA B 159 26.81 -1.19 31.58
CA ALA B 159 27.22 -0.87 30.24
C ALA B 159 26.23 -1.55 29.31
N VAL B 160 25.65 -0.76 28.43
CA VAL B 160 24.77 -1.30 27.39
C VAL B 160 25.55 -1.33 26.09
N LEU B 161 25.81 -2.55 25.63
CA LEU B 161 26.75 -2.78 24.56
C LEU B 161 26.03 -3.24 23.30
N ASN B 162 26.10 -2.43 22.26
CA ASN B 162 25.54 -2.84 20.99
C ASN B 162 26.61 -3.42 20.09
N ILE B 163 26.45 -4.70 19.74
CA ILE B 163 27.38 -5.36 18.84
C ILE B 163 26.75 -5.62 17.47
N GLY B 164 26.99 -4.69 16.55
CA GLY B 164 26.57 -4.86 15.16
C GLY B 164 27.81 -5.15 14.33
N GLY B 165 27.91 -4.52 13.16
CA GLY B 165 29.14 -4.57 12.40
C GLY B 165 30.27 -4.07 13.28
N PHE B 166 30.03 -2.93 13.91
CA PHE B 166 30.93 -2.40 14.93
C PHE B 166 30.30 -2.40 16.32
N SER B 167 31.13 -2.18 17.34
CA SER B 167 30.65 -2.21 18.71
C SER B 167 30.62 -0.80 19.28
N ASN B 168 29.53 -0.49 19.98
CA ASN B 168 29.40 0.80 20.66
C ASN B 168 28.70 0.61 22.00
N VAL B 169 29.02 1.46 22.97
CA VAL B 169 28.52 1.24 24.32
C VAL B 169 27.97 2.51 24.94
N SER B 170 26.95 2.34 25.77
CA SER B 170 26.44 3.42 26.61
C SER B 170 26.83 3.08 28.04
N LEU B 171 27.57 3.97 28.69
CA LEU B 171 27.94 3.76 30.07
C LEU B 171 26.98 4.48 30.99
N LEU B 172 26.31 3.70 31.82
CA LEU B 172 25.33 4.22 32.76
C LEU B 172 25.92 4.17 34.16
N SER B 173 26.60 5.25 34.53
CA SER B 173 27.23 5.34 35.83
C SER B 173 26.33 6.21 36.70
N PRO B 174 25.87 5.66 37.83
CA PRO B 174 24.92 6.29 38.75
C PRO B 174 25.42 7.64 39.27
N GLY B 175 24.52 8.62 39.27
CA GLY B 175 24.84 9.96 39.72
C GLY B 175 25.60 10.73 38.65
N LYS B 176 25.81 10.09 37.51
CA LYS B 176 26.45 10.76 36.37
C LYS B 176 25.54 10.74 35.14
N PRO B 177 25.76 11.68 34.23
CA PRO B 177 25.15 11.65 32.90
C PRO B 177 25.70 10.50 32.06
N VAL B 178 24.93 10.03 31.10
CA VAL B 178 25.33 8.95 30.21
C VAL B 178 26.59 9.25 29.38
N ARG B 179 27.44 8.24 29.18
CA ARG B 179 28.58 8.40 28.28
C ARG B 179 28.42 7.36 27.17
N GLY B 180 28.94 7.68 25.99
CA GLY B 180 28.87 6.76 24.87
C GLY B 180 30.07 6.87 23.94
N PHE B 181 30.58 5.72 23.52
CA PHE B 181 31.67 5.69 22.55
C PHE B 181 31.73 4.36 21.80
N ASP B 182 32.52 4.33 20.72
CA ASP B 182 32.71 3.10 19.95
C ASP B 182 33.80 2.28 20.63
N CYS B 183 33.62 0.97 20.65
CA CYS B 183 34.53 0.07 21.36
C CYS B 183 35.52 -0.60 20.43
N GLY B 184 35.16 -0.71 19.16
CA GLY B 184 35.96 -1.40 18.18
C GLY B 184 35.09 -2.24 17.27
N PRO B 185 35.71 -3.20 16.56
CA PRO B 185 34.94 -4.03 15.62
C PRO B 185 33.99 -4.94 16.38
N GLY B 186 32.89 -5.29 15.72
CA GLY B 186 31.94 -6.24 16.28
C GLY B 186 31.90 -7.44 15.39
N ASN B 187 30.89 -7.51 14.54
CA ASN B 187 30.75 -8.62 13.59
C ASN B 187 31.38 -8.36 12.22
N VAL B 188 31.89 -7.15 11.98
CA VAL B 188 32.29 -6.73 10.63
C VAL B 188 33.33 -7.65 9.96
N LEU B 189 34.38 -8.03 10.69
CA LEU B 189 35.43 -8.87 10.11
C LEU B 189 35.03 -10.33 10.06
N MET B 190 34.36 -10.80 11.12
CA MET B 190 33.84 -12.17 11.12
C MET B 190 32.88 -12.41 9.96
N ASP B 191 32.07 -11.39 9.65
CA ASP B 191 31.18 -11.44 8.50
C ASP B 191 31.97 -11.49 7.20
N ALA B 192 32.92 -10.56 7.06
CA ALA B 192 33.70 -10.43 5.83
C ALA B 192 34.48 -11.70 5.53
N TRP B 193 35.08 -12.27 6.57
CA TRP B 193 35.92 -13.46 6.45
C TRP B 193 35.13 -14.68 6.03
N ILE B 194 34.02 -14.93 6.70
CA ILE B 194 33.19 -16.08 6.38
C ILE B 194 32.52 -15.90 5.02
N HIS B 195 32.34 -14.65 4.60
CA HIS B 195 31.81 -14.39 3.26
C HIS B 195 32.86 -14.69 2.21
N HIS B 196 34.08 -14.21 2.44
CA HIS B 196 35.18 -14.39 1.50
C HIS B 196 35.53 -15.87 1.35
N GLN B 197 35.30 -16.62 2.43
CA GLN B 197 35.71 -18.02 2.49
C GLN B 197 34.60 -19.03 2.25
N ARG B 198 33.36 -18.67 2.59
CA ARG B 198 32.27 -19.65 2.54
C ARG B 198 30.98 -19.14 1.89
N GLY B 199 30.99 -17.87 1.48
CA GLY B 199 29.82 -17.27 0.85
C GLY B 199 28.65 -16.99 1.76
N GLU B 200 28.85 -17.15 3.07
CA GLU B 200 27.81 -16.83 4.03
C GLU B 200 27.94 -15.40 4.53
N HIS B 201 26.81 -14.78 4.86
CA HIS B 201 26.82 -13.38 5.26
C HIS B 201 27.26 -13.27 6.71
N PHE B 202 27.01 -14.30 7.52
CA PHE B 202 27.56 -14.32 8.88
C PHE B 202 27.81 -15.73 9.45
N ASP B 203 28.56 -15.76 10.55
CA ASP B 203 28.92 -17.00 11.22
C ASP B 203 27.89 -17.33 12.30
N ARG B 204 26.95 -18.22 11.97
CA ARG B 204 25.84 -18.53 12.87
C ARG B 204 26.28 -19.10 14.22
N ASP B 205 25.82 -18.46 15.30
CA ASP B 205 26.12 -18.85 16.68
C ASP B 205 27.60 -18.78 17.04
N GLY B 206 28.42 -18.26 16.12
CA GLY B 206 29.86 -18.27 16.28
C GLY B 206 30.42 -19.69 16.26
N ALA B 207 29.69 -20.61 15.64
CA ALA B 207 30.09 -22.01 15.65
C ALA B 207 31.35 -22.28 14.83
N TRP B 208 31.49 -21.60 13.69
CA TRP B 208 32.67 -21.76 12.86
C TRP B 208 33.90 -21.29 13.62
N ALA B 209 33.79 -20.10 14.22
CA ALA B 209 34.85 -19.56 15.06
C ALA B 209 35.20 -20.50 16.21
N ALA B 210 34.18 -21.04 16.85
CA ALA B 210 34.37 -21.90 18.01
C ALA B 210 35.06 -23.20 17.63
N SER B 211 35.00 -23.56 16.35
CA SER B 211 35.59 -24.80 15.87
C SER B 211 37.09 -24.65 15.63
N GLY B 212 37.57 -23.41 15.59
CA GLY B 212 38.98 -23.19 15.32
C GLY B 212 39.75 -22.90 16.58
N GLN B 213 41.05 -22.64 16.44
CA GLN B 213 41.87 -22.25 17.57
C GLN B 213 42.52 -20.90 17.33
N VAL B 214 42.40 -20.00 18.31
CA VAL B 214 42.99 -18.67 18.24
C VAL B 214 44.49 -18.75 17.95
N ASN B 215 44.96 -17.94 17.00
CA ASN B 215 46.39 -17.81 16.75
C ASN B 215 46.89 -16.53 17.42
N HIS B 216 47.74 -16.68 18.43
CA HIS B 216 48.10 -15.54 19.28
C HIS B 216 49.03 -14.54 18.60
N ALA B 217 49.85 -15.03 17.68
CA ALA B 217 50.72 -14.14 16.89
C ALA B 217 49.88 -13.24 16.00
N LEU B 218 48.98 -13.85 15.24
CA LEU B 218 48.08 -13.10 14.37
C LEU B 218 47.25 -12.10 15.19
N LEU B 219 46.74 -12.56 16.33
CA LEU B 219 45.96 -11.70 17.23
C LEU B 219 46.73 -10.47 17.67
N ALA B 220 48.01 -10.67 18.02
CA ALA B 220 48.87 -9.56 18.43
C ALA B 220 49.05 -8.54 17.31
N SER B 221 49.18 -9.03 16.08
CA SER B 221 49.36 -8.14 14.95
C SER B 221 48.11 -7.31 14.73
N LEU B 222 46.95 -7.96 14.83
CA LEU B 222 45.67 -7.29 14.61
C LEU B 222 45.42 -6.22 15.67
N LEU B 223 45.71 -6.55 16.94
CA LEU B 223 45.49 -5.61 18.03
C LEU B 223 46.50 -4.46 18.03
N ALA B 224 47.63 -4.66 17.37
CA ALA B 224 48.68 -3.66 17.34
C ALA B 224 48.54 -2.74 16.13
N PHE B 241 37.90 -1.14 9.00
CA PHE B 241 38.21 -2.56 9.08
C PHE B 241 37.57 -3.38 7.95
N ASN B 242 38.38 -3.80 6.98
CA ASN B 242 37.90 -4.71 5.95
C ASN B 242 39.00 -5.64 5.49
N LEU B 243 38.66 -6.44 4.48
CA LEU B 243 39.51 -7.51 3.97
C LEU B 243 40.90 -7.11 3.43
N PRO B 244 40.98 -6.06 2.59
CA PRO B 244 42.32 -5.64 2.14
C PRO B 244 43.28 -5.37 3.30
N TRP B 245 42.73 -4.80 4.37
CA TRP B 245 43.50 -4.53 5.59
C TRP B 245 43.93 -5.84 6.22
N LEU B 246 42.97 -6.77 6.30
CA LEU B 246 43.21 -8.06 6.92
C LEU B 246 44.17 -8.93 6.10
N GLN B 247 44.01 -8.89 4.78
CA GLN B 247 44.86 -9.66 3.89
C GLN B 247 46.32 -9.24 4.01
N GLU B 248 46.52 -7.94 4.26
CA GLU B 248 47.86 -7.41 4.45
C GLU B 248 48.47 -8.02 5.70
N HIS B 249 47.62 -8.29 6.68
CA HIS B 249 48.05 -8.96 7.90
C HIS B 249 48.32 -10.45 7.68
N LEU B 250 47.45 -11.10 6.91
CA LEU B 250 47.56 -12.55 6.72
C LEU B 250 48.80 -12.93 5.92
N ALA B 251 49.28 -11.99 5.10
CA ALA B 251 50.46 -12.23 4.27
C ALA B 251 51.72 -12.21 5.12
N ARG B 252 51.64 -11.54 6.27
CA ARG B 252 52.75 -11.38 7.20
C ARG B 252 52.88 -12.57 8.16
N HIS B 253 51.94 -13.50 8.06
CA HIS B 253 51.91 -14.68 8.91
C HIS B 253 51.76 -15.93 8.05
N PRO B 254 52.18 -17.09 8.57
CA PRO B 254 52.14 -18.28 7.73
C PRO B 254 50.71 -18.77 7.49
N ALA B 255 50.51 -19.54 6.43
CA ALA B 255 49.16 -19.88 6.06
C ALA B 255 48.55 -20.52 7.28
N LEU B 256 47.38 -19.99 7.63
CA LEU B 256 46.53 -20.48 8.71
C LEU B 256 45.24 -21.13 8.20
N PRO B 257 44.75 -22.17 8.90
CA PRO B 257 43.44 -22.74 8.58
C PRO B 257 42.40 -21.63 8.69
N ALA B 258 41.39 -21.68 7.82
CA ALA B 258 40.38 -20.61 7.77
C ALA B 258 39.64 -20.43 9.09
N ALA B 259 39.33 -21.52 9.77
CA ALA B 259 38.60 -21.47 11.04
C ALA B 259 39.42 -20.85 12.17
N ASP B 260 40.73 -21.02 12.10
CA ASP B 260 41.63 -20.44 13.10
C ASP B 260 41.64 -18.93 12.92
N ILE B 261 41.58 -18.49 11.68
CA ILE B 261 41.44 -17.06 11.39
C ILE B 261 40.15 -16.54 12.00
N GLN B 262 39.06 -17.27 11.78
CA GLN B 262 37.77 -16.87 12.34
C GLN B 262 37.80 -16.82 13.87
N ALA B 263 38.41 -17.82 14.49
CA ALA B 263 38.58 -17.81 15.94
C ALA B 263 39.40 -16.61 16.40
N THR B 264 40.45 -16.29 15.63
CA THR B 264 41.29 -15.15 15.95
C THR B 264 40.53 -13.83 15.79
N LEU B 265 39.65 -13.77 14.78
CA LEU B 265 38.85 -12.57 14.57
C LEU B 265 37.84 -12.37 15.69
N LEU B 266 37.32 -13.47 16.22
CA LEU B 266 36.37 -13.40 17.33
C LEU B 266 37.07 -12.83 18.56
N GLU B 267 38.28 -13.31 18.81
CA GLU B 267 39.04 -12.85 19.97
C GLU B 267 39.40 -11.36 19.84
N LEU B 268 39.65 -10.90 18.62
CA LEU B 268 39.93 -9.48 18.37
C LEU B 268 38.81 -8.60 18.87
N SER B 269 37.59 -8.93 18.49
CA SER B 269 36.44 -8.18 18.95
C SER B 269 36.25 -8.31 20.46
N ALA B 270 36.38 -9.53 20.98
CA ALA B 270 36.16 -9.75 22.40
C ALA B 270 37.16 -8.97 23.24
N ARG B 271 38.42 -8.95 22.80
CA ARG B 271 39.46 -8.23 23.54
C ARG B 271 39.32 -6.72 23.34
N SER B 272 39.00 -6.30 22.13
CA SER B 272 38.92 -4.87 21.87
C SER B 272 37.77 -4.25 22.67
N ILE B 273 36.66 -4.97 22.71
CA ILE B 273 35.49 -4.56 23.47
C ILE B 273 35.77 -4.57 24.97
N SER B 274 36.25 -5.70 25.48
CA SER B 274 36.50 -5.80 26.92
C SER B 274 37.53 -4.78 27.39
N GLU B 275 38.57 -4.55 26.60
CA GLU B 275 39.62 -3.61 26.98
C GLU B 275 39.11 -2.17 27.01
N SER B 276 38.30 -1.80 26.02
CA SER B 276 37.74 -0.47 25.98
C SER B 276 36.72 -0.26 27.10
N LEU B 277 35.91 -1.28 27.37
CA LEU B 277 34.92 -1.20 28.45
C LEU B 277 35.54 -1.08 29.83
N LEU B 278 36.50 -1.96 30.12
CA LEU B 278 37.11 -1.98 31.44
C LEU B 278 37.94 -0.72 31.70
N ASP B 279 38.58 -0.20 30.66
CA ASP B 279 39.36 1.02 30.79
C ASP B 279 38.47 2.21 31.21
N ALA B 280 37.27 2.27 30.65
CA ALA B 280 36.40 3.41 30.87
C ALA B 280 35.52 3.24 32.11
N GLN B 281 35.14 2.00 32.40
CA GLN B 281 34.25 1.72 33.52
C GLN B 281 34.72 0.48 34.27
N PRO B 282 35.83 0.60 35.02
CA PRO B 282 36.43 -0.59 35.66
C PRO B 282 35.51 -1.25 36.68
N ASP B 283 34.59 -0.49 37.26
CA ASP B 283 33.70 -1.00 38.29
C ASP B 283 32.41 -1.58 37.73
N CYS B 284 32.37 -1.76 36.41
CA CYS B 284 31.16 -2.22 35.73
C CYS B 284 30.61 -3.51 36.35
N GLU B 285 29.34 -3.50 36.72
CA GLU B 285 28.72 -4.65 37.38
C GLU B 285 27.91 -5.51 36.40
N GLU B 286 27.46 -4.89 35.32
CA GLU B 286 26.60 -5.56 34.34
C GLU B 286 26.86 -5.01 32.96
N VAL B 287 27.08 -5.92 32.00
CA VAL B 287 27.16 -5.58 30.59
C VAL B 287 25.95 -6.17 29.90
N LEU B 288 25.12 -5.30 29.33
CA LEU B 288 23.87 -5.73 28.69
C LEU B 288 24.05 -5.63 27.19
N VAL B 289 23.97 -6.77 26.52
CA VAL B 289 24.38 -6.86 25.14
C VAL B 289 23.19 -6.92 24.20
N CYS B 290 23.16 -5.99 23.25
CA CYS B 290 22.13 -5.96 22.22
C CYS B 290 22.77 -5.92 20.85
N GLY B 291 21.94 -5.88 19.80
CA GLY B 291 22.45 -6.04 18.45
C GLY B 291 22.62 -7.51 18.13
N GLY B 292 22.94 -7.81 16.87
CA GLY B 292 23.01 -9.18 16.41
C GLY B 292 24.11 -9.97 17.05
N GLY B 293 25.14 -9.26 17.55
CA GLY B 293 26.26 -9.90 18.20
C GLY B 293 25.84 -10.63 19.46
N ALA B 294 24.70 -10.25 20.00
CA ALA B 294 24.20 -10.91 21.19
C ALA B 294 23.86 -12.37 20.92
N PHE B 295 23.65 -12.69 19.63
CA PHE B 295 23.32 -14.07 19.24
C PHE B 295 24.55 -14.91 18.94
N ASN B 296 25.70 -14.28 18.88
CA ASN B 296 26.94 -15.03 18.68
C ASN B 296 27.36 -15.62 20.02
N THR B 297 26.96 -16.87 20.25
CA THR B 297 27.19 -17.56 21.52
C THR B 297 28.67 -17.64 21.87
N ALA B 298 29.50 -17.89 20.87
CA ALA B 298 30.94 -18.00 21.08
C ALA B 298 31.51 -16.65 21.56
N LEU B 299 31.05 -15.56 20.95
CA LEU B 299 31.49 -14.23 21.35
C LEU B 299 31.04 -13.85 22.76
N MET B 300 29.77 -14.14 23.08
CA MET B 300 29.23 -13.84 24.41
C MET B 300 30.02 -14.56 25.48
N LYS B 301 30.38 -15.80 25.17
CA LYS B 301 31.20 -16.63 26.03
C LYS B 301 32.54 -15.95 26.31
N ARG B 302 33.20 -15.47 25.26
CA ARG B 302 34.51 -14.82 25.47
C ARG B 302 34.40 -13.50 26.22
N LEU B 303 33.35 -12.74 25.95
CA LEU B 303 33.14 -11.46 26.63
C LEU B 303 32.97 -11.69 28.14
N ALA B 304 32.21 -12.71 28.49
CA ALA B 304 32.01 -13.04 29.89
C ALA B 304 33.30 -13.49 30.58
N MET B 305 34.15 -14.20 29.85
CA MET B 305 35.42 -14.64 30.43
C MET B 305 36.38 -13.46 30.60
N LEU B 306 36.27 -12.48 29.70
CA LEU B 306 37.20 -11.34 29.71
C LEU B 306 36.77 -10.22 30.66
N MET B 307 35.52 -10.30 31.14
CA MET B 307 35.00 -9.36 32.12
C MET B 307 34.37 -10.13 33.29
N PRO B 308 35.19 -10.85 34.06
CA PRO B 308 34.70 -11.81 35.05
C PRO B 308 34.00 -11.16 36.25
N GLU B 309 34.23 -9.86 36.47
CA GLU B 309 33.61 -9.18 37.60
C GLU B 309 32.29 -8.53 37.23
N ALA B 310 31.89 -8.67 35.97
CA ALA B 310 30.62 -8.15 35.49
C ALA B 310 29.72 -9.30 35.08
N ARG B 311 28.40 -9.11 35.21
CA ARG B 311 27.46 -10.06 34.65
C ARG B 311 27.26 -9.66 33.20
N VAL B 312 27.62 -10.55 32.28
CA VAL B 312 27.50 -10.25 30.85
C VAL B 312 26.34 -11.05 30.32
N ALA B 313 25.31 -10.38 29.83
CA ALA B 313 24.10 -11.07 29.41
C ALA B 313 23.38 -10.32 28.30
N SER B 314 22.55 -11.05 27.55
CA SER B 314 21.72 -10.41 26.52
C SER B 314 20.68 -9.50 27.16
N THR B 315 20.30 -8.42 26.47
CA THR B 315 19.24 -7.55 26.97
C THR B 315 17.90 -8.30 27.08
N ASP B 316 17.82 -9.45 26.44
CA ASP B 316 16.63 -10.30 26.51
C ASP B 316 16.30 -10.70 27.95
N GLU B 317 17.35 -10.83 28.76
CA GLU B 317 17.21 -11.20 30.16
C GLU B 317 16.64 -10.05 30.97
N TYR B 318 16.60 -8.87 30.36
CA TYR B 318 16.11 -7.67 31.01
C TYR B 318 14.83 -7.17 30.32
N GLY B 319 14.25 -8.01 29.46
CA GLY B 319 12.99 -7.69 28.82
C GLY B 319 13.05 -6.92 27.51
N ILE B 320 14.25 -6.79 26.93
CA ILE B 320 14.40 -6.09 25.65
C ILE B 320 15.15 -6.99 24.66
N PRO B 321 14.44 -7.56 23.68
CA PRO B 321 15.09 -8.44 22.71
C PRO B 321 16.20 -7.71 21.92
N PRO B 322 17.39 -8.29 21.86
CA PRO B 322 18.57 -7.58 21.34
C PRO B 322 18.50 -7.16 19.86
N ALA B 323 17.76 -7.88 19.03
CA ALA B 323 17.72 -7.52 17.62
C ALA B 323 16.84 -6.30 17.39
N TRP B 324 16.05 -5.93 18.40
CA TRP B 324 14.99 -4.97 18.18
C TRP B 324 15.19 -3.69 18.96
N MET B 325 16.33 -3.61 19.66
CA MET B 325 16.64 -2.48 20.51
C MET B 325 16.59 -1.18 19.74
N GLU B 326 17.23 -1.14 18.57
CA GLU B 326 17.29 0.12 17.82
C GLU B 326 15.92 0.58 17.35
N GLY B 327 15.14 -0.35 16.80
CA GLY B 327 13.79 -0.01 16.38
C GLY B 327 12.95 0.51 17.52
N MET B 328 13.09 -0.13 18.68
CA MET B 328 12.35 0.28 19.87
C MET B 328 12.71 1.70 20.29
N ALA B 329 13.97 2.10 20.10
CA ALA B 329 14.41 3.46 20.47
C ALA B 329 13.64 4.52 19.71
N PHE B 330 13.34 4.25 18.45
CA PHE B 330 12.63 5.22 17.64
C PHE B 330 11.13 5.27 17.93
N ALA B 331 10.54 4.13 18.26
CA ALA B 331 9.19 4.13 18.81
C ALA B 331 9.13 4.96 20.09
N TRP B 332 10.11 4.76 20.95
CA TRP B 332 10.23 5.52 22.17
C TRP B 332 10.40 7.02 21.87
N LEU B 333 11.20 7.36 20.87
CA LEU B 333 11.40 8.78 20.55
C LEU B 333 10.09 9.42 20.09
N ALA B 334 9.22 8.64 19.46
CA ALA B 334 7.91 9.18 19.09
C ALA B 334 7.09 9.55 20.35
N HIS B 335 7.14 8.67 21.34
CA HIS B 335 6.51 8.91 22.64
C HIS B 335 7.09 10.17 23.31
N ARG B 336 8.42 10.28 23.33
CA ARG B 336 9.05 11.43 23.98
C ARG B 336 8.62 12.73 23.35
N PHE B 337 8.54 12.74 22.02
CA PHE B 337 8.06 13.92 21.31
C PHE B 337 6.67 14.30 21.79
N LEU B 338 5.76 13.33 21.79
CA LEU B 338 4.37 13.63 22.11
C LEU B 338 4.22 14.06 23.57
N GLU B 339 5.10 13.59 24.43
CA GLU B 339 5.06 14.00 25.84
C GLU B 339 5.89 15.27 26.11
N ARG B 340 6.53 15.79 25.07
CA ARG B 340 7.44 16.93 25.19
C ARG B 340 8.56 16.71 26.21
N LEU B 341 9.19 15.54 26.14
CA LEU B 341 10.34 15.20 26.97
C LEU B 341 11.56 15.15 26.09
N PRO B 342 12.75 15.40 26.67
CA PRO B 342 13.93 15.40 25.81
C PRO B 342 14.26 14.03 25.24
N GLY B 343 14.80 14.03 24.02
CA GLY B 343 15.12 12.79 23.33
C GLY B 343 16.61 12.61 23.13
N ASN B 344 17.39 13.66 23.35
CA ASN B 344 18.84 13.53 23.19
C ASN B 344 19.57 13.39 24.51
N CYS B 345 20.85 13.07 24.42
CA CYS B 345 21.73 13.04 25.59
C CYS B 345 22.88 13.95 25.22
N PRO B 346 22.77 15.21 25.59
CA PRO B 346 23.71 16.25 25.15
C PRO B 346 25.16 15.98 25.55
N ASP B 347 25.38 15.30 26.67
CA ASP B 347 26.74 14.92 27.02
C ASP B 347 27.32 13.95 25.99
N VAL B 348 26.46 13.22 25.31
CA VAL B 348 26.97 12.29 24.30
C VAL B 348 26.96 12.88 22.90
N THR B 349 25.96 13.70 22.58
CA THR B 349 25.85 14.27 21.24
C THR B 349 26.66 15.55 21.09
N GLY B 350 26.90 16.23 22.21
CA GLY B 350 27.61 17.48 22.20
C GLY B 350 26.71 18.70 22.01
N ALA B 351 25.40 18.48 21.99
CA ALA B 351 24.44 19.58 21.89
C ALA B 351 24.52 20.49 23.11
N LEU B 352 24.01 21.71 22.95
CA LEU B 352 24.05 22.71 24.03
C LEU B 352 23.30 22.27 25.27
N GLY B 353 22.28 21.43 25.09
CA GLY B 353 21.45 20.95 26.17
C GLY B 353 20.38 20.00 25.68
N PRO B 354 19.49 19.59 26.59
CA PRO B 354 18.39 18.69 26.24
C PRO B 354 17.43 19.33 25.23
N ARG B 355 16.91 18.54 24.29
CA ARG B 355 15.97 19.04 23.28
C ARG B 355 14.90 18.01 23.01
N THR B 356 13.68 18.47 22.71
CA THR B 356 12.66 17.58 22.16
C THR B 356 13.05 17.33 20.71
N LEU B 357 13.12 16.05 20.32
CA LEU B 357 13.56 15.67 18.97
C LEU B 357 12.43 15.23 18.06
N GLY B 358 12.53 15.57 16.78
CA GLY B 358 11.57 15.12 15.80
C GLY B 358 10.57 16.16 15.34
N ALA B 359 9.72 15.74 14.41
CA ALA B 359 8.67 16.58 13.81
C ALA B 359 7.45 15.72 13.63
N LEU B 360 6.26 16.30 13.86
CA LEU B 360 5.02 15.53 13.77
C LEU B 360 4.29 15.76 12.45
N TYR B 361 4.05 14.67 11.76
CA TYR B 361 3.25 14.64 10.54
C TYR B 361 1.98 13.83 10.83
N PRO B 362 0.87 14.54 11.13
CA PRO B 362 -0.34 13.85 11.58
C PRO B 362 -1.04 13.10 10.47
N ALA B 363 -1.67 11.98 10.80
CA ALA B 363 -2.48 11.27 9.81
C ALA B 363 -3.68 12.15 9.39
N GLY B 364 -4.36 12.65 10.37
CA GLY B 364 -5.54 13.47 10.16
C GLY B 364 -6.67 12.71 9.50
N SER B 365 -6.82 11.47 9.86
CA SER B 365 -7.74 10.65 9.09
C SER B 365 -9.20 11.17 9.11
N HIS B 366 -9.53 11.92 10.15
CA HIS B 366 -10.88 12.25 10.59
C HIS B 366 -11.65 13.29 9.82
N HIS B 367 -11.01 14.00 8.93
CA HIS B 367 -11.72 15.03 8.21
C HIS B 367 -12.83 14.38 7.36
N PRO C 2 12.37 -24.11 -13.98
CA PRO C 2 12.42 -22.86 -13.22
C PRO C 2 12.33 -23.19 -11.74
N ARG C 3 12.41 -22.19 -10.88
CA ARG C 3 12.28 -22.44 -9.45
C ARG C 3 10.89 -22.01 -8.96
N TYR C 4 10.32 -22.78 -8.06
CA TYR C 4 8.96 -22.52 -7.57
C TYR C 4 8.87 -22.66 -6.07
N LEU C 5 8.03 -21.83 -5.45
CA LEU C 5 7.67 -22.04 -4.04
C LEU C 5 6.38 -22.84 -3.93
N GLY C 6 6.26 -23.60 -2.85
CA GLY C 6 5.02 -24.29 -2.53
C GLY C 6 4.63 -23.97 -1.11
N LEU C 7 3.34 -23.71 -0.88
CA LEU C 7 2.80 -23.41 0.44
C LEU C 7 1.67 -24.37 0.74
N MET C 8 1.80 -25.11 1.83
CA MET C 8 0.76 -26.04 2.26
C MET C 8 0.52 -25.81 3.75
N SER C 9 -0.75 -25.67 4.07
CA SER C 9 -1.17 -25.66 5.47
C SER C 9 -2.32 -26.65 5.51
N GLY C 10 -2.05 -27.84 6.04
CA GLY C 10 -3.04 -28.90 6.05
C GLY C 10 -4.16 -28.70 7.05
N THR C 11 -5.04 -29.70 7.15
CA THR C 11 -6.21 -29.58 8.00
C THR C 11 -5.91 -29.78 9.50
N SER C 12 -4.67 -30.18 9.81
CA SER C 12 -4.26 -30.34 11.21
C SER C 12 -3.93 -29.01 11.90
N LEU C 13 -3.59 -28.00 11.10
CA LEU C 13 -3.42 -26.62 11.60
C LEU C 13 -2.26 -26.39 12.57
N ASP C 14 -1.22 -27.23 12.50
CA ASP C 14 -0.06 -27.01 13.35
C ASP C 14 0.80 -25.87 12.81
N GLY C 15 0.92 -25.78 11.49
CA GLY C 15 1.72 -24.72 10.91
C GLY C 15 1.79 -24.78 9.41
N MET C 16 2.63 -23.93 8.84
CA MET C 16 2.71 -23.82 7.39
C MET C 16 4.02 -24.33 6.84
N ASP C 17 3.93 -25.18 5.82
CA ASP C 17 5.12 -25.67 5.14
C ASP C 17 5.41 -24.76 3.97
N ILE C 18 6.66 -24.34 3.86
CA ILE C 18 7.08 -23.54 2.71
C ILE C 18 8.24 -24.26 2.05
N VAL C 19 8.11 -24.59 0.76
CA VAL C 19 9.21 -25.28 0.10
C VAL C 19 9.66 -24.53 -1.15
N LEU C 20 10.92 -24.74 -1.52
CA LEU C 20 11.43 -24.21 -2.76
C LEU C 20 11.95 -25.36 -3.61
N ILE C 21 11.41 -25.51 -4.81
CA ILE C 21 11.88 -26.57 -5.69
C ILE C 21 12.54 -26.01 -6.94
N GLU C 22 13.37 -26.84 -7.58
CA GLU C 22 13.79 -26.59 -8.95
C GLU C 22 13.09 -27.63 -9.82
N GLN C 23 12.50 -27.18 -10.91
CA GLN C 23 11.74 -28.03 -11.80
C GLN C 23 12.28 -27.94 -13.21
N GLY C 24 12.61 -29.09 -13.79
CA GLY C 24 12.98 -29.18 -15.18
C GLY C 24 12.55 -30.54 -15.66
N ASP C 25 13.53 -31.31 -16.09
CA ASP C 25 13.36 -32.72 -16.39
C ASP C 25 12.92 -33.41 -15.10
N ARG C 26 13.61 -33.07 -14.02
CA ARG C 26 13.34 -33.63 -12.70
C ARG C 26 12.88 -32.58 -11.70
N THR C 27 12.38 -33.05 -10.55
CA THR C 27 12.02 -32.18 -9.45
C THR C 27 13.03 -32.37 -8.31
N THR C 28 13.59 -31.26 -7.82
CA THR C 28 14.56 -31.32 -6.72
C THR C 28 14.16 -30.32 -5.64
N LEU C 29 14.36 -30.69 -4.37
CA LEU C 29 14.12 -29.73 -3.28
C LEU C 29 15.35 -28.87 -3.05
N LEU C 30 15.20 -27.56 -3.13
CA LEU C 30 16.32 -26.65 -2.90
C LEU C 30 16.35 -26.17 -1.46
N ALA C 31 15.18 -25.96 -0.87
CA ALA C 31 15.10 -25.43 0.49
C ALA C 31 13.72 -25.68 1.09
N SER C 32 13.64 -25.62 2.40
CA SER C 32 12.37 -25.79 3.06
C SER C 32 12.35 -24.98 4.35
N HIS C 33 11.15 -24.68 4.82
CA HIS C 33 10.98 -23.87 6.00
C HIS C 33 9.60 -24.17 6.58
N TYR C 34 9.52 -24.16 7.90
CA TYR C 34 8.27 -24.40 8.61
C TYR C 34 7.96 -23.22 9.50
N LEU C 35 6.70 -22.82 9.50
CA LEU C 35 6.26 -21.72 10.32
C LEU C 35 5.07 -22.18 11.14
N PRO C 36 5.20 -22.11 12.47
CA PRO C 36 4.08 -22.48 13.32
C PRO C 36 2.92 -21.50 13.13
N MET C 37 1.70 -22.00 13.30
CA MET C 37 0.55 -21.14 13.20
C MET C 37 0.09 -20.67 14.57
N PRO C 38 -0.09 -19.35 14.72
CA PRO C 38 -0.55 -18.77 15.98
C PRO C 38 -1.84 -19.45 16.48
N ALA C 39 -1.93 -19.67 17.78
CA ALA C 39 -3.08 -20.31 18.40
C ALA C 39 -4.39 -19.65 18.00
N GLY C 40 -4.40 -18.31 17.99
CA GLY C 40 -5.57 -17.57 17.58
C GLY C 40 -6.01 -17.84 16.16
N LEU C 41 -5.06 -17.95 15.24
CA LEU C 41 -5.39 -18.21 13.84
C LEU C 41 -5.95 -19.62 13.68
N ARG C 42 -5.33 -20.58 14.38
CA ARG C 42 -5.82 -21.96 14.37
C ARG C 42 -7.28 -22.03 14.83
N GLU C 43 -7.59 -21.41 15.96
CA GLU C 43 -8.96 -21.40 16.48
C GLU C 43 -9.97 -20.77 15.51
N ASP C 44 -9.58 -19.65 14.90
CA ASP C 44 -10.46 -18.93 13.99
C ASP C 44 -10.70 -19.69 12.68
N ILE C 45 -9.67 -20.36 12.18
CA ILE C 45 -9.84 -21.25 11.03
C ILE C 45 -10.78 -22.41 11.38
N LEU C 46 -10.57 -22.99 12.56
CA LEU C 46 -11.40 -24.10 13.03
C LEU C 46 -12.87 -23.71 13.11
N ALA C 47 -13.13 -22.48 13.56
CA ALA C 47 -14.51 -22.02 13.68
C ALA C 47 -15.21 -21.79 12.33
N LEU C 48 -14.42 -21.71 11.26
CA LEU C 48 -14.97 -21.56 9.91
C LEU C 48 -15.21 -22.91 9.22
N CYS C 49 -14.82 -24.02 9.86
CA CYS C 49 -14.92 -25.35 9.26
C CYS C 49 -16.30 -25.98 9.45
N VAL C 50 -17.14 -25.30 10.22
CA VAL C 50 -18.52 -25.73 10.40
C VAL C 50 -19.41 -24.51 10.15
N PRO C 51 -20.64 -24.75 9.67
CA PRO C 51 -21.49 -23.58 9.37
C PRO C 51 -21.75 -22.72 10.60
N GLY C 52 -21.69 -21.41 10.41
CA GLY C 52 -21.93 -20.46 11.47
C GLY C 52 -22.27 -19.12 10.88
N PRO C 53 -22.39 -18.09 11.73
CA PRO C 53 -22.83 -16.74 11.33
C PRO C 53 -21.73 -15.92 10.69
N ASP C 54 -22.13 -14.95 9.87
CA ASP C 54 -21.23 -13.89 9.39
C ASP C 54 -19.97 -14.46 8.74
N GLU C 55 -20.11 -15.57 8.02
CA GLU C 55 -18.94 -16.26 7.48
C GLU C 55 -18.15 -15.49 6.43
N ILE C 56 -18.83 -14.74 5.57
CA ILE C 56 -18.12 -14.02 4.51
C ILE C 56 -17.10 -13.00 5.09
N ALA C 57 -17.56 -12.17 6.02
CA ALA C 57 -16.68 -11.22 6.69
C ALA C 57 -15.63 -11.93 7.55
N ARG C 58 -16.05 -12.95 8.28
CA ARG C 58 -15.08 -13.68 9.10
C ARG C 58 -13.95 -14.30 8.27
N ALA C 59 -14.29 -14.93 7.15
CA ALA C 59 -13.31 -15.58 6.31
C ALA C 59 -12.34 -14.59 5.67
N ALA C 60 -12.85 -13.41 5.31
CA ALA C 60 -11.96 -12.40 4.75
C ALA C 60 -10.89 -11.97 5.75
N GLU C 61 -11.29 -11.72 6.99
CA GLU C 61 -10.32 -11.30 8.01
C GLU C 61 -9.35 -12.43 8.33
N VAL C 62 -9.86 -13.65 8.46
CA VAL C 62 -8.99 -14.78 8.73
C VAL C 62 -8.01 -15.01 7.59
N GLU C 63 -8.47 -14.95 6.34
CA GLU C 63 -7.56 -15.25 5.23
C GLU C 63 -6.44 -14.20 5.07
N GLN C 64 -6.68 -12.96 5.46
CA GLN C 64 -5.63 -11.95 5.39
C GLN C 64 -4.52 -12.23 6.40
N ARG C 65 -4.89 -12.75 7.57
CA ARG C 65 -3.91 -13.13 8.58
C ARG C 65 -3.08 -14.32 8.06
N TRP C 66 -3.78 -15.24 7.40
CA TRP C 66 -3.16 -16.43 6.83
C TRP C 66 -2.15 -15.99 5.77
N VAL C 67 -2.56 -15.04 4.93
CA VAL C 67 -1.68 -14.54 3.88
C VAL C 67 -0.47 -13.80 4.45
N ALA C 68 -0.66 -13.03 5.51
CA ALA C 68 0.46 -12.37 6.16
C ALA C 68 1.46 -13.40 6.69
N LEU C 69 0.94 -14.50 7.22
CA LEU C 69 1.79 -15.57 7.72
C LEU C 69 2.55 -16.21 6.57
N ALA C 70 1.84 -16.49 5.49
CA ALA C 70 2.45 -17.05 4.28
C ALA C 70 3.54 -16.14 3.71
N ALA C 71 3.27 -14.84 3.64
CA ALA C 71 4.29 -13.91 3.16
C ALA C 71 5.51 -13.93 4.07
N GLN C 72 5.28 -14.01 5.37
CA GLN C 72 6.38 -14.06 6.31
C GLN C 72 7.26 -15.29 6.02
N GLY C 73 6.60 -16.42 5.80
CA GLY C 73 7.29 -17.68 5.52
C GLY C 73 8.12 -17.64 4.25
N VAL C 74 7.52 -17.11 3.19
CA VAL C 74 8.22 -16.93 1.93
C VAL C 74 9.44 -16.02 2.08
N ARG C 75 9.24 -14.87 2.75
CA ARG C 75 10.32 -13.91 2.99
C ARG C 75 11.46 -14.59 3.75
N GLU C 76 11.10 -15.33 4.79
CA GLU C 76 12.10 -15.98 5.62
C GLU C 76 12.90 -17.03 4.86
N LEU C 77 12.23 -17.84 4.03
CA LEU C 77 12.93 -18.87 3.26
C LEU C 77 13.90 -18.22 2.28
N LEU C 78 13.45 -17.16 1.60
CA LEU C 78 14.30 -16.52 0.61
C LEU C 78 15.53 -15.90 1.27
N LEU C 79 15.34 -15.31 2.44
CA LEU C 79 16.43 -14.73 3.22
C LEU C 79 17.43 -15.81 3.63
N GLN C 80 16.91 -16.94 4.11
CA GLN C 80 17.77 -18.07 4.50
C GLN C 80 18.63 -18.50 3.31
N GLN C 81 18.03 -18.47 2.12
CA GLN C 81 18.70 -18.90 0.89
C GLN C 81 19.48 -17.78 0.20
N GLN C 82 19.48 -16.60 0.80
CA GLN C 82 20.12 -15.44 0.18
C GLN C 82 19.59 -15.23 -1.24
N MET C 83 18.25 -15.31 -1.37
CA MET C 83 17.57 -15.19 -2.67
C MET C 83 16.62 -14.02 -2.69
N SER C 84 16.48 -13.43 -3.88
CA SER C 84 15.48 -12.39 -4.10
C SER C 84 14.23 -13.00 -4.74
N PRO C 85 13.05 -12.42 -4.48
CA PRO C 85 11.81 -12.94 -5.06
C PRO C 85 11.79 -13.03 -6.58
N ASP C 86 12.59 -12.22 -7.28
CA ASP C 86 12.60 -12.27 -8.74
C ASP C 86 13.14 -13.61 -9.28
N GLU C 87 13.78 -14.39 -8.41
CA GLU C 87 14.34 -15.68 -8.82
C GLU C 87 13.30 -16.78 -8.81
N VAL C 88 12.12 -16.50 -8.29
CA VAL C 88 11.08 -17.51 -8.18
C VAL C 88 10.03 -17.28 -9.27
N ARG C 89 9.74 -18.30 -10.05
CA ARG C 89 8.79 -18.11 -11.15
C ARG C 89 7.36 -17.90 -10.66
N ALA C 90 6.99 -18.68 -9.65
CA ALA C 90 5.67 -18.61 -9.05
C ALA C 90 5.62 -19.35 -7.72
N ILE C 91 4.62 -18.97 -6.92
CA ILE C 91 4.22 -19.68 -5.71
C ILE C 91 3.00 -20.51 -6.02
N GLY C 92 3.05 -21.80 -5.68
CA GLY C 92 1.87 -22.64 -5.73
C GLY C 92 1.31 -22.68 -4.31
N SER C 93 0.16 -22.07 -4.11
CA SER C 93 -0.44 -21.99 -2.78
C SER C 93 -1.72 -22.80 -2.70
N HIS C 94 -1.77 -23.74 -1.77
CA HIS C 94 -3.01 -24.49 -1.57
C HIS C 94 -4.10 -23.60 -0.97
N GLY C 95 -3.67 -22.65 -0.15
CA GLY C 95 -4.60 -21.96 0.72
C GLY C 95 -4.97 -22.84 1.89
N GLN C 96 -6.11 -22.54 2.50
CA GLN C 96 -6.57 -23.24 3.69
C GLN C 96 -8.00 -23.67 3.52
N THR C 97 -8.23 -24.98 3.58
CA THR C 97 -9.58 -25.51 3.44
C THR C 97 -10.44 -25.18 4.65
N ILE C 98 -11.59 -24.54 4.43
CA ILE C 98 -12.56 -24.36 5.50
C ILE C 98 -13.85 -25.12 5.24
N ARG C 99 -14.02 -25.63 4.03
CA ARG C 99 -15.20 -26.44 3.71
C ARG C 99 -14.92 -27.28 2.49
N HIS C 100 -15.32 -28.55 2.53
CA HIS C 100 -15.10 -29.46 1.41
C HIS C 100 -16.30 -30.34 1.25
N GLU C 101 -17.11 -30.05 0.23
CA GLU C 101 -18.37 -30.77 0.03
C GLU C 101 -18.57 -31.12 -1.44
N PRO C 102 -17.73 -32.04 -1.96
CA PRO C 102 -17.81 -32.40 -3.38
C PRO C 102 -19.14 -33.03 -3.79
N ALA C 103 -19.84 -33.67 -2.85
CA ALA C 103 -21.17 -34.20 -3.15
C ALA C 103 -22.16 -33.06 -3.40
N ARG C 104 -21.86 -31.89 -2.88
CA ARG C 104 -22.64 -30.69 -3.16
C ARG C 104 -21.93 -29.80 -4.17
N HIS C 105 -20.90 -30.37 -4.81
CA HIS C 105 -20.16 -29.72 -5.89
C HIS C 105 -19.45 -28.43 -5.49
N PHE C 106 -18.95 -28.37 -4.26
CA PHE C 106 -18.12 -27.23 -3.88
C PHE C 106 -17.01 -27.55 -2.92
N THR C 107 -15.93 -26.78 -3.02
CA THR C 107 -14.83 -26.86 -2.10
C THR C 107 -14.29 -25.46 -1.88
N VAL C 108 -13.93 -25.14 -0.64
CA VAL C 108 -13.56 -23.77 -0.34
C VAL C 108 -12.22 -23.70 0.37
N GLN C 109 -11.23 -23.19 -0.36
CA GLN C 109 -9.90 -22.90 0.19
C GLN C 109 -9.76 -21.39 0.23
N ILE C 110 -9.46 -20.85 1.41
CA ILE C 110 -9.25 -19.39 1.53
C ILE C 110 -7.76 -19.08 1.51
N GLY C 111 -7.40 -17.80 1.38
CA GLY C 111 -5.99 -17.41 1.35
C GLY C 111 -5.67 -16.36 0.29
N ASN C 112 -6.59 -15.41 0.14
CA ASN C 112 -6.47 -14.26 -0.80
C ASN C 112 -5.20 -14.18 -1.64
N PRO C 113 -5.19 -14.88 -2.77
CA PRO C 113 -3.97 -14.96 -3.58
C PRO C 113 -3.56 -13.61 -4.17
N ALA C 114 -4.51 -12.72 -4.40
CA ALA C 114 -4.17 -11.39 -4.91
C ALA C 114 -3.34 -10.63 -3.88
N LEU C 115 -3.72 -10.75 -2.62
CA LEU C 115 -2.94 -10.14 -1.53
C LEU C 115 -1.59 -10.83 -1.39
N LEU C 116 -1.56 -12.15 -1.54
CA LEU C 116 -0.29 -12.87 -1.45
C LEU C 116 0.69 -12.41 -2.54
N ALA C 117 0.15 -12.19 -3.75
CA ALA C 117 0.96 -11.65 -4.84
C ALA C 117 1.42 -10.21 -4.56
N GLU C 118 0.51 -9.41 -4.03
CA GLU C 118 0.84 -8.02 -3.66
C GLU C 118 1.97 -7.94 -2.65
N LEU C 119 1.90 -8.78 -1.62
CA LEU C 119 2.88 -8.74 -0.53
C LEU C 119 4.22 -9.37 -0.87
N THR C 120 4.22 -10.46 -1.64
CA THR C 120 5.45 -11.20 -1.91
C THR C 120 6.19 -10.69 -3.12
N GLY C 121 5.46 -10.09 -4.07
CA GLY C 121 6.03 -9.68 -5.34
C GLY C 121 6.30 -10.83 -6.30
N ILE C 122 5.67 -11.98 -6.05
CA ILE C 122 5.83 -13.18 -6.88
C ILE C 122 4.46 -13.62 -7.41
N ASP C 123 4.37 -14.06 -8.67
CA ASP C 123 3.12 -14.61 -9.20
C ASP C 123 2.63 -15.74 -8.32
N VAL C 124 1.32 -15.81 -8.09
CA VAL C 124 0.72 -16.88 -7.29
C VAL C 124 -0.23 -17.73 -8.14
N VAL C 125 -0.06 -19.05 -8.08
CA VAL C 125 -1.07 -19.93 -8.65
C VAL C 125 -1.74 -20.60 -7.46
N ALA C 126 -3.07 -20.54 -7.39
CA ALA C 126 -3.78 -21.06 -6.23
C ALA C 126 -5.12 -21.66 -6.64
N ASP C 127 -5.93 -22.03 -5.66
CA ASP C 127 -7.28 -22.51 -5.92
C ASP C 127 -7.30 -23.76 -6.82
N PHE C 128 -6.48 -24.74 -6.46
CA PHE C 128 -6.27 -25.93 -7.30
C PHE C 128 -7.41 -26.94 -7.33
N ARG C 129 -8.22 -26.99 -6.27
CA ARG C 129 -9.24 -28.04 -6.21
C ARG C 129 -10.47 -27.74 -7.02
N ARG C 130 -10.76 -26.45 -7.23
CA ARG C 130 -12.05 -26.10 -7.83
C ARG C 130 -12.31 -26.64 -9.22
N ARG C 131 -11.31 -26.64 -10.10
CA ARG C 131 -11.55 -27.16 -11.45
C ARG C 131 -11.83 -28.67 -11.45
N ASP C 132 -11.17 -29.38 -10.55
CA ASP C 132 -11.40 -30.83 -10.49
C ASP C 132 -12.85 -31.07 -10.07
N VAL C 133 -13.32 -30.32 -9.07
CA VAL C 133 -14.73 -30.46 -8.66
C VAL C 133 -15.71 -30.08 -9.77
N ALA C 134 -15.41 -29.00 -10.49
CA ALA C 134 -16.23 -28.57 -11.62
C ALA C 134 -16.30 -29.64 -12.71
N ALA C 135 -15.24 -30.44 -12.80
CA ALA C 135 -15.16 -31.52 -13.77
C ALA C 135 -15.68 -32.84 -13.20
N GLY C 136 -16.47 -32.75 -12.14
CA GLY C 136 -17.13 -33.93 -11.60
C GLY C 136 -16.33 -34.78 -10.64
N GLY C 137 -15.13 -34.32 -10.30
CA GLY C 137 -14.27 -35.03 -9.36
C GLY C 137 -14.51 -34.61 -7.92
N GLN C 138 -13.78 -35.28 -7.02
CA GLN C 138 -13.87 -34.99 -5.59
C GLN C 138 -12.98 -33.83 -5.16
N GLY C 139 -12.09 -33.37 -6.05
CA GLY C 139 -11.19 -32.26 -5.73
C GLY C 139 -10.02 -32.71 -4.87
N ALA C 140 -9.90 -34.01 -4.70
CA ALA C 140 -8.94 -34.59 -3.80
C ALA C 140 -8.93 -36.09 -4.04
N PRO C 141 -7.79 -36.76 -3.81
CA PRO C 141 -6.52 -36.17 -3.39
C PRO C 141 -5.72 -35.64 -4.58
N LEU C 142 -4.95 -34.58 -4.36
CA LEU C 142 -4.15 -34.02 -5.44
C LEU C 142 -2.75 -34.62 -5.53
N VAL C 143 -2.19 -35.04 -4.41
CA VAL C 143 -0.80 -35.53 -4.41
C VAL C 143 -0.50 -36.71 -5.34
N PRO C 144 -1.43 -37.66 -5.53
CA PRO C 144 -1.13 -38.75 -6.46
C PRO C 144 -0.78 -38.33 -7.90
N ALA C 145 -1.26 -37.18 -8.35
CA ALA C 145 -0.84 -36.70 -9.66
C ALA C 145 0.66 -36.43 -9.68
N PHE C 146 1.17 -35.88 -8.59
CA PHE C 146 2.61 -35.62 -8.42
C PHE C 146 3.36 -36.96 -8.34
N HIS C 147 2.84 -37.90 -7.57
CA HIS C 147 3.42 -39.26 -7.52
C HIS C 147 3.56 -39.84 -8.92
N GLN C 148 2.49 -39.74 -9.71
CA GLN C 148 2.49 -40.30 -11.05
C GLN C 148 3.50 -39.60 -11.96
N ALA C 149 3.56 -38.28 -11.88
CA ALA C 149 4.52 -37.52 -12.70
C ALA C 149 5.96 -37.88 -12.37
N LEU C 150 6.23 -38.10 -11.08
CA LEU C 150 7.58 -38.41 -10.63
C LEU C 150 8.02 -39.85 -10.94
N PHE C 151 7.11 -40.80 -10.79
CA PHE C 151 7.50 -42.20 -10.65
C PHE C 151 6.81 -43.17 -11.60
N GLY C 152 5.87 -42.71 -12.42
CA GLY C 152 5.26 -43.59 -13.42
C GLY C 152 6.27 -44.04 -14.46
N ASP C 153 6.26 -45.32 -14.81
CA ASP C 153 7.23 -45.88 -15.75
C ASP C 153 6.71 -46.37 -17.11
N ASP C 154 5.65 -47.16 -17.09
CA ASP C 154 5.15 -47.86 -18.28
C ASP C 154 5.82 -49.21 -18.47
N ASP C 155 6.95 -49.39 -17.82
CA ASP C 155 7.64 -50.68 -17.81
C ASP C 155 7.79 -51.33 -16.43
N THR C 156 7.41 -50.59 -15.39
CA THR C 156 7.66 -51.01 -14.02
C THR C 156 6.48 -50.80 -13.10
N SER C 157 6.14 -51.83 -12.32
CA SER C 157 5.13 -51.69 -11.29
C SER C 157 5.75 -51.10 -10.04
N ARG C 158 5.29 -49.91 -9.67
CA ARG C 158 5.81 -49.17 -8.53
C ARG C 158 4.71 -48.79 -7.55
N ALA C 159 5.10 -48.71 -6.29
CA ALA C 159 4.21 -48.25 -5.24
C ALA C 159 4.83 -47.07 -4.53
N VAL C 160 4.09 -45.98 -4.41
CA VAL C 160 4.56 -44.85 -3.64
C VAL C 160 3.84 -44.87 -2.30
N LEU C 161 4.62 -45.13 -1.26
CA LEU C 161 4.08 -45.43 0.05
C LEU C 161 4.36 -44.27 0.98
N ASN C 162 3.28 -43.63 1.44
CA ASN C 162 3.42 -42.55 2.42
C ASN C 162 3.15 -43.11 3.81
N ILE C 163 4.17 -43.02 4.67
CA ILE C 163 4.00 -43.46 6.04
C ILE C 163 3.97 -42.21 6.90
N GLY C 164 2.76 -41.72 7.19
CA GLY C 164 2.59 -40.62 8.10
C GLY C 164 2.06 -41.18 9.39
N GLY C 165 1.13 -40.48 10.02
CA GLY C 165 0.42 -41.03 11.15
C GLY C 165 -0.20 -42.33 10.69
N PHE C 166 -0.85 -42.28 9.53
CA PHE C 166 -1.31 -43.52 8.91
C PHE C 166 -0.57 -43.79 7.60
N SER C 167 -0.71 -45.01 7.08
CA SER C 167 0.00 -45.37 5.87
C SER C 167 -0.97 -45.40 4.70
N ASN C 168 -0.56 -44.85 3.56
CA ASN C 168 -1.37 -44.96 2.35
C ASN C 168 -0.46 -45.07 1.14
N VAL C 169 -0.98 -45.64 0.06
CA VAL C 169 -0.14 -45.95 -1.08
C VAL C 169 -0.76 -45.51 -2.40
N SER C 170 0.08 -45.07 -3.33
CA SER C 170 -0.33 -44.86 -4.71
C SER C 170 0.26 -46.00 -5.52
N LEU C 171 -0.59 -46.78 -6.17
CA LEU C 171 -0.09 -47.86 -6.99
C LEU C 171 -0.01 -47.43 -8.45
N LEU C 172 1.22 -47.46 -8.97
CA LEU C 172 1.49 -47.06 -10.34
C LEU C 172 1.75 -48.31 -11.15
N SER C 173 0.67 -48.90 -11.65
CA SER C 173 0.74 -50.11 -12.44
C SER C 173 0.50 -49.77 -13.91
N PRO C 174 1.46 -50.11 -14.77
CA PRO C 174 1.32 -49.78 -16.19
C PRO C 174 0.06 -50.41 -16.77
N GLY C 175 -0.72 -49.64 -17.53
CA GLY C 175 -1.92 -50.17 -18.16
C GLY C 175 -3.13 -50.27 -17.25
N LYS C 176 -2.98 -49.84 -15.99
CA LYS C 176 -4.10 -49.81 -15.07
C LYS C 176 -4.35 -48.38 -14.67
N PRO C 177 -5.58 -48.09 -14.23
CA PRO C 177 -5.76 -46.78 -13.61
C PRO C 177 -4.96 -46.71 -12.31
N VAL C 178 -4.52 -45.51 -11.96
CA VAL C 178 -3.82 -45.29 -10.71
C VAL C 178 -4.77 -45.63 -9.56
N ARG C 179 -4.23 -46.23 -8.52
CA ARG C 179 -4.98 -46.55 -7.33
C ARG C 179 -4.37 -45.92 -6.10
N GLY C 180 -5.21 -45.64 -5.12
CA GLY C 180 -4.77 -45.13 -3.85
C GLY C 180 -5.66 -45.65 -2.75
N PHE C 181 -5.05 -46.10 -1.65
CA PHE C 181 -5.80 -46.49 -0.48
C PHE C 181 -4.93 -46.45 0.77
N ASP C 182 -5.60 -46.50 1.92
CA ASP C 182 -4.92 -46.56 3.20
C ASP C 182 -4.56 -47.99 3.52
N CYS C 183 -3.40 -48.19 4.13
CA CYS C 183 -2.91 -49.55 4.42
C CYS C 183 -3.16 -49.91 5.86
N GLY C 184 -3.27 -48.89 6.70
CA GLY C 184 -3.35 -49.12 8.13
C GLY C 184 -2.51 -48.09 8.85
N PRO C 185 -2.13 -48.41 10.09
CA PRO C 185 -1.39 -47.45 10.89
C PRO C 185 0.00 -47.23 10.29
N GLY C 186 0.55 -46.05 10.51
CA GLY C 186 1.90 -45.74 10.10
C GLY C 186 2.71 -45.53 11.37
N ASN C 187 2.93 -44.28 11.70
CA ASN C 187 3.67 -43.92 12.90
C ASN C 187 2.80 -43.74 14.14
N VAL C 188 1.48 -43.74 13.95
CA VAL C 188 0.56 -43.28 15.01
C VAL C 188 0.69 -44.00 16.36
N LEU C 189 0.79 -45.33 16.34
CA LEU C 189 0.91 -46.07 17.58
C LEU C 189 2.33 -46.08 18.14
N MET C 190 3.32 -46.25 17.27
CA MET C 190 4.71 -46.19 17.70
C MET C 190 5.01 -44.85 18.37
N ASP C 191 4.45 -43.76 17.85
CA ASP C 191 4.59 -42.46 18.50
C ASP C 191 3.89 -42.42 19.85
N ALA C 192 2.63 -42.86 19.89
CA ALA C 192 1.85 -42.78 21.12
C ALA C 192 2.48 -43.58 22.25
N TRP C 193 2.95 -44.78 21.91
CA TRP C 193 3.51 -45.69 22.89
C TRP C 193 4.82 -45.18 23.49
N ILE C 194 5.76 -44.73 22.66
CA ILE C 194 7.03 -44.24 23.20
C ILE C 194 6.85 -42.93 23.98
N HIS C 195 5.82 -42.17 23.62
CA HIS C 195 5.49 -40.95 24.36
C HIS C 195 4.91 -41.34 25.70
N HIS C 196 4.00 -42.30 25.68
CA HIS C 196 3.35 -42.74 26.91
C HIS C 196 4.34 -43.37 27.87
N GLN C 197 5.36 -44.04 27.32
CA GLN C 197 6.23 -44.85 28.15
C GLN C 197 7.55 -44.15 28.48
N ARG C 198 8.01 -43.27 27.60
CA ARG C 198 9.34 -42.68 27.75
C ARG C 198 9.36 -41.15 27.58
N GLY C 199 8.21 -40.57 27.25
CA GLY C 199 8.13 -39.13 27.07
C GLY C 199 8.79 -38.60 25.81
N GLU C 200 9.23 -39.50 24.95
CA GLU C 200 9.82 -39.10 23.68
C GLU C 200 8.73 -38.99 22.61
N HIS C 201 8.90 -38.07 21.66
CA HIS C 201 7.83 -37.81 20.70
C HIS C 201 7.73 -38.83 19.58
N PHE C 202 8.87 -39.43 19.25
CA PHE C 202 8.90 -40.56 18.33
C PHE C 202 10.08 -41.45 18.63
N ASP C 203 10.08 -42.63 18.03
CA ASP C 203 11.13 -43.61 18.21
C ASP C 203 12.18 -43.40 17.14
N ARG C 204 13.22 -42.65 17.46
CA ARG C 204 14.22 -42.29 16.46
C ARG C 204 14.90 -43.52 15.85
N ASP C 205 14.85 -43.60 14.52
CA ASP C 205 15.41 -44.70 13.75
C ASP C 205 14.75 -46.04 14.04
N GLY C 206 13.67 -46.01 14.81
CA GLY C 206 13.01 -47.22 15.28
C GLY C 206 13.88 -48.06 16.22
N ALA C 207 14.83 -47.41 16.88
CA ALA C 207 15.82 -48.10 17.71
C ALA C 207 15.21 -48.74 18.95
N TRP C 208 14.21 -48.09 19.55
CA TRP C 208 13.55 -48.67 20.72
C TRP C 208 12.85 -49.97 20.33
N ALA C 209 12.10 -49.92 19.24
CA ALA C 209 11.43 -51.09 18.69
C ALA C 209 12.43 -52.19 18.38
N ALA C 210 13.55 -51.80 17.79
CA ALA C 210 14.55 -52.77 17.39
C ALA C 210 15.17 -53.44 18.60
N SER C 211 15.04 -52.81 19.77
CA SER C 211 15.61 -53.34 21.00
C SER C 211 14.70 -54.42 21.61
N GLY C 212 13.46 -54.49 21.13
CA GLY C 212 12.50 -55.45 21.65
C GLY C 212 12.28 -56.66 20.74
N GLN C 213 11.35 -57.53 21.16
CA GLN C 213 10.97 -58.70 20.37
C GLN C 213 9.47 -58.70 20.09
N VAL C 214 9.09 -58.92 18.84
CA VAL C 214 7.69 -59.02 18.47
C VAL C 214 6.99 -60.11 19.29
N ASN C 215 5.83 -59.79 19.85
CA ASN C 215 5.04 -60.82 20.50
C ASN C 215 3.99 -61.28 19.51
N HIS C 216 4.12 -62.54 19.09
CA HIS C 216 3.31 -63.03 17.97
C HIS C 216 1.84 -63.22 18.30
N ALA C 217 1.56 -63.55 19.57
CA ALA C 217 0.18 -63.65 20.03
C ALA C 217 -0.47 -62.26 19.99
N LEU C 218 0.19 -61.27 20.58
CA LEU C 218 -0.33 -59.90 20.55
C LEU C 218 -0.51 -59.40 19.13
N LEU C 219 0.49 -59.66 18.28
CA LEU C 219 0.42 -59.26 16.86
C LEU C 219 -0.78 -59.88 16.15
N ALA C 220 -1.05 -61.15 16.43
CA ALA C 220 -2.20 -61.83 15.86
C ALA C 220 -3.52 -61.16 16.27
N SER C 221 -3.59 -60.72 17.53
CA SER C 221 -4.79 -60.05 18.03
C SER C 221 -4.99 -58.72 17.33
N LEU C 222 -3.89 -57.98 17.17
CA LEU C 222 -3.91 -56.66 16.53
C LEU C 222 -4.28 -56.76 15.04
N LEU C 223 -3.71 -57.74 14.35
CA LEU C 223 -3.96 -57.97 12.93
C LEU C 223 -5.35 -58.54 12.63
N ALA C 224 -6.02 -59.04 13.66
CA ALA C 224 -7.33 -59.65 13.48
C ALA C 224 -8.41 -58.59 13.55
N ASP C 225 -7.99 -57.34 13.80
CA ASP C 225 -8.94 -56.24 13.93
C ASP C 225 -9.69 -56.00 12.63
N GLU C 226 -10.94 -55.55 12.75
CA GLU C 226 -11.87 -55.43 11.64
C GLU C 226 -11.28 -54.67 10.45
N PHE C 227 -10.41 -53.71 10.76
CA PHE C 227 -9.85 -52.81 9.76
C PHE C 227 -9.09 -53.52 8.64
N PHE C 228 -8.30 -54.53 9.00
CA PHE C 228 -7.40 -55.16 8.03
C PHE C 228 -8.13 -56.23 7.20
N PHE C 241 -7.02 -46.33 15.31
CA PHE C 241 -5.84 -46.87 15.96
C PHE C 241 -5.31 -45.87 16.98
N ASN C 242 -5.54 -46.15 18.25
CA ASN C 242 -5.07 -45.28 19.33
C ASN C 242 -4.65 -46.04 20.58
N LEU C 243 -4.24 -45.28 21.59
CA LEU C 243 -3.72 -45.86 22.84
C LEU C 243 -4.76 -46.69 23.60
N PRO C 244 -5.98 -46.15 23.79
CA PRO C 244 -7.03 -46.98 24.40
C PRO C 244 -7.27 -48.27 23.62
N TRP C 245 -7.18 -48.21 22.30
CA TRP C 245 -7.38 -49.39 21.47
C TRP C 245 -6.30 -50.43 21.78
N LEU C 246 -5.06 -49.96 21.93
CA LEU C 246 -3.94 -50.86 22.23
C LEU C 246 -4.03 -51.46 23.64
N GLN C 247 -4.42 -50.64 24.62
CA GLN C 247 -4.54 -51.09 26.01
C GLN C 247 -5.53 -52.24 26.18
N GLU C 248 -6.59 -52.24 25.37
CA GLU C 248 -7.58 -53.31 25.43
C GLU C 248 -6.96 -54.64 25.03
N HIS C 249 -6.03 -54.58 24.09
CA HIS C 249 -5.30 -55.76 23.65
C HIS C 249 -4.26 -56.21 24.69
N LEU C 250 -3.58 -55.24 25.33
CA LEU C 250 -2.52 -55.58 26.28
C LEU C 250 -3.05 -56.32 27.51
N ALA C 251 -4.33 -56.13 27.81
CA ALA C 251 -4.91 -56.78 28.95
C ALA C 251 -5.06 -58.28 28.66
N ARG C 252 -5.12 -58.61 27.37
CA ARG C 252 -5.23 -59.99 26.93
C ARG C 252 -3.84 -60.61 26.79
N HIS C 253 -2.82 -59.75 26.81
CA HIS C 253 -1.44 -60.19 26.68
C HIS C 253 -0.57 -59.39 27.67
N PRO C 254 -0.79 -59.58 28.98
CA PRO C 254 -0.13 -58.75 30.00
C PRO C 254 1.34 -59.04 30.23
N ALA C 255 1.95 -58.18 31.04
CA ALA C 255 3.33 -58.29 31.49
C ALA C 255 4.35 -58.42 30.38
N LEU C 256 4.13 -57.69 29.29
CA LEU C 256 5.05 -57.73 28.18
C LEU C 256 5.95 -56.53 28.36
N PRO C 257 7.25 -56.67 28.09
CA PRO C 257 8.17 -55.53 28.13
C PRO C 257 7.69 -54.44 27.18
N ALA C 258 7.90 -53.18 27.55
CA ALA C 258 7.45 -52.06 26.72
C ALA C 258 8.07 -52.10 25.34
N ALA C 259 9.35 -52.45 25.27
CA ALA C 259 10.04 -52.50 24.00
C ALA C 259 9.52 -53.65 23.12
N ASP C 260 9.01 -54.71 23.76
CA ASP C 260 8.43 -55.82 23.00
C ASP C 260 7.11 -55.38 22.36
N ILE C 261 6.33 -54.63 23.12
CA ILE C 261 5.11 -54.04 22.58
C ILE C 261 5.42 -53.08 21.44
N GLN C 262 6.45 -52.24 21.61
CA GLN C 262 6.91 -51.34 20.54
C GLN C 262 7.34 -52.11 19.29
N ALA C 263 8.06 -53.21 19.47
CA ALA C 263 8.43 -54.07 18.34
C ALA C 263 7.20 -54.61 17.61
N THR C 264 6.18 -54.98 18.38
CA THR C 264 4.94 -55.52 17.83
C THR C 264 4.16 -54.46 17.08
N LEU C 265 4.20 -53.23 17.57
CA LEU C 265 3.51 -52.16 16.89
C LEU C 265 4.19 -51.88 15.55
N LEU C 266 5.51 -52.01 15.50
CA LEU C 266 6.22 -51.80 14.25
C LEU C 266 5.84 -52.88 13.24
N GLU C 267 5.76 -54.12 13.71
CA GLU C 267 5.41 -55.24 12.85
C GLU C 267 3.98 -55.11 12.36
N LEU C 268 3.13 -54.52 13.18
CA LEU C 268 1.74 -54.28 12.79
C LEU C 268 1.71 -53.40 11.54
N SER C 269 2.44 -52.29 11.57
CA SER C 269 2.53 -51.40 10.40
C SER C 269 3.14 -52.12 9.21
N ALA C 270 4.25 -52.82 9.45
CA ALA C 270 4.99 -53.46 8.36
C ALA C 270 4.16 -54.51 7.63
N ARG C 271 3.43 -55.32 8.39
CA ARG C 271 2.61 -56.39 7.83
C ARG C 271 1.35 -55.85 7.18
N SER C 272 0.76 -54.84 7.79
CA SER C 272 -0.48 -54.29 7.24
C SER C 272 -0.16 -53.66 5.90
N ILE C 273 0.98 -52.98 5.82
CA ILE C 273 1.45 -52.41 4.57
C ILE C 273 1.80 -53.49 3.54
N SER C 274 2.69 -54.40 3.92
CA SER C 274 3.15 -55.44 3.00
C SER C 274 2.01 -56.30 2.47
N GLU C 275 1.09 -56.67 3.35
CA GLU C 275 -0.03 -57.53 2.93
C GLU C 275 -0.98 -56.82 1.96
N SER C 276 -1.33 -55.57 2.24
CA SER C 276 -2.24 -54.84 1.36
C SER C 276 -1.58 -54.50 0.02
N LEU C 277 -0.30 -54.14 0.07
CA LEU C 277 0.47 -53.82 -1.13
C LEU C 277 0.60 -55.05 -2.02
N LEU C 278 0.96 -56.18 -1.42
CA LEU C 278 1.14 -57.41 -2.17
C LEU C 278 -0.19 -57.94 -2.68
N ASP C 279 -1.26 -57.74 -1.92
CA ASP C 279 -2.59 -58.17 -2.38
C ASP C 279 -3.00 -57.43 -3.64
N ALA C 280 -2.69 -56.14 -3.68
CA ALA C 280 -3.16 -55.28 -4.76
C ALA C 280 -2.23 -55.22 -5.96
N GLN C 281 -0.93 -55.33 -5.71
CA GLN C 281 0.06 -55.22 -6.78
C GLN C 281 1.11 -56.31 -6.49
N PRO C 282 0.75 -57.58 -6.72
CA PRO C 282 1.61 -58.70 -6.35
C PRO C 282 2.95 -58.65 -7.08
N ASP C 283 2.94 -57.99 -8.23
CA ASP C 283 4.08 -57.88 -9.10
C ASP C 283 4.97 -56.69 -8.79
N CYS C 284 4.70 -56.00 -7.69
CA CYS C 284 5.40 -54.76 -7.35
C CYS C 284 6.93 -54.92 -7.36
N GLU C 285 7.60 -54.08 -8.13
CA GLU C 285 9.06 -54.16 -8.26
C GLU C 285 9.78 -53.13 -7.39
N GLU C 286 9.07 -52.07 -7.03
CA GLU C 286 9.70 -50.99 -6.31
C GLU C 286 8.70 -50.36 -5.35
N VAL C 287 9.11 -50.22 -4.10
CA VAL C 287 8.33 -49.46 -3.13
C VAL C 287 9.11 -48.22 -2.72
N LEU C 288 8.54 -47.06 -3.06
CA LEU C 288 9.20 -45.78 -2.80
C LEU C 288 8.53 -45.12 -1.60
N VAL C 289 9.28 -44.95 -0.52
CA VAL C 289 8.70 -44.56 0.76
C VAL C 289 8.94 -43.09 1.08
N CYS C 290 7.85 -42.37 1.33
CA CYS C 290 7.92 -40.98 1.76
C CYS C 290 7.14 -40.85 3.06
N GLY C 291 7.02 -39.62 3.55
CA GLY C 291 6.47 -39.39 4.87
C GLY C 291 7.54 -39.63 5.92
N GLY C 292 7.25 -39.28 7.17
CA GLY C 292 8.25 -39.35 8.23
C GLY C 292 8.70 -40.76 8.55
N GLY C 293 7.84 -41.73 8.22
CA GLY C 293 8.14 -43.14 8.44
C GLY C 293 9.34 -43.62 7.65
N ALA C 294 9.67 -42.88 6.59
CA ALA C 294 10.82 -43.23 5.77
C ALA C 294 12.14 -43.15 6.55
N PHE C 295 12.12 -42.40 7.64
CA PHE C 295 13.32 -42.26 8.47
C PHE C 295 13.43 -43.33 9.53
N ASN C 296 12.38 -44.13 9.70
CA ASN C 296 12.41 -45.22 10.66
C ASN C 296 13.18 -46.41 10.07
N THR C 297 14.47 -46.47 10.40
CA THR C 297 15.37 -47.48 9.84
C THR C 297 14.86 -48.89 10.06
N ALA C 298 14.34 -49.14 11.27
CA ALA C 298 13.83 -50.46 11.64
C ALA C 298 12.59 -50.85 10.83
N LEU C 299 11.68 -49.90 10.61
CA LEU C 299 10.48 -50.17 9.81
C LEU C 299 10.84 -50.43 8.34
N MET C 300 11.75 -49.63 7.80
CA MET C 300 12.21 -49.81 6.43
C MET C 300 12.89 -51.16 6.24
N LYS C 301 13.67 -51.58 7.23
CA LYS C 301 14.31 -52.90 7.21
C LYS C 301 13.28 -54.02 7.14
N ARG C 302 12.24 -53.94 7.98
CA ARG C 302 11.19 -54.96 7.97
C ARG C 302 10.41 -54.96 6.66
N LEU C 303 10.17 -53.77 6.10
CA LEU C 303 9.43 -53.68 4.83
C LEU C 303 10.19 -54.38 3.70
N ALA C 304 11.50 -54.21 3.64
CA ALA C 304 12.32 -54.88 2.62
C ALA C 304 12.29 -56.40 2.80
N MET C 305 12.23 -56.86 4.05
CA MET C 305 12.15 -58.30 4.32
C MET C 305 10.80 -58.92 3.95
N LEU C 306 9.73 -58.15 4.07
CA LEU C 306 8.38 -58.67 3.83
C LEU C 306 7.97 -58.58 2.38
N MET C 307 8.76 -57.83 1.61
CA MET C 307 8.54 -57.68 0.18
C MET C 307 9.85 -57.94 -0.56
N PRO C 308 10.33 -59.20 -0.53
CA PRO C 308 11.67 -59.53 -1.00
C PRO C 308 11.86 -59.40 -2.51
N GLU C 309 10.76 -59.34 -3.26
CA GLU C 309 10.82 -59.22 -4.71
C GLU C 309 10.78 -57.75 -5.15
N ALA C 310 10.63 -56.85 -4.19
CA ALA C 310 10.61 -55.43 -4.49
C ALA C 310 11.80 -54.71 -3.88
N ARG C 311 12.26 -53.66 -4.54
CA ARG C 311 13.26 -52.80 -3.95
C ARG C 311 12.54 -51.76 -3.11
N VAL C 312 12.83 -51.75 -1.81
CA VAL C 312 12.18 -50.83 -0.89
C VAL C 312 13.17 -49.73 -0.52
N ALA C 313 12.83 -48.47 -0.85
CA ALA C 313 13.76 -47.38 -0.63
C ALA C 313 13.06 -46.06 -0.35
N SER C 314 13.75 -45.17 0.35
CA SER C 314 13.22 -43.83 0.60
C SER C 314 13.14 -43.07 -0.71
N THR C 315 12.16 -42.18 -0.84
CA THR C 315 12.06 -41.33 -2.03
C THR C 315 13.30 -40.41 -2.11
N ASP C 316 14.01 -40.30 -0.99
CA ASP C 316 15.26 -39.54 -0.91
C ASP C 316 16.30 -40.09 -1.88
N GLU C 317 16.23 -41.38 -2.17
CA GLU C 317 17.19 -41.98 -3.10
C GLU C 317 16.93 -41.55 -4.54
N TYR C 318 15.78 -40.92 -4.77
CA TYR C 318 15.44 -40.39 -6.09
C TYR C 318 15.38 -38.86 -6.11
N GLY C 319 15.90 -38.19 -5.07
CA GLY C 319 15.96 -36.75 -5.08
C GLY C 319 14.73 -36.06 -4.53
N ILE C 320 13.88 -36.83 -3.87
CA ILE C 320 12.65 -36.27 -3.31
C ILE C 320 12.63 -36.54 -1.82
N PRO C 321 12.97 -35.52 -1.02
CA PRO C 321 13.00 -35.69 0.45
C PRO C 321 11.64 -36.07 1.00
N PRO C 322 11.60 -37.16 1.78
CA PRO C 322 10.31 -37.75 2.17
C PRO C 322 9.40 -36.88 3.04
N ALA C 323 9.95 -35.93 3.80
CA ALA C 323 9.15 -35.08 4.69
C ALA C 323 8.41 -33.92 4.01
N TRP C 324 8.67 -33.71 2.73
CA TRP C 324 8.23 -32.48 2.06
C TRP C 324 7.33 -32.69 0.83
N MET C 325 6.79 -33.89 0.67
CA MET C 325 5.96 -34.23 -0.49
C MET C 325 4.81 -33.28 -0.77
N GLU C 326 4.03 -32.96 0.25
CA GLU C 326 2.85 -32.11 0.06
C GLU C 326 3.23 -30.72 -0.42
N GLY C 327 4.20 -30.11 0.25
CA GLY C 327 4.65 -28.82 -0.19
C GLY C 327 5.21 -28.86 -1.60
N MET C 328 6.00 -29.89 -1.91
CA MET C 328 6.56 -29.99 -3.25
C MET C 328 5.49 -30.16 -4.32
N ALA C 329 4.43 -30.90 -4.00
CA ALA C 329 3.35 -31.14 -4.95
C ALA C 329 2.71 -29.82 -5.36
N PHE C 330 2.57 -28.90 -4.40
CA PHE C 330 1.93 -27.64 -4.69
C PHE C 330 2.81 -26.68 -5.49
N ALA C 331 4.12 -26.72 -5.22
CA ALA C 331 5.06 -26.03 -6.09
C ALA C 331 5.02 -26.58 -7.52
N TRP C 332 5.00 -27.90 -7.64
CA TRP C 332 4.88 -28.58 -8.94
C TRP C 332 3.60 -28.18 -9.68
N LEU C 333 2.50 -28.03 -8.95
CA LEU C 333 1.23 -27.65 -9.56
C LEU C 333 1.29 -26.26 -10.18
N ALA C 334 2.09 -25.36 -9.60
CA ALA C 334 2.27 -24.03 -10.20
C ALA C 334 2.96 -24.17 -11.55
N HIS C 335 3.96 -25.05 -11.59
CA HIS C 335 4.67 -25.35 -12.83
C HIS C 335 3.71 -25.94 -13.86
N ARG C 336 2.89 -26.89 -13.44
CA ARG C 336 1.96 -27.52 -14.41
C ARG C 336 1.02 -26.48 -15.01
N PHE C 337 0.52 -25.60 -14.16
CA PHE C 337 -0.35 -24.53 -14.64
C PHE C 337 0.34 -23.70 -15.72
N LEU C 338 1.54 -23.21 -15.41
CA LEU C 338 2.24 -22.31 -16.30
C LEU C 338 2.68 -22.95 -17.60
N GLU C 339 2.91 -24.27 -17.57
CA GLU C 339 3.24 -25.00 -18.78
C GLU C 339 2.00 -25.51 -19.50
N ARG C 340 0.82 -25.21 -18.95
CA ARG C 340 -0.44 -25.71 -19.52
C ARG C 340 -0.48 -27.23 -19.64
N LEU C 341 -0.08 -27.88 -18.57
CA LEU C 341 -0.15 -29.33 -18.45
C LEU C 341 -1.22 -29.67 -17.42
N PRO C 342 -1.83 -30.85 -17.55
CA PRO C 342 -2.88 -31.21 -16.58
C PRO C 342 -2.28 -31.42 -15.19
N GLY C 343 -3.07 -31.13 -14.16
CA GLY C 343 -2.59 -31.22 -12.80
C GLY C 343 -3.28 -32.22 -11.90
N ASN C 344 -4.40 -32.77 -12.36
CA ASN C 344 -5.12 -33.74 -11.55
C ASN C 344 -4.85 -35.19 -11.95
N CYS C 345 -5.35 -36.12 -11.15
CA CYS C 345 -5.32 -37.55 -11.47
C CYS C 345 -6.73 -38.09 -11.40
N PRO C 346 -7.42 -38.08 -12.54
CA PRO C 346 -8.84 -38.46 -12.63
C PRO C 346 -9.09 -39.87 -12.13
N ASP C 347 -8.07 -40.74 -12.20
CA ASP C 347 -8.23 -42.09 -11.71
C ASP C 347 -8.58 -42.13 -10.22
N VAL C 348 -8.05 -41.18 -9.47
CA VAL C 348 -8.30 -41.11 -8.03
C VAL C 348 -9.31 -40.02 -7.62
N THR C 349 -9.41 -38.95 -8.41
CA THR C 349 -10.33 -37.86 -8.04
C THR C 349 -11.73 -38.13 -8.57
N GLY C 350 -11.83 -38.92 -9.64
CA GLY C 350 -13.12 -39.20 -10.24
C GLY C 350 -13.58 -38.18 -11.25
N ALA C 351 -12.72 -37.21 -11.55
CA ALA C 351 -13.05 -36.18 -12.55
C ALA C 351 -13.25 -36.79 -13.95
N LEU C 352 -13.91 -36.03 -14.84
CA LEU C 352 -14.21 -36.53 -16.18
C LEU C 352 -12.95 -36.87 -16.98
N GLY C 353 -11.87 -36.14 -16.69
CA GLY C 353 -10.62 -36.33 -17.40
C GLY C 353 -9.57 -35.37 -16.88
N PRO C 354 -8.41 -35.34 -17.56
CA PRO C 354 -7.35 -34.42 -17.14
C PRO C 354 -7.76 -32.96 -17.28
N ARG C 355 -7.36 -32.14 -16.29
CA ARG C 355 -7.69 -30.72 -16.28
C ARG C 355 -6.51 -29.91 -15.78
N THR C 356 -6.39 -28.70 -16.33
CA THR C 356 -5.47 -27.72 -15.77
C THR C 356 -6.06 -27.24 -14.45
N LEU C 357 -5.26 -27.31 -13.39
CA LEU C 357 -5.74 -26.95 -12.06
C LEU C 357 -5.18 -25.61 -11.62
N GLY C 358 -5.99 -24.82 -10.93
CA GLY C 358 -5.52 -23.56 -10.37
C GLY C 358 -5.90 -22.31 -11.15
N ALA C 359 -5.50 -21.18 -10.58
CA ALA C 359 -5.74 -19.87 -11.17
C ALA C 359 -4.53 -19.00 -10.94
N LEU C 360 -4.19 -18.16 -11.91
CA LEU C 360 -3.00 -17.32 -11.81
C LEU C 360 -3.32 -15.89 -11.38
N TYR C 361 -2.66 -15.45 -10.32
CA TYR C 361 -2.72 -14.09 -9.80
C TYR C 361 -1.34 -13.49 -9.94
N PRO C 362 -1.11 -12.71 -11.02
CA PRO C 362 0.25 -12.26 -11.28
C PRO C 362 0.70 -11.17 -10.32
N ALA C 363 1.99 -11.16 -9.99
CA ALA C 363 2.53 -10.04 -9.22
C ALA C 363 2.43 -8.74 -10.02
N GLY C 364 2.86 -8.81 -11.28
CA GLY C 364 2.84 -7.65 -12.15
C GLY C 364 3.86 -6.63 -11.67
N PRO D 2 -7.23 -9.74 -30.74
CA PRO D 2 -7.94 -10.99 -30.45
C PRO D 2 -9.41 -10.72 -30.11
N ARG D 3 -10.21 -11.78 -29.97
CA ARG D 3 -11.61 -11.62 -29.60
C ARG D 3 -11.83 -11.96 -28.13
N TYR D 4 -12.69 -11.20 -27.47
CA TYR D 4 -12.96 -11.42 -26.05
C TYR D 4 -14.43 -11.32 -25.73
N LEU D 5 -14.87 -12.14 -24.77
CA LEU D 5 -16.21 -11.96 -24.22
C LEU D 5 -16.14 -11.14 -22.94
N GLY D 6 -17.19 -10.38 -22.65
CA GLY D 6 -17.33 -9.69 -21.37
C GLY D 6 -18.68 -10.03 -20.74
N LEU D 7 -18.67 -10.31 -19.44
CA LEU D 7 -19.88 -10.66 -18.67
C LEU D 7 -19.99 -9.74 -17.48
N MET D 8 -21.11 -9.02 -17.41
CA MET D 8 -21.39 -8.13 -16.29
C MET D 8 -22.80 -8.35 -15.80
N SER D 9 -22.93 -8.50 -14.49
CA SER D 9 -24.21 -8.54 -13.84
C SER D 9 -24.11 -7.58 -12.69
N GLY D 10 -24.68 -6.40 -12.86
CA GLY D 10 -24.59 -5.35 -11.87
C GLY D 10 -25.44 -5.57 -10.63
N THR D 11 -25.42 -4.59 -9.75
CA THR D 11 -26.08 -4.70 -8.45
C THR D 11 -27.60 -4.51 -8.47
N SER D 12 -28.14 -4.13 -9.63
CA SER D 12 -29.60 -3.99 -9.77
C SER D 12 -30.29 -5.36 -9.90
N LEU D 13 -29.54 -6.35 -10.35
CA LEU D 13 -30.00 -7.75 -10.39
C LEU D 13 -31.13 -7.98 -11.40
N ASP D 14 -31.16 -7.14 -12.44
CA ASP D 14 -32.14 -7.27 -13.51
C ASP D 14 -31.76 -8.41 -14.46
N GLY D 15 -30.48 -8.50 -14.77
CA GLY D 15 -30.02 -9.51 -15.71
C GLY D 15 -28.55 -9.41 -16.00
N MET D 16 -28.10 -10.18 -16.98
CA MET D 16 -26.71 -10.24 -17.32
C MET D 16 -26.42 -9.70 -18.73
N ASP D 17 -25.42 -8.84 -18.84
CA ASP D 17 -24.95 -8.37 -20.13
C ASP D 17 -23.83 -9.27 -20.63
N ILE D 18 -23.93 -9.70 -21.90
CA ILE D 18 -22.85 -10.47 -22.51
C ILE D 18 -22.40 -9.76 -23.78
N VAL D 19 -21.10 -9.47 -23.89
CA VAL D 19 -20.59 -8.83 -25.11
C VAL D 19 -19.42 -9.57 -25.72
N LEU D 20 -19.27 -9.41 -27.03
CA LEU D 20 -18.13 -9.94 -27.76
C LEU D 20 -17.43 -8.77 -28.44
N ILE D 21 -16.14 -8.58 -28.16
CA ILE D 21 -15.39 -7.49 -28.76
C ILE D 21 -14.25 -8.02 -29.59
N GLU D 22 -13.78 -7.20 -30.52
CA GLU D 22 -12.48 -7.41 -31.15
C GLU D 22 -11.56 -6.33 -30.61
N GLN D 23 -10.39 -6.75 -30.14
CA GLN D 23 -9.45 -5.82 -29.53
C GLN D 23 -8.11 -5.81 -30.26
N GLY D 24 -7.70 -4.62 -30.70
CA GLY D 24 -6.40 -4.40 -31.31
C GLY D 24 -5.95 -3.01 -30.96
N ASP D 25 -5.74 -2.17 -31.97
CA ASP D 25 -5.51 -0.75 -31.74
C ASP D 25 -6.75 -0.17 -31.08
N ARG D 26 -7.91 -0.59 -31.58
CA ARG D 26 -9.19 -0.12 -31.09
C ARG D 26 -9.99 -1.25 -30.45
N THR D 27 -11.04 -0.86 -29.73
CA THR D 27 -11.99 -1.81 -29.17
C THR D 27 -13.25 -1.70 -30.00
N THR D 28 -13.71 -2.82 -30.55
CA THR D 28 -14.89 -2.81 -31.41
C THR D 28 -15.88 -3.83 -30.91
N LEU D 29 -17.16 -3.47 -30.87
CA LEU D 29 -18.20 -4.41 -30.47
C LEU D 29 -18.62 -5.26 -31.66
N LEU D 30 -18.51 -6.58 -31.51
CA LEU D 30 -18.90 -7.50 -32.57
C LEU D 30 -20.32 -7.99 -32.36
N ALA D 31 -20.71 -8.18 -31.11
CA ALA D 31 -22.03 -8.72 -30.80
C ALA D 31 -22.37 -8.50 -29.34
N SER D 32 -23.66 -8.60 -29.04
CA SER D 32 -24.10 -8.44 -27.66
C SER D 32 -25.36 -9.25 -27.40
N HIS D 33 -25.61 -9.52 -26.13
CA HIS D 33 -26.75 -10.34 -25.74
C HIS D 33 -27.13 -10.01 -24.30
N TYR D 34 -28.42 -10.02 -24.01
CA TYR D 34 -28.90 -9.79 -22.66
C TYR D 34 -29.74 -10.95 -22.19
N LEU D 35 -29.53 -11.34 -20.94
CA LEU D 35 -30.30 -12.43 -20.33
C LEU D 35 -30.90 -11.95 -19.01
N PRO D 36 -32.23 -12.00 -18.89
CA PRO D 36 -32.86 -11.62 -17.62
C PRO D 36 -32.45 -12.62 -16.54
N MET D 37 -32.39 -12.14 -15.29
CA MET D 37 -32.05 -13.02 -14.19
C MET D 37 -33.35 -13.54 -13.60
N PRO D 38 -33.48 -14.87 -13.48
CA PRO D 38 -34.67 -15.47 -12.88
C PRO D 38 -34.94 -14.92 -11.47
N ALA D 39 -36.20 -14.71 -11.14
CA ALA D 39 -36.59 -14.17 -9.83
C ALA D 39 -36.00 -14.95 -8.65
N GLY D 40 -35.97 -16.27 -8.74
CA GLY D 40 -35.39 -17.09 -7.68
C GLY D 40 -33.92 -16.77 -7.45
N LEU D 41 -33.18 -16.58 -8.53
CA LEU D 41 -31.75 -16.25 -8.41
C LEU D 41 -31.55 -14.85 -7.81
N ARG D 42 -32.34 -13.89 -8.27
CA ARG D 42 -32.27 -12.54 -7.73
C ARG D 42 -32.49 -12.50 -6.22
N GLU D 43 -33.55 -13.17 -5.77
CA GLU D 43 -33.86 -13.20 -4.34
C GLU D 43 -32.71 -13.84 -3.55
N ASP D 44 -32.12 -14.90 -4.08
CA ASP D 44 -31.03 -15.57 -3.40
C ASP D 44 -29.74 -14.75 -3.33
N ILE D 45 -29.46 -14.01 -4.39
CA ILE D 45 -28.32 -13.10 -4.37
C ILE D 45 -28.53 -12.01 -3.32
N LEU D 46 -29.73 -11.42 -3.31
CA LEU D 46 -30.02 -10.35 -2.37
C LEU D 46 -29.88 -10.78 -0.91
N ALA D 47 -30.26 -12.02 -0.60
CA ALA D 47 -30.18 -12.51 0.77
C ALA D 47 -28.73 -12.70 1.25
N LEU D 48 -27.80 -12.73 0.30
CA LEU D 48 -26.37 -12.80 0.60
C LEU D 48 -25.70 -11.42 0.71
N CYS D 49 -26.44 -10.36 0.43
CA CYS D 49 -25.86 -9.02 0.41
C CYS D 49 -25.78 -8.39 1.80
N VAL D 50 -26.34 -9.08 2.79
CA VAL D 50 -26.21 -8.67 4.18
C VAL D 50 -25.82 -9.89 5.00
N PRO D 51 -25.14 -9.67 6.15
CA PRO D 51 -24.68 -10.81 6.94
C PRO D 51 -25.82 -11.74 7.36
N GLY D 52 -25.58 -13.05 7.29
CA GLY D 52 -26.55 -14.05 7.68
C GLY D 52 -25.84 -15.37 7.92
N PRO D 53 -26.61 -16.44 8.17
CA PRO D 53 -26.06 -17.76 8.51
C PRO D 53 -25.62 -18.56 7.29
N ASP D 54 -24.69 -19.50 7.49
CA ASP D 54 -24.36 -20.51 6.49
C ASP D 54 -23.97 -19.89 5.15
N GLU D 55 -23.26 -18.77 5.19
CA GLU D 55 -22.92 -18.02 3.97
C GLU D 55 -21.99 -18.74 2.99
N ILE D 56 -21.01 -19.47 3.51
CA ILE D 56 -20.06 -20.16 2.64
C ILE D 56 -20.78 -21.15 1.75
N ALA D 57 -21.62 -21.99 2.35
CA ALA D 57 -22.40 -22.95 1.57
C ALA D 57 -23.42 -22.28 0.67
N ARG D 58 -24.16 -21.31 1.20
CA ARG D 58 -25.18 -20.61 0.41
C ARG D 58 -24.57 -19.89 -0.80
N ALA D 59 -23.43 -19.25 -0.60
CA ALA D 59 -22.77 -18.55 -1.70
C ALA D 59 -22.29 -19.54 -2.75
N ALA D 60 -21.83 -20.70 -2.30
CA ALA D 60 -21.41 -21.73 -3.23
C ALA D 60 -22.59 -22.20 -4.09
N GLU D 61 -23.75 -22.36 -3.47
CA GLU D 61 -24.92 -22.82 -4.22
C GLU D 61 -25.42 -21.77 -5.20
N VAL D 62 -25.49 -20.52 -4.73
CA VAL D 62 -25.94 -19.41 -5.56
C VAL D 62 -24.99 -19.16 -6.75
N GLU D 63 -23.69 -19.23 -6.52
CA GLU D 63 -22.77 -18.92 -7.60
C GLU D 63 -22.82 -19.98 -8.71
N GLN D 64 -23.23 -21.20 -8.36
CA GLN D 64 -23.37 -22.24 -9.37
C GLN D 64 -24.52 -21.93 -10.32
N ARG D 65 -25.61 -21.42 -9.76
CA ARG D 65 -26.74 -21.01 -10.57
C ARG D 65 -26.35 -19.79 -11.43
N TRP D 66 -25.62 -18.87 -10.83
CA TRP D 66 -25.17 -17.67 -11.56
C TRP D 66 -24.25 -18.09 -12.72
N VAL D 67 -23.32 -18.99 -12.47
CA VAL D 67 -22.39 -19.43 -13.53
C VAL D 67 -23.15 -20.16 -14.65
N ALA D 68 -24.18 -20.92 -14.29
CA ALA D 68 -25.00 -21.58 -15.29
C ALA D 68 -25.66 -20.55 -16.22
N LEU D 69 -26.13 -19.45 -15.64
CA LEU D 69 -26.75 -18.37 -16.42
C LEU D 69 -25.74 -17.73 -17.35
N ALA D 70 -24.54 -17.46 -16.81
CA ALA D 70 -23.46 -16.88 -17.60
C ALA D 70 -23.11 -17.78 -18.76
N ALA D 71 -23.01 -19.07 -18.49
CA ALA D 71 -22.68 -20.02 -19.55
C ALA D 71 -23.77 -20.06 -20.62
N GLN D 72 -25.03 -20.00 -20.19
CA GLN D 72 -26.17 -19.94 -21.12
C GLN D 72 -26.07 -18.73 -22.03
N GLY D 73 -25.75 -17.58 -21.44
CA GLY D 73 -25.62 -16.35 -22.22
C GLY D 73 -24.49 -16.42 -23.23
N VAL D 74 -23.34 -16.94 -22.80
CA VAL D 74 -22.23 -17.13 -23.70
C VAL D 74 -22.61 -18.07 -24.85
N ARG D 75 -23.24 -19.19 -24.53
CA ARG D 75 -23.62 -20.15 -25.54
C ARG D 75 -24.57 -19.50 -26.56
N GLU D 76 -25.53 -18.75 -26.06
CA GLU D 76 -26.53 -18.12 -26.92
C GLU D 76 -25.92 -17.04 -27.82
N LEU D 77 -25.01 -16.23 -27.27
CA LEU D 77 -24.37 -15.22 -28.10
C LEU D 77 -23.52 -15.86 -29.20
N LEU D 78 -22.74 -16.87 -28.84
CA LEU D 78 -21.89 -17.52 -29.83
C LEU D 78 -22.72 -18.23 -30.90
N LEU D 79 -23.85 -18.80 -30.51
CA LEU D 79 -24.74 -19.42 -31.49
C LEU D 79 -25.24 -18.38 -32.49
N GLN D 80 -25.67 -17.23 -31.98
CA GLN D 80 -26.17 -16.15 -32.83
C GLN D 80 -25.10 -15.71 -33.83
N GLN D 81 -23.86 -15.69 -33.37
CA GLN D 81 -22.74 -15.24 -34.18
C GLN D 81 -22.13 -16.35 -35.01
N GLN D 82 -22.67 -17.55 -34.86
CA GLN D 82 -22.15 -18.75 -35.53
C GLN D 82 -20.66 -18.94 -35.29
N MET D 83 -20.28 -18.83 -34.01
CA MET D 83 -18.89 -18.90 -33.59
C MET D 83 -18.66 -20.04 -32.58
N SER D 84 -17.50 -20.69 -32.66
CA SER D 84 -17.11 -21.72 -31.71
C SER D 84 -16.38 -21.05 -30.56
N PRO D 85 -16.46 -21.64 -29.36
CA PRO D 85 -15.69 -21.11 -28.23
C PRO D 85 -14.20 -21.05 -28.53
N ASP D 86 -13.71 -21.91 -29.44
CA ASP D 86 -12.28 -21.95 -29.81
C ASP D 86 -11.80 -20.66 -30.48
N GLU D 87 -12.76 -19.87 -30.96
CA GLU D 87 -12.44 -18.61 -31.64
C GLU D 87 -12.34 -17.41 -30.71
N VAL D 88 -12.62 -17.63 -29.42
CA VAL D 88 -12.60 -16.56 -28.43
C VAL D 88 -11.37 -16.71 -27.52
N ARG D 89 -10.60 -15.64 -27.31
CA ARG D 89 -9.38 -15.78 -26.51
C ARG D 89 -9.66 -15.97 -25.02
N ALA D 90 -10.59 -15.18 -24.49
CA ALA D 90 -10.95 -15.26 -23.08
C ALA D 90 -12.25 -14.59 -22.78
N ILE D 91 -12.87 -15.01 -21.68
CA ILE D 91 -14.00 -14.28 -21.09
C ILE D 91 -13.51 -13.43 -19.92
N GLY D 92 -13.86 -12.15 -19.91
CA GLY D 92 -13.65 -11.31 -18.74
C GLY D 92 -14.96 -11.28 -17.97
N SER D 93 -14.99 -11.91 -16.80
CA SER D 93 -16.21 -12.00 -16.01
C SER D 93 -16.13 -11.24 -14.69
N HIS D 94 -17.09 -10.33 -14.47
CA HIS D 94 -17.09 -9.60 -13.19
C HIS D 94 -17.50 -10.50 -12.04
N GLY D 95 -18.36 -11.45 -12.33
CA GLY D 95 -19.04 -12.16 -11.27
C GLY D 95 -20.15 -11.30 -10.70
N GLN D 96 -20.54 -11.59 -9.47
CA GLN D 96 -21.65 -10.93 -8.81
C GLN D 96 -21.25 -10.45 -7.42
N THR D 97 -21.36 -9.15 -7.18
CA THR D 97 -21.01 -8.60 -5.88
C THR D 97 -22.05 -8.97 -4.83
N ILE D 98 -21.61 -9.63 -3.76
CA ILE D 98 -22.48 -9.89 -2.62
C ILE D 98 -22.01 -9.16 -1.36
N ARG D 99 -20.80 -8.63 -1.39
CA ARG D 99 -20.29 -7.83 -0.27
C ARG D 99 -19.13 -6.96 -0.70
N HIS D 100 -19.14 -5.69 -0.27
CA HIS D 100 -18.09 -4.77 -0.66
C HIS D 100 -17.76 -3.87 0.52
N GLU D 101 -16.62 -4.13 1.15
CA GLU D 101 -16.23 -3.41 2.36
C GLU D 101 -14.74 -3.05 2.32
N PRO D 102 -14.37 -2.11 1.44
CA PRO D 102 -12.94 -1.75 1.30
C PRO D 102 -12.31 -1.17 2.58
N ALA D 103 -13.11 -0.57 3.45
CA ALA D 103 -12.62 -0.08 4.74
C ALA D 103 -12.14 -1.23 5.62
N ARG D 104 -12.65 -2.42 5.35
CA ARG D 104 -12.18 -3.63 6.03
C ARG D 104 -11.32 -4.48 5.11
N HIS D 105 -10.90 -3.88 4.00
CA HIS D 105 -9.96 -4.46 3.06
C HIS D 105 -10.48 -5.71 2.37
N PHE D 106 -11.78 -5.77 2.08
CA PHE D 106 -12.30 -6.89 1.31
C PHE D 106 -13.47 -6.58 0.39
N THR D 107 -13.55 -7.36 -0.69
CA THR D 107 -14.65 -7.26 -1.62
C THR D 107 -14.95 -8.67 -2.13
N VAL D 108 -16.23 -9.00 -2.29
CA VAL D 108 -16.58 -10.38 -2.60
C VAL D 108 -17.47 -10.44 -3.83
N GLN D 109 -16.90 -10.92 -4.93
CA GLN D 109 -17.68 -11.19 -6.13
C GLN D 109 -17.69 -12.70 -6.27
N ILE D 110 -18.87 -13.28 -6.36
CA ILE D 110 -19.02 -14.71 -6.60
C ILE D 110 -19.22 -14.98 -8.10
N GLY D 111 -19.08 -16.21 -8.54
CA GLY D 111 -19.02 -16.60 -9.93
C GLY D 111 -17.96 -17.62 -10.28
N ASN D 112 -17.78 -18.60 -9.41
CA ASN D 112 -16.87 -19.75 -9.67
C ASN D 112 -16.28 -19.81 -11.06
N PRO D 113 -15.17 -19.10 -11.26
CA PRO D 113 -14.56 -19.00 -12.58
C PRO D 113 -14.06 -20.34 -13.12
N ALA D 114 -13.69 -21.27 -12.24
CA ALA D 114 -13.27 -22.59 -12.70
C ALA D 114 -14.40 -23.31 -13.36
N LEU D 115 -15.58 -23.25 -12.74
CA LEU D 115 -16.78 -23.85 -13.31
C LEU D 115 -17.16 -23.15 -14.62
N LEU D 116 -17.02 -21.83 -14.67
CA LEU D 116 -17.33 -21.11 -15.90
C LEU D 116 -16.40 -21.55 -17.04
N ALA D 117 -15.13 -21.78 -16.74
CA ALA D 117 -14.21 -22.27 -17.77
C ALA D 117 -14.59 -23.68 -18.22
N GLU D 118 -14.95 -24.53 -17.26
CA GLU D 118 -15.40 -25.88 -17.58
C GLU D 118 -16.63 -25.86 -18.50
N LEU D 119 -17.59 -25.00 -18.20
CA LEU D 119 -18.85 -25.03 -18.96
C LEU D 119 -18.76 -24.40 -20.35
N THR D 120 -17.97 -23.34 -20.47
CA THR D 120 -17.89 -22.60 -21.73
C THR D 120 -16.82 -23.11 -22.67
N GLY D 121 -15.77 -23.72 -22.13
CA GLY D 121 -14.62 -24.11 -22.91
C GLY D 121 -13.73 -22.95 -23.28
N ILE D 122 -13.87 -21.84 -22.58
CA ILE D 122 -13.05 -20.65 -22.84
C ILE D 122 -12.30 -20.23 -21.59
N ASP D 123 -11.04 -19.80 -21.73
CA ASP D 123 -10.29 -19.23 -20.61
C ASP D 123 -11.10 -18.12 -19.95
N VAL D 124 -11.10 -18.09 -18.61
CA VAL D 124 -11.80 -17.03 -17.89
C VAL D 124 -10.81 -16.17 -17.10
N VAL D 125 -10.91 -14.85 -17.28
CA VAL D 125 -10.23 -13.93 -16.37
C VAL D 125 -11.32 -13.32 -15.51
N ALA D 126 -11.17 -13.39 -14.19
CA ALA D 126 -12.23 -12.91 -13.32
C ALA D 126 -11.65 -12.31 -12.05
N ASP D 127 -12.53 -11.93 -11.12
CA ASP D 127 -12.11 -11.45 -9.81
C ASP D 127 -11.20 -10.20 -9.87
N PHE D 128 -11.65 -9.22 -10.63
CA PHE D 128 -10.88 -8.02 -10.97
C PHE D 128 -10.71 -7.03 -9.83
N ARG D 129 -11.63 -7.00 -8.88
CA ARG D 129 -11.58 -5.97 -7.83
C ARG D 129 -10.58 -6.33 -6.74
N ARG D 130 -10.30 -7.62 -6.55
CA ARG D 130 -9.49 -8.02 -5.43
C ARG D 130 -8.07 -7.45 -5.36
N ARG D 131 -7.37 -7.41 -6.49
CA ARG D 131 -6.00 -6.87 -6.46
C ARG D 131 -5.98 -5.37 -6.14
N ASP D 132 -6.98 -4.63 -6.63
CA ASP D 132 -7.03 -3.20 -6.32
C ASP D 132 -7.22 -2.97 -4.82
N VAL D 133 -8.13 -3.73 -4.21
CA VAL D 133 -8.33 -3.66 -2.77
C VAL D 133 -7.06 -4.08 -2.02
N ALA D 134 -6.42 -5.14 -2.50
CA ALA D 134 -5.18 -5.62 -1.87
C ALA D 134 -4.09 -4.53 -1.90
N ALA D 135 -4.17 -3.67 -2.90
CA ALA D 135 -3.23 -2.56 -3.03
C ALA D 135 -3.73 -1.27 -2.36
N GLY D 136 -4.67 -1.41 -1.42
CA GLY D 136 -5.10 -0.26 -0.62
C GLY D 136 -6.19 0.57 -1.27
N GLY D 137 -6.71 0.11 -2.41
CA GLY D 137 -7.77 0.82 -3.11
C GLY D 137 -9.18 0.42 -2.69
N GLN D 138 -10.16 1.11 -3.28
CA GLN D 138 -11.57 0.86 -2.99
C GLN D 138 -12.12 -0.29 -3.81
N GLY D 139 -11.37 -0.71 -4.83
CA GLY D 139 -11.80 -1.81 -5.67
C GLY D 139 -12.86 -1.40 -6.66
N ALA D 140 -13.07 -0.09 -6.76
CA ALA D 140 -14.15 0.51 -7.54
C ALA D 140 -13.88 2.00 -7.58
N PRO D 141 -14.33 2.68 -8.65
CA PRO D 141 -14.98 2.12 -9.84
C PRO D 141 -13.91 1.58 -10.79
N LEU D 142 -14.23 0.52 -11.54
CA LEU D 142 -13.28 -0.03 -12.50
C LEU D 142 -13.45 0.55 -13.90
N VAL D 143 -14.69 0.88 -14.26
CA VAL D 143 -14.95 1.33 -15.63
C VAL D 143 -14.16 2.59 -16.08
N PRO D 144 -13.88 3.55 -15.16
CA PRO D 144 -13.08 4.68 -15.64
C PRO D 144 -11.71 4.34 -16.24
N ALA D 145 -11.11 3.21 -15.89
CA ALA D 145 -9.87 2.80 -16.54
C ALA D 145 -10.08 2.54 -18.04
N PHE D 146 -11.22 1.97 -18.38
CA PHE D 146 -11.61 1.72 -19.77
C PHE D 146 -11.90 3.03 -20.49
N HIS D 147 -12.62 3.92 -19.81
CA HIS D 147 -12.90 5.25 -20.35
C HIS D 147 -11.60 5.97 -20.72
N GLN D 148 -10.62 5.92 -19.82
CA GLN D 148 -9.32 6.56 -20.07
C GLN D 148 -8.58 5.91 -21.24
N ALA D 149 -8.61 4.58 -21.31
CA ALA D 149 -7.95 3.87 -22.40
C ALA D 149 -8.57 4.22 -23.74
N LEU D 150 -9.89 4.40 -23.76
CA LEU D 150 -10.59 4.68 -25.00
C LEU D 150 -10.39 6.12 -25.45
N PHE D 151 -10.46 7.06 -24.50
CA PHE D 151 -10.71 8.45 -24.88
C PHE D 151 -9.77 9.48 -24.28
N GLY D 152 -8.96 9.07 -23.31
CA GLY D 152 -8.06 10.03 -22.69
C GLY D 152 -6.86 10.40 -23.53
N ASP D 153 -6.49 11.69 -23.54
CA ASP D 153 -5.19 12.07 -24.11
C ASP D 153 -4.65 13.38 -23.52
N ASP D 154 -3.43 13.72 -23.91
CA ASP D 154 -2.73 14.90 -23.44
C ASP D 154 -3.26 16.22 -23.99
N ASP D 155 -4.09 16.16 -25.03
CA ASP D 155 -4.41 17.37 -25.76
C ASP D 155 -5.86 17.81 -25.65
N THR D 156 -6.71 16.99 -25.06
CA THR D 156 -8.13 17.27 -25.07
C THR D 156 -8.79 17.09 -23.72
N SER D 157 -9.55 18.09 -23.30
CA SER D 157 -10.36 17.96 -22.10
C SER D 157 -11.68 17.26 -22.47
N ARG D 158 -11.85 16.03 -22.01
CA ARG D 158 -13.03 15.21 -22.32
C ARG D 158 -13.72 14.71 -21.07
N ALA D 159 -15.05 14.54 -21.16
CA ALA D 159 -15.82 13.95 -20.08
C ALA D 159 -16.58 12.77 -20.66
N VAL D 160 -16.43 11.62 -20.02
CA VAL D 160 -17.19 10.44 -20.41
C VAL D 160 -18.33 10.25 -19.42
N LEU D 161 -19.54 10.42 -19.92
CA LEU D 161 -20.74 10.52 -19.10
C LEU D 161 -21.64 9.31 -19.30
N ASN D 162 -21.82 8.55 -18.22
CA ASN D 162 -22.76 7.44 -18.24
C ASN D 162 -24.10 7.86 -17.65
N ILE D 163 -25.14 7.77 -18.47
CA ILE D 163 -26.49 8.09 -17.99
C ILE D 163 -27.28 6.80 -17.88
N GLY D 164 -27.25 6.22 -16.67
CA GLY D 164 -28.01 5.02 -16.36
C GLY D 164 -29.20 5.41 -15.51
N GLY D 165 -29.54 4.57 -14.53
CA GLY D 165 -30.53 4.97 -13.54
C GLY D 165 -30.06 6.26 -12.91
N PHE D 166 -28.81 6.25 -12.46
CA PHE D 166 -28.14 7.46 -12.04
C PHE D 166 -27.03 7.78 -13.02
N SER D 167 -26.50 8.99 -12.92
CA SER D 167 -25.44 9.47 -13.82
C SER D 167 -24.10 9.52 -13.11
N ASN D 168 -23.06 9.16 -13.83
CA ASN D 168 -21.69 9.28 -13.34
C ASN D 168 -20.77 9.69 -14.47
N VAL D 169 -19.66 10.33 -14.12
CA VAL D 169 -18.79 10.87 -15.15
C VAL D 169 -17.32 10.58 -14.87
N SER D 170 -16.56 10.36 -15.95
CA SER D 170 -15.11 10.27 -15.86
C SER D 170 -14.53 11.52 -16.51
N LEU D 171 -13.80 12.30 -15.74
CA LEU D 171 -13.18 13.51 -16.28
C LEU D 171 -11.75 13.21 -16.67
N LEU D 172 -11.50 13.36 -17.97
CA LEU D 172 -10.19 13.10 -18.56
C LEU D 172 -9.55 14.43 -18.90
N SER D 173 -8.85 15.00 -17.91
CA SER D 173 -8.20 16.30 -18.03
C SER D 173 -6.70 16.14 -18.21
N PRO D 174 -6.14 16.70 -19.30
CA PRO D 174 -4.70 16.56 -19.51
C PRO D 174 -3.86 17.14 -18.37
N GLY D 175 -2.87 16.40 -17.91
CA GLY D 175 -1.98 16.85 -16.86
C GLY D 175 -2.57 16.80 -15.46
N LYS D 176 -3.81 16.32 -15.35
CA LYS D 176 -4.43 16.14 -14.04
C LYS D 176 -4.75 14.66 -13.86
N PRO D 177 -4.88 14.23 -12.60
CA PRO D 177 -5.37 12.86 -12.38
C PRO D 177 -6.80 12.69 -12.89
N VAL D 178 -7.13 11.47 -13.30
CA VAL D 178 -8.48 11.15 -13.71
C VAL D 178 -9.41 11.30 -12.52
N ARG D 179 -10.60 11.83 -12.77
CA ARG D 179 -11.58 11.92 -11.69
C ARG D 179 -12.84 11.17 -12.11
N GLY D 180 -13.54 10.60 -11.13
CA GLY D 180 -14.79 9.93 -11.45
C GLY D 180 -15.73 10.12 -10.28
N PHE D 181 -16.96 10.52 -10.59
CA PHE D 181 -17.96 10.70 -9.55
C PHE D 181 -19.40 10.65 -10.06
N ASP D 182 -20.32 10.57 -9.13
CA ASP D 182 -21.74 10.57 -9.43
C ASP D 182 -22.27 11.98 -9.62
N CYS D 183 -23.15 12.17 -10.59
CA CYS D 183 -23.66 13.51 -10.93
C CYS D 183 -25.04 13.77 -10.35
N GLY D 184 -25.81 12.69 -10.19
CA GLY D 184 -27.19 12.81 -9.79
C GLY D 184 -28.02 11.85 -10.60
N PRO D 185 -29.33 12.10 -10.66
CA PRO D 185 -30.22 11.17 -11.35
C PRO D 185 -29.92 11.11 -12.85
N GLY D 186 -30.23 9.98 -13.43
CA GLY D 186 -30.13 9.80 -14.87
C GLY D 186 -31.53 9.57 -15.40
N ASN D 187 -31.87 8.31 -15.63
CA ASN D 187 -33.19 7.90 -16.13
C ASN D 187 -34.18 7.52 -15.02
N VAL D 188 -33.69 7.42 -13.79
CA VAL D 188 -34.48 6.79 -12.72
C VAL D 188 -35.86 7.42 -12.48
N LEU D 189 -35.93 8.75 -12.43
CA LEU D 189 -37.19 9.42 -12.15
C LEU D 189 -38.08 9.50 -13.37
N MET D 190 -37.48 9.78 -14.52
CA MET D 190 -38.23 9.77 -15.77
C MET D 190 -38.87 8.40 -16.05
N ASP D 191 -38.15 7.32 -15.77
CA ASP D 191 -38.70 5.97 -15.92
C ASP D 191 -39.84 5.73 -14.95
N ALA D 192 -39.59 6.05 -13.68
CA ALA D 192 -40.57 5.79 -12.65
C ALA D 192 -41.87 6.56 -12.90
N TRP D 193 -41.73 7.81 -13.32
CA TRP D 193 -42.90 8.68 -13.52
C TRP D 193 -43.76 8.23 -14.70
N ILE D 194 -43.15 8.00 -15.85
CA ILE D 194 -43.94 7.57 -17.00
C ILE D 194 -44.51 6.16 -16.80
N HIS D 195 -43.85 5.35 -15.97
CA HIS D 195 -44.38 4.02 -15.69
C HIS D 195 -45.65 4.18 -14.83
N HIS D 196 -45.56 5.02 -13.82
CA HIS D 196 -46.67 5.23 -12.91
C HIS D 196 -47.88 5.88 -13.60
N GLN D 197 -47.61 6.71 -14.61
CA GLN D 197 -48.65 7.54 -15.17
C GLN D 197 -49.18 6.92 -16.46
N ARG D 198 -48.34 6.14 -17.12
CA ARG D 198 -48.69 5.62 -18.44
C ARG D 198 -48.39 4.14 -18.65
N GLY D 199 -47.79 3.49 -17.65
CA GLY D 199 -47.48 2.07 -17.76
C GLY D 199 -46.36 1.74 -18.73
N GLU D 200 -45.68 2.76 -19.24
CA GLU D 200 -44.56 2.54 -20.15
C GLU D 200 -43.26 2.46 -19.37
N HIS D 201 -42.31 1.65 -19.84
CA HIS D 201 -41.09 1.39 -19.07
C HIS D 201 -40.09 2.54 -19.14
N PHE D 202 -40.11 3.28 -20.24
CA PHE D 202 -39.34 4.51 -20.36
C PHE D 202 -39.96 5.49 -21.35
N ASP D 203 -39.46 6.71 -21.33
CA ASP D 203 -39.96 7.76 -22.19
C ASP D 203 -39.13 7.76 -23.46
N ARG D 204 -39.62 7.09 -24.50
CA ARG D 204 -38.87 6.91 -25.73
C ARG D 204 -38.53 8.23 -26.38
N ASP D 205 -37.23 8.44 -26.63
CA ASP D 205 -36.69 9.65 -27.22
C ASP D 205 -36.93 10.89 -26.37
N GLY D 206 -37.44 10.69 -25.15
CA GLY D 206 -37.83 11.80 -24.30
C GLY D 206 -38.98 12.61 -24.87
N ALA D 207 -39.80 11.99 -25.71
CA ALA D 207 -40.86 12.73 -26.39
C ALA D 207 -41.95 13.24 -25.44
N TRP D 208 -42.28 12.46 -24.40
CA TRP D 208 -43.28 12.90 -23.42
C TRP D 208 -42.75 14.11 -22.67
N ALA D 209 -41.50 14.01 -22.20
CA ALA D 209 -40.84 15.14 -21.54
C ALA D 209 -40.85 16.37 -22.47
N ALA D 210 -40.52 16.17 -23.73
CA ALA D 210 -40.43 17.29 -24.66
C ALA D 210 -41.76 17.96 -24.92
N SER D 211 -42.87 17.25 -24.67
CA SER D 211 -44.19 17.79 -24.93
C SER D 211 -44.65 18.71 -23.81
N GLY D 212 -43.94 18.68 -22.68
CA GLY D 212 -44.32 19.49 -21.53
C GLY D 212 -43.47 20.74 -21.37
N GLN D 213 -43.71 21.49 -20.30
CA GLN D 213 -42.90 22.65 -19.96
C GLN D 213 -42.33 22.52 -18.55
N VAL D 214 -41.04 22.76 -18.42
CA VAL D 214 -40.38 22.77 -17.11
C VAL D 214 -41.05 23.74 -16.15
N ASN D 215 -41.28 23.26 -14.92
CA ASN D 215 -41.76 24.12 -13.86
C ASN D 215 -40.59 24.53 -12.98
N HIS D 216 -40.28 25.82 -12.97
CA HIS D 216 -39.04 26.26 -12.36
C HIS D 216 -39.06 26.22 -10.84
N ALA D 217 -40.25 26.38 -10.26
CA ALA D 217 -40.38 26.24 -8.81
C ALA D 217 -40.09 24.79 -8.41
N LEU D 218 -40.72 23.85 -9.09
CA LEU D 218 -40.48 22.43 -8.79
C LEU D 218 -39.01 22.06 -9.01
N LEU D 219 -38.45 22.51 -10.12
CA LEU D 219 -37.04 22.24 -10.42
C LEU D 219 -36.08 22.74 -9.32
N ALA D 220 -36.30 23.97 -8.85
CA ALA D 220 -35.44 24.52 -7.81
C ALA D 220 -35.54 23.69 -6.53
N SER D 221 -36.74 23.21 -6.22
CA SER D 221 -36.94 22.39 -5.03
C SER D 221 -36.22 21.06 -5.16
N LEU D 222 -36.31 20.45 -6.32
CA LEU D 222 -35.67 19.16 -6.54
C LEU D 222 -34.16 19.32 -6.46
N LEU D 223 -33.63 20.40 -7.04
CA LEU D 223 -32.18 20.63 -7.02
C LEU D 223 -31.64 20.95 -5.64
N ALA D 224 -32.50 21.37 -4.73
CA ALA D 224 -32.06 21.76 -3.39
C ALA D 224 -32.13 20.59 -2.40
N ASP D 225 -32.66 19.47 -2.87
CA ASP D 225 -32.87 18.31 -2.01
C ASP D 225 -31.48 17.77 -1.59
N GLU D 226 -31.42 17.09 -0.44
CA GLU D 226 -30.17 16.77 0.25
C GLU D 226 -28.98 16.26 -0.60
N PHE D 227 -29.24 15.54 -1.69
CA PHE D 227 -28.15 14.97 -2.49
C PHE D 227 -27.16 15.97 -3.09
N PHE D 228 -27.67 17.08 -3.60
CA PHE D 228 -26.86 18.04 -4.37
C PHE D 228 -26.07 18.99 -3.47
N ARG D 240 -32.33 7.07 -2.78
CA ARG D 240 -32.94 8.32 -2.36
C ARG D 240 -34.14 8.67 -3.23
N PHE D 241 -33.95 8.55 -4.54
CA PHE D 241 -34.95 8.97 -5.52
C PHE D 241 -35.95 7.85 -5.82
N ASN D 242 -37.16 8.00 -5.30
CA ASN D 242 -38.25 7.07 -5.55
C ASN D 242 -39.59 7.79 -5.59
N LEU D 243 -40.68 7.05 -5.82
CA LEU D 243 -41.98 7.69 -6.01
C LEU D 243 -42.55 8.43 -4.78
N PRO D 244 -42.58 7.76 -3.60
CA PRO D 244 -43.05 8.49 -2.41
C PRO D 244 -42.26 9.76 -2.14
N TRP D 245 -40.96 9.72 -2.42
CA TRP D 245 -40.12 10.91 -2.26
C TRP D 245 -40.54 12.01 -3.20
N LEU D 246 -40.79 11.64 -4.46
CA LEU D 246 -41.17 12.62 -5.46
C LEU D 246 -42.56 13.20 -5.21
N GLN D 247 -43.48 12.34 -4.79
CA GLN D 247 -44.86 12.76 -4.54
C GLN D 247 -44.96 13.86 -3.46
N GLU D 248 -44.05 13.86 -2.50
CA GLU D 248 -44.08 14.92 -1.48
C GLU D 248 -43.80 16.29 -2.11
N HIS D 249 -42.93 16.30 -3.12
CA HIS D 249 -42.63 17.53 -3.85
C HIS D 249 -43.82 17.92 -4.71
N LEU D 250 -44.45 16.93 -5.34
CA LEU D 250 -45.57 17.14 -6.26
C LEU D 250 -46.80 17.68 -5.54
N ALA D 251 -46.84 17.49 -4.23
CA ALA D 251 -47.97 17.92 -3.44
C ALA D 251 -48.07 19.44 -3.45
N ARG D 252 -46.96 20.10 -3.75
CA ARG D 252 -46.93 21.56 -3.81
C ARG D 252 -47.36 22.05 -5.20
N HIS D 253 -47.61 21.10 -6.11
CA HIS D 253 -48.00 21.42 -7.48
C HIS D 253 -49.22 20.61 -7.93
N PRO D 254 -50.37 20.81 -7.26
CA PRO D 254 -51.53 19.94 -7.47
C PRO D 254 -52.16 20.12 -8.84
N ALA D 255 -51.91 21.26 -9.47
CA ALA D 255 -52.46 21.52 -10.80
C ALA D 255 -51.47 21.34 -11.94
N LEU D 256 -50.32 20.73 -11.68
CA LEU D 256 -49.31 20.65 -12.72
C LEU D 256 -49.52 19.38 -13.51
N PRO D 257 -49.62 19.53 -14.85
CA PRO D 257 -49.79 18.41 -15.78
C PRO D 257 -48.65 17.42 -15.69
N ALA D 258 -48.98 16.14 -15.89
CA ALA D 258 -47.99 15.07 -15.79
C ALA D 258 -46.83 15.30 -16.76
N ALA D 259 -47.12 15.83 -17.94
CA ALA D 259 -46.07 16.07 -18.93
C ALA D 259 -45.12 17.19 -18.50
N ASP D 260 -45.65 18.15 -17.74
CA ASP D 260 -44.82 19.22 -17.21
C ASP D 260 -43.92 18.68 -16.10
N ILE D 261 -44.46 17.77 -15.30
CA ILE D 261 -43.64 17.08 -14.30
C ILE D 261 -42.52 16.29 -14.98
N GLN D 262 -42.84 15.56 -16.04
CA GLN D 262 -41.81 14.84 -16.80
C GLN D 262 -40.75 15.79 -17.37
N ALA D 263 -41.19 16.91 -17.94
CA ALA D 263 -40.24 17.91 -18.47
C ALA D 263 -39.31 18.39 -17.37
N THR D 264 -39.87 18.57 -16.18
CA THR D 264 -39.08 19.03 -15.05
C THR D 264 -38.10 17.98 -14.57
N LEU D 265 -38.52 16.72 -14.61
CA LEU D 265 -37.63 15.64 -14.21
C LEU D 265 -36.46 15.51 -15.19
N LEU D 266 -36.71 15.75 -16.46
CA LEU D 266 -35.62 15.71 -17.45
C LEU D 266 -34.63 16.82 -17.16
N GLU D 267 -35.15 17.99 -16.85
CA GLU D 267 -34.30 19.16 -16.58
C GLU D 267 -33.47 18.96 -15.32
N LEU D 268 -34.04 18.24 -14.35
CA LEU D 268 -33.32 17.89 -13.11
C LEU D 268 -32.05 17.11 -13.43
N SER D 269 -32.17 16.08 -14.28
CA SER D 269 -31.02 15.31 -14.70
C SER D 269 -30.05 16.17 -15.51
N ALA D 270 -30.59 16.96 -16.44
CA ALA D 270 -29.72 17.75 -17.31
C ALA D 270 -28.92 18.79 -16.52
N ARG D 271 -29.58 19.44 -15.57
CA ARG D 271 -28.93 20.48 -14.78
C ARG D 271 -27.95 19.91 -13.77
N SER D 272 -28.31 18.79 -13.15
CA SER D 272 -27.41 18.21 -12.16
C SER D 272 -26.14 17.72 -12.85
N ILE D 273 -26.30 17.14 -14.04
CA ILE D 273 -25.16 16.72 -14.85
C ILE D 273 -24.32 17.90 -15.31
N SER D 274 -24.94 18.87 -15.98
CA SER D 274 -24.18 20.00 -16.51
C SER D 274 -23.45 20.78 -15.42
N GLU D 275 -24.13 21.01 -14.29
CA GLU D 275 -23.52 21.79 -13.22
C GLU D 275 -22.33 21.05 -12.60
N SER D 276 -22.49 19.75 -12.43
CA SER D 276 -21.42 18.96 -11.84
C SER D 276 -20.21 18.88 -12.78
N LEU D 277 -20.46 18.70 -14.07
CA LEU D 277 -19.37 18.62 -15.06
C LEU D 277 -18.63 19.92 -15.22
N LEU D 278 -19.39 21.00 -15.41
CA LEU D 278 -18.82 22.32 -15.65
C LEU D 278 -18.10 22.87 -14.44
N ASP D 279 -18.58 22.55 -13.25
CA ASP D 279 -17.92 23.01 -12.04
C ASP D 279 -16.52 22.42 -11.96
N ALA D 280 -16.42 21.14 -12.31
CA ALA D 280 -15.18 20.39 -12.14
C ALA D 280 -14.25 20.50 -13.35
N GLN D 281 -14.83 20.66 -14.54
CA GLN D 281 -14.04 20.70 -15.76
C GLN D 281 -14.58 21.79 -16.66
N PRO D 282 -14.36 23.06 -16.27
CA PRO D 282 -14.97 24.17 -17.02
C PRO D 282 -14.54 24.27 -18.48
N ASP D 283 -13.34 23.78 -18.76
CA ASP D 283 -12.79 23.88 -20.11
C ASP D 283 -13.18 22.66 -20.96
N CYS D 284 -14.14 21.87 -20.46
CA CYS D 284 -14.54 20.64 -21.13
C CYS D 284 -14.87 20.89 -22.60
N GLU D 285 -14.23 20.14 -23.48
CA GLU D 285 -14.43 20.34 -24.91
C GLU D 285 -15.39 19.34 -25.52
N GLU D 286 -15.54 18.19 -24.87
CA GLU D 286 -16.31 17.09 -25.44
C GLU D 286 -16.96 16.31 -24.32
N VAL D 287 -18.26 16.06 -24.43
CA VAL D 287 -18.95 15.16 -23.53
C VAL D 287 -19.38 13.95 -24.35
N LEU D 288 -18.85 12.79 -23.98
CA LEU D 288 -19.09 11.55 -24.68
C LEU D 288 -20.08 10.75 -23.85
N VAL D 289 -21.30 10.54 -24.36
CA VAL D 289 -22.39 10.02 -23.55
C VAL D 289 -22.68 8.55 -23.85
N CYS D 290 -22.65 7.75 -22.79
CA CYS D 290 -22.94 6.32 -22.90
C CYS D 290 -24.05 6.00 -21.90
N GLY D 291 -24.44 4.71 -21.84
CA GLY D 291 -25.61 4.32 -21.08
C GLY D 291 -26.87 4.62 -21.86
N GLY D 292 -28.01 4.14 -21.37
CA GLY D 292 -29.26 4.23 -22.10
C GLY D 292 -29.75 5.66 -22.28
N GLY D 293 -29.31 6.57 -21.40
CA GLY D 293 -29.69 7.96 -21.51
C GLY D 293 -29.22 8.61 -22.79
N ALA D 294 -28.19 8.02 -23.41
CA ALA D 294 -27.67 8.56 -24.66
C ALA D 294 -28.70 8.53 -25.78
N PHE D 295 -29.71 7.66 -25.62
CA PHE D 295 -30.74 7.54 -26.64
C PHE D 295 -31.90 8.49 -26.41
N ASN D 296 -31.91 9.15 -25.24
CA ASN D 296 -32.96 10.15 -24.95
C ASN D 296 -32.64 11.45 -25.66
N THR D 297 -33.23 11.61 -26.84
CA THR D 297 -32.94 12.73 -27.72
C THR D 297 -33.17 14.07 -27.03
N ALA D 298 -34.26 14.16 -26.29
CA ALA D 298 -34.61 15.41 -25.61
C ALA D 298 -33.57 15.77 -24.56
N LEU D 299 -33.12 14.78 -23.80
CA LEU D 299 -32.09 14.99 -22.78
C LEU D 299 -30.75 15.39 -23.42
N MET D 300 -30.37 14.71 -24.49
CA MET D 300 -29.14 15.04 -25.20
C MET D 300 -29.20 16.46 -25.74
N LYS D 301 -30.37 16.86 -26.26
CA LYS D 301 -30.58 18.23 -26.71
C LYS D 301 -30.36 19.24 -25.59
N ARG D 302 -30.94 18.97 -24.42
CA ARG D 302 -30.78 19.88 -23.27
C ARG D 302 -29.34 19.98 -22.78
N LEU D 303 -28.63 18.85 -22.76
CA LEU D 303 -27.23 18.86 -22.32
C LEU D 303 -26.37 19.72 -23.22
N ALA D 304 -26.63 19.65 -24.52
CA ALA D 304 -25.89 20.44 -25.47
C ALA D 304 -26.14 21.93 -25.27
N MET D 305 -27.36 22.29 -24.91
CA MET D 305 -27.68 23.70 -24.68
C MET D 305 -27.02 24.22 -23.40
N LEU D 306 -26.93 23.34 -22.41
CA LEU D 306 -26.41 23.73 -21.11
C LEU D 306 -24.89 23.70 -21.04
N MET D 307 -24.28 23.07 -22.04
CA MET D 307 -22.82 23.00 -22.14
C MET D 307 -22.41 23.44 -23.55
N PRO D 308 -22.66 24.72 -23.85
CA PRO D 308 -22.56 25.22 -25.23
C PRO D 308 -21.13 25.28 -25.75
N GLU D 309 -20.13 25.21 -24.88
CA GLU D 309 -18.72 25.21 -25.28
C GLU D 309 -18.16 23.80 -25.48
N ALA D 310 -18.97 22.78 -25.21
CA ALA D 310 -18.55 21.39 -25.39
C ALA D 310 -19.37 20.73 -26.49
N ARG D 311 -18.75 19.79 -27.21
CA ARG D 311 -19.47 18.97 -28.16
C ARG D 311 -20.08 17.79 -27.41
N VAL D 312 -21.40 17.69 -27.43
CA VAL D 312 -22.09 16.64 -26.69
C VAL D 312 -22.61 15.59 -27.65
N ALA D 313 -22.12 14.35 -27.54
CA ALA D 313 -22.50 13.31 -28.50
C ALA D 313 -22.48 11.95 -27.86
N SER D 314 -23.25 11.04 -28.43
CA SER D 314 -23.25 9.64 -28.02
C SER D 314 -21.91 8.97 -28.32
N THR D 315 -21.50 8.01 -27.48
CA THR D 315 -20.28 7.26 -27.76
C THR D 315 -20.40 6.42 -29.03
N ASP D 316 -21.63 6.25 -29.51
CA ASP D 316 -21.91 5.50 -30.74
C ASP D 316 -21.19 6.16 -31.91
N GLU D 317 -21.06 7.48 -31.84
CA GLU D 317 -20.38 8.25 -32.88
C GLU D 317 -18.87 8.06 -32.81
N TYR D 318 -18.43 7.50 -31.68
CA TYR D 318 -17.00 7.32 -31.43
C TYR D 318 -16.63 5.84 -31.42
N GLY D 319 -17.54 5.00 -31.89
CA GLY D 319 -17.28 3.58 -32.04
C GLY D 319 -17.60 2.67 -30.86
N ILE D 320 -18.31 3.19 -29.86
CA ILE D 320 -18.68 2.40 -28.68
C ILE D 320 -20.19 2.49 -28.43
N PRO D 321 -20.95 1.43 -28.74
CA PRO D 321 -22.39 1.50 -28.52
C PRO D 321 -22.70 1.76 -27.06
N PRO D 322 -23.53 2.80 -26.78
CA PRO D 322 -23.70 3.29 -25.41
C PRO D 322 -24.29 2.29 -24.41
N ALA D 323 -25.13 1.36 -24.86
CA ALA D 323 -25.70 0.41 -23.91
C ALA D 323 -24.70 -0.67 -23.49
N TRP D 324 -23.57 -0.76 -24.17
CA TRP D 324 -22.69 -1.92 -23.98
C TRP D 324 -21.33 -1.54 -23.47
N MET D 325 -21.16 -0.25 -23.19
CA MET D 325 -19.91 0.28 -22.68
C MET D 325 -19.43 -0.50 -21.48
N GLU D 326 -20.33 -0.73 -20.54
CA GLU D 326 -20.00 -1.41 -19.30
C GLU D 326 -19.53 -2.87 -19.49
N GLY D 327 -20.28 -3.64 -20.27
CA GLY D 327 -19.88 -5.01 -20.56
C GLY D 327 -18.56 -5.07 -21.28
N MET D 328 -18.36 -4.13 -22.20
CA MET D 328 -17.12 -4.07 -22.97
C MET D 328 -15.91 -3.85 -22.08
N ALA D 329 -16.09 -3.12 -20.98
CA ALA D 329 -14.99 -2.86 -20.05
C ALA D 329 -14.44 -4.15 -19.49
N PHE D 330 -15.32 -5.11 -19.23
CA PHE D 330 -14.86 -6.36 -18.66
C PHE D 330 -14.16 -7.27 -19.66
N ALA D 331 -14.62 -7.25 -20.90
CA ALA D 331 -13.89 -7.88 -21.98
C ALA D 331 -12.50 -7.27 -22.14
N TRP D 332 -12.46 -5.95 -22.09
CA TRP D 332 -11.19 -5.22 -22.15
C TRP D 332 -10.26 -5.61 -21.01
N LEU D 333 -10.82 -5.76 -19.81
CA LEU D 333 -10.02 -6.14 -18.65
C LEU D 333 -9.36 -7.52 -18.81
N ALA D 334 -10.02 -8.44 -19.51
CA ALA D 334 -9.39 -9.75 -19.79
C ALA D 334 -8.20 -9.56 -20.70
N HIS D 335 -8.36 -8.69 -21.69
CA HIS D 335 -7.26 -8.35 -22.59
C HIS D 335 -6.10 -7.74 -21.81
N ARG D 336 -6.40 -6.80 -20.90
CA ARG D 336 -5.35 -6.16 -20.14
C ARG D 336 -4.57 -7.16 -19.30
N PHE D 337 -5.27 -8.10 -18.67
CA PHE D 337 -4.61 -9.15 -17.90
C PHE D 337 -3.62 -9.92 -18.78
N LEU D 338 -4.11 -10.40 -19.92
CA LEU D 338 -3.32 -11.25 -20.78
C LEU D 338 -2.13 -10.52 -21.40
N GLU D 339 -2.26 -9.22 -21.56
CA GLU D 339 -1.15 -8.42 -22.09
C GLU D 339 -0.21 -7.95 -20.99
N ARG D 340 -0.53 -8.32 -19.75
CA ARG D 340 0.19 -7.82 -18.58
C ARG D 340 0.28 -6.30 -18.53
N LEU D 341 -0.85 -5.63 -18.76
CA LEU D 341 -0.96 -4.18 -18.65
C LEU D 341 -1.81 -3.85 -17.43
N PRO D 342 -1.61 -2.68 -16.82
CA PRO D 342 -2.41 -2.41 -15.63
C PRO D 342 -3.88 -2.23 -15.97
N GLY D 343 -4.76 -2.62 -15.06
CA GLY D 343 -6.18 -2.61 -15.34
C GLY D 343 -6.98 -1.65 -14.50
N ASN D 344 -6.37 -1.12 -13.44
CA ASN D 344 -7.07 -0.17 -12.57
C ASN D 344 -6.73 1.27 -12.92
N CYS D 345 -7.45 2.18 -12.28
CA CYS D 345 -7.19 3.59 -12.39
C CYS D 345 -6.99 4.10 -10.96
N PRO D 346 -5.75 4.04 -10.46
CA PRO D 346 -5.50 4.37 -9.05
C PRO D 346 -5.93 5.78 -8.69
N ASP D 347 -6.01 6.67 -9.68
CA ASP D 347 -6.46 8.03 -9.43
C ASP D 347 -7.86 8.06 -8.83
N VAL D 348 -8.69 7.12 -9.28
CA VAL D 348 -10.07 7.04 -8.83
C VAL D 348 -10.30 5.98 -7.76
N THR D 349 -9.49 4.91 -7.76
CA THR D 349 -9.69 3.85 -6.77
C THR D 349 -8.96 4.11 -5.45
N GLY D 350 -7.90 4.92 -5.50
CA GLY D 350 -7.15 5.21 -4.29
C GLY D 350 -6.08 4.16 -4.02
N ALA D 351 -5.90 3.22 -4.94
CA ALA D 351 -4.86 2.19 -4.79
C ALA D 351 -3.46 2.79 -4.79
N LEU D 352 -2.50 2.01 -4.29
CA LEU D 352 -1.12 2.46 -4.17
C LEU D 352 -0.50 2.81 -5.52
N GLY D 353 -0.93 2.13 -6.57
CA GLY D 353 -0.41 2.38 -7.90
C GLY D 353 -1.09 1.48 -8.91
N PRO D 354 -0.64 1.54 -10.17
CA PRO D 354 -1.23 0.64 -11.18
C PRO D 354 -1.01 -0.83 -10.85
N ARG D 355 -2.01 -1.66 -11.12
CA ARG D 355 -1.93 -3.08 -10.84
C ARG D 355 -2.59 -3.88 -11.97
N THR D 356 -2.06 -5.08 -12.20
CA THR D 356 -2.76 -6.04 -13.04
C THR D 356 -3.96 -6.58 -12.27
N LEU D 357 -5.12 -6.51 -12.90
CA LEU D 357 -6.35 -6.94 -12.24
C LEU D 357 -6.85 -8.26 -12.77
N GLY D 358 -7.38 -9.07 -11.87
CA GLY D 358 -7.99 -10.34 -12.24
C GLY D 358 -7.13 -11.57 -11.98
N ALA D 359 -7.72 -12.73 -12.26
CA ALA D 359 -7.07 -14.02 -12.12
C ALA D 359 -7.46 -14.88 -13.31
N LEU D 360 -6.52 -15.67 -13.81
CA LEU D 360 -6.79 -16.48 -15.00
C LEU D 360 -7.12 -17.93 -14.65
N TYR D 361 -8.27 -18.37 -15.13
CA TYR D 361 -8.69 -19.75 -15.00
C TYR D 361 -8.76 -20.33 -16.40
N PRO D 362 -7.71 -21.05 -16.83
CA PRO D 362 -7.69 -21.52 -18.21
C PRO D 362 -8.72 -22.63 -18.46
N ALA D 363 -9.28 -22.65 -19.67
CA ALA D 363 -10.13 -23.76 -20.10
C ALA D 363 -9.27 -25.04 -20.20
N GLY D 364 -8.09 -24.89 -20.80
CA GLY D 364 -7.17 -26.01 -20.99
C GLY D 364 -7.71 -27.02 -21.97
C1 AH0 E . 4.22 29.59 -6.42
C2 AH0 E . 3.74 28.76 -5.22
N2 AH0 E . 4.01 27.35 -5.45
C7 AH0 E . 5.06 26.72 -4.95
O7 AH0 E . 5.87 27.29 -4.21
C8 AH0 E . 5.21 25.28 -5.32
C3 AH0 E . 2.25 29.01 -4.97
O3 AH0 E . 2.17 29.99 -3.93
C4 AH0 E . 1.38 29.38 -6.16
O4 AH0 E . 0.86 28.19 -6.74
C5 AH0 E . 2.20 30.13 -7.20
O5 AH0 E . 3.37 29.34 -7.52
C6 AH0 E . 2.85 31.41 -6.67
O6 AH0 E . 4.11 30.97 -6.15
CA AH0 E . 0.91 30.57 -3.56
CB AH0 E . 1.16 31.61 -2.49
C AH0 E . 0.01 29.50 -3.01
O AH0 E . 0.42 28.42 -2.59
OXT AH0 E . -1.26 29.84 -3.01
PB ACP F . 4.06 41.03 -4.89
O1B ACP F . 4.70 41.23 -3.53
O2B ACP F . 3.20 39.73 -4.97
C3B ACP F . 5.22 41.04 -6.28
PA ACP F . 1.65 42.29 -5.89
O1A ACP F . 0.45 41.68 -5.27
O2A ACP F . 1.92 41.62 -7.24
O3A ACP F . 3.01 42.20 -5.09
O5' ACP F . 1.42 43.87 -6.09
C5' ACP F . 2.46 44.78 -6.49
C4' ACP F . 1.81 45.65 -7.54
O4' ACP F . 0.59 46.19 -7.00
C3' ACP F . 2.58 46.87 -8.00
O3' ACP F . 3.55 46.52 -8.97
C2' ACP F . 1.45 47.71 -8.61
O2' ACP F . 1.13 47.25 -9.91
C1' ACP F . 0.29 47.41 -7.65
N9 ACP F . 0.09 48.46 -6.65
C8 ACP F . 0.47 48.47 -5.34
N7 ACP F . 0.20 49.59 -4.72
C5 ACP F . -0.41 50.36 -5.70
C6 ACP F . -0.94 51.68 -5.68
N6 ACP F . -0.94 52.46 -4.59
N1 ACP F . -1.48 52.15 -6.81
C2 ACP F . -1.50 51.36 -7.90
N3 ACP F . -1.03 50.12 -8.03
C4 ACP F . -0.50 49.68 -6.89
C1 AH0 G . 24.72 5.50 12.10
C2 AH0 G . 23.68 6.43 12.73
N2 AH0 G . 23.88 7.81 12.29
C7 AH0 G . 23.15 8.38 11.32
O7 AH0 G . 22.26 7.77 10.72
C8 AH0 G . 23.49 9.81 11.00
C3 AH0 G . 23.68 6.30 14.25
O3 AH0 G . 22.59 5.41 14.55
C4 AH0 G . 24.97 5.85 14.93
O4 AH0 G . 25.74 7.00 15.26
C5 AH0 G . 25.79 4.97 13.98
O5 AH0 G . 25.97 5.69 12.74
C6 AH0 G . 25.06 3.73 13.51
O6 AH0 G . 24.39 4.14 12.30
CA AH0 G . 22.35 4.82 15.83
CB AH0 G . 21.08 4.00 15.71
C AH0 G . 22.15 5.86 16.91
O AH0 G . 22.43 5.62 18.08
OXT AH0 G . 21.65 6.98 16.51
PB ACP H . 21.49 -4.52 11.74
O1B ACP H . 19.98 -4.52 11.77
O2B ACP H . 22.14 -4.78 10.33
C3B ACP H . 22.05 -2.94 12.41
PA ACP H . 23.19 -5.79 13.64
O1A ACP H . 24.31 -4.94 13.16
O2A ACP H . 22.82 -5.40 15.07
O3A ACP H . 21.97 -5.68 12.68
O5' ACP H . 23.62 -7.30 13.52
C5' ACP H . 23.95 -7.80 12.22
C4' ACP H . 25.04 -8.81 12.43
O4' ACP H . 24.68 -9.61 13.58
C3' ACP H . 25.21 -9.83 11.32
O3' ACP H . 25.97 -9.30 10.24
C2' ACP H . 25.92 -10.98 12.05
O2' ACP H . 27.33 -10.80 12.08
C1' ACP H . 25.35 -10.86 13.47
N9 ACP H . 24.41 -11.93 13.82
C8 ACP H . 23.05 -11.95 13.70
N7 ACP H . 22.51 -13.10 14.03
C5 ACP H . 23.60 -13.88 14.40
C6 ACP H . 23.71 -15.22 14.85
N6 ACP H . 22.66 -16.03 15.02
N1 ACP H . 24.94 -15.69 15.12
C2 ACP H . 25.99 -14.87 14.96
N3 ACP H . 26.01 -13.61 14.55
C4 ACP H . 24.78 -13.17 14.28
C1 AH0 I . -7.38 -33.10 3.23
C2 AH0 I . -7.09 -32.56 1.82
N2 AH0 I . -8.33 -32.15 1.17
C7 AH0 I . -8.80 -30.91 1.25
O7 AH0 I . -8.17 -30.01 1.80
C8 AH0 I . -10.15 -30.67 0.63
C3 AH0 I . -6.33 -33.58 0.98
O3 AH0 I . -4.96 -33.13 0.94
C4 AH0 I . -6.51 -35.05 1.33
O4 AH0 I . -7.59 -35.57 0.59
C5 AH0 I . -6.83 -35.21 2.82
O5 AH0 I . -7.98 -34.37 3.13
C6 AH0 I . -5.77 -34.63 3.75
O6 AH0 I . -6.19 -33.26 3.96
CA AH0 I . -3.90 -33.94 0.35
CB AH0 I . -2.56 -33.29 0.60
C AH0 I . -4.08 -34.14 -1.14
O AH0 I . -3.49 -35.03 -1.70
OXT AH0 I . -4.89 -33.31 -1.75
PB ACP J . 3.15 -35.01 9.43
O1B ACP J . 3.20 -34.59 10.87
O2B ACP J . 3.24 -33.83 8.41
C3B ACP J . 1.74 -36.03 9.01
PA ACP J . 4.71 -37.43 9.24
O1A ACP J . 3.76 -38.28 9.99
O2A ACP J . 4.72 -37.83 7.76
O3A ACP J . 4.43 -35.89 9.17
O5' ACP J . 6.20 -37.51 9.93
C5' ACP J . 6.43 -37.24 11.32
C4' ACP J . 6.65 -38.59 11.96
O4' ACP J . 7.73 -39.25 11.28
C3' ACP J . 7.09 -38.58 13.41
O3' ACP J . 5.98 -38.41 14.28
C2' ACP J . 7.76 -39.95 13.55
O2' ACP J . 6.80 -40.96 13.79
C1' ACP J . 8.39 -40.14 12.16
N9 ACP J . 9.82 -39.89 12.11
C8 ACP J . 10.45 -38.74 11.71
N7 ACP J . 11.76 -38.80 11.79
C5 ACP J . 12.00 -40.07 12.27
C6 ACP J . 13.19 -40.76 12.59
N6 ACP J . 14.41 -40.23 12.44
N1 ACP J . 13.09 -42.01 13.09
C2 ACP J . 11.87 -42.55 13.23
N3 ACP J . 10.68 -42.00 12.94
C4 ACP J . 10.82 -40.77 12.47
C1 AH0 K . -21.30 -1.00 -7.90
C2 AH0 K . -19.93 -1.50 -8.36
N2 AH0 K . -19.10 -1.91 -7.23
C7 AH0 K . -19.04 -3.17 -6.81
O7 AH0 K . -19.63 -4.09 -7.41
C8 AH0 K . -18.21 -3.43 -5.59
C3 AH0 K . -19.24 -0.46 -9.23
O3 AH0 K . -19.56 -0.84 -10.59
C4 AH0 K . -19.57 1.00 -8.97
O4 AH0 K . -18.66 1.55 -8.03
C5 AH0 K . -21.00 1.14 -8.43
O5 AH0 K . -21.16 0.27 -7.29
C6 AH0 K . -22.06 0.57 -9.37
O6 AH0 K . -22.15 -0.81 -9.01
CA AH0 K . -19.08 -0.08 -11.72
CB AH0 K . -19.54 -0.77 -12.98
C AH0 K . -17.56 0.02 -11.74
O AH0 K . -16.83 -0.74 -11.15
OXT AH0 K . -17.13 1.00 -12.50
PG ACP L . -28.75 -1.87 -14.82
O1G ACP L . -28.79 -1.30 -13.44
O2G ACP L . -29.48 -3.22 -14.99
O3G ACP L . -27.32 -2.02 -15.39
PB ACP L . -28.64 -0.28 -17.32
O1B ACP L . -27.41 0.51 -16.98
O2B ACP L . -28.41 -1.56 -18.21
C3B ACP L . -29.59 -0.74 -15.89
PA ACP L . -29.52 2.15 -18.54
O1A ACP L . -30.08 3.08 -17.54
O2A ACP L . -28.06 2.53 -18.82
O3A ACP L . -29.57 0.65 -18.17
O5' ACP L . -30.42 2.19 -19.86
C5' ACP L . -31.78 1.73 -19.78
C4' ACP L . -32.56 3.02 -19.75
O4' ACP L . -32.14 3.81 -20.87
C3' ACP L . -34.06 2.92 -19.91
O3' ACP L . -34.68 2.57 -18.68
C2' ACP L . -34.41 4.33 -20.40
O2' ACP L . -34.56 5.26 -19.34
C1' ACP L . -33.19 4.69 -21.24
N9 ACP L . -33.40 4.55 -22.67
C8 ACP L . -33.06 3.50 -23.48
N7 ACP L . -33.45 3.63 -24.72
C5 ACP L . -34.11 4.86 -24.74
C6 ACP L . -34.76 5.58 -25.75
N6 ACP L . -34.90 5.13 -27.01
N1 ACP L . -35.28 6.78 -25.43
C2 ACP L . -35.15 7.22 -24.17
N3 ACP L . -34.57 6.63 -23.12
C4 ACP L . -34.05 5.43 -23.48
MG MG M . -25.49 0.67 -17.15
#